data_8TIC
#
_entry.id   8TIC
#
_cell.length_a   89.142
_cell.length_b   92.394
_cell.length_c   203.432
_cell.angle_alpha   90.00
_cell.angle_beta   90.00
_cell.angle_gamma   90.00
#
_symmetry.space_group_name_H-M   'P 21 21 21'
#
loop_
_entity.id
_entity.type
_entity.pdbx_description
1 polymer 'N-acetyllactosaminide beta-1,3-N-acetylglucosaminyltransferase 2'
2 branched alpha-D-mannopyranose-(1-3)-[alpha-D-mannopyranose-(1-6)]beta-D-mannopyranose-(1-4)-2-acetamido-2-deoxy-beta-D-glucopyranose-(1-4)-2-acetamido-2-deoxy-beta-D-glucopyranose
3 non-polymer 2-acetamido-2-deoxy-beta-D-glucopyranose
4 non-polymer '3-(2-methylpropyl)-2-oxo-2,3-dihydro-1H-benzimidazole-5-carboxylic acid'
5 non-polymer GLYCEROL
6 non-polymer 'CHLORIDE ION'
7 water water
#
_entity_poly.entity_id   1
_entity_poly.type   'polypeptide(L)'
_entity_poly.pdbx_seq_one_letter_code
;MSVGRRRIKLLGILMMANVFIYFIMEVSKSSSQEKNGKGEVIIPKEKFWKISTPPEAYWNREQEKLNRQYNPILSMLTNQ
TGEAGRLSNISHLNYCEPDLRVTSVVTGFNNLPDRFKDFLLYLRCRNYSLLIDQPDKCAKKPFLLLAIKSLTPHFARRQA
IRESWGQESNAGNQTVVRVFLLGQTPPEDNHPDLSDMLKFESEKHQDILMWNYRDTFFNLSLKEVLFLRWVSTSCPDTEF
VFKGDDDVFVNTHHILNYLNSLSKTKAKDLFIGDVIHNAGPHRDKKLKYYIPEVVYSGLYPPYAGGGGFLYSGHLALRLY
HITDQVHLYPIDDVYTGMCLQKLGLVPEKHKGFRTFDIEEKNKNNICSYVDLMLVHSRKPQEMIDIWSQLQSAHLKC
;
_entity_poly.pdbx_strand_id   A,B,C,D
#
# COMPACT_ATOMS: atom_id res chain seq x y z
N LYS A 47 -35.81 -36.85 -59.47
CA LYS A 47 -34.48 -36.82 -58.89
C LYS A 47 -33.92 -35.41 -58.90
N PHE A 48 -32.99 -35.15 -57.99
CA PHE A 48 -32.42 -33.82 -57.79
C PHE A 48 -31.12 -33.75 -58.58
N TRP A 49 -31.23 -33.41 -59.87
CA TRP A 49 -30.06 -33.22 -60.72
C TRP A 49 -29.49 -31.82 -60.59
N LYS A 50 -30.31 -30.83 -60.20
CA LYS A 50 -29.87 -29.45 -60.06
C LYS A 50 -28.96 -29.29 -58.86
N ILE A 51 -29.57 -29.11 -57.68
CA ILE A 51 -28.85 -28.98 -56.42
C ILE A 51 -28.93 -30.31 -55.69
N SER A 52 -27.80 -30.74 -55.13
CA SER A 52 -27.71 -32.02 -54.44
C SER A 52 -28.80 -32.16 -53.38
N THR A 53 -29.19 -33.40 -53.11
CA THR A 53 -30.14 -33.66 -52.04
C THR A 53 -29.60 -33.13 -50.72
N PRO A 54 -30.45 -32.50 -49.90
CA PRO A 54 -29.99 -32.06 -48.57
C PRO A 54 -29.69 -33.27 -47.69
N PRO A 55 -28.46 -33.39 -47.20
CA PRO A 55 -28.09 -34.59 -46.45
C PRO A 55 -28.78 -34.64 -45.10
N GLU A 56 -29.01 -35.86 -44.62
CA GLU A 56 -29.48 -36.03 -43.25
C GLU A 56 -28.31 -35.79 -42.30
N ALA A 57 -28.49 -34.87 -41.37
CA ALA A 57 -27.40 -34.43 -40.53
C ALA A 57 -27.02 -35.51 -39.51
N TYR A 58 -25.73 -35.63 -39.24
CA TYR A 58 -25.25 -36.68 -38.35
C TYR A 58 -25.75 -36.46 -36.93
N TRP A 59 -25.91 -35.21 -36.49
CA TRP A 59 -26.36 -34.98 -35.12
C TRP A 59 -27.81 -35.39 -34.93
N ASN A 60 -28.71 -34.89 -35.80
CA ASN A 60 -30.12 -35.25 -35.67
C ASN A 60 -30.32 -36.76 -35.80
N ARG A 61 -29.60 -37.40 -36.72
CA ARG A 61 -29.73 -38.84 -36.90
C ARG A 61 -29.34 -39.58 -35.64
N GLU A 62 -28.21 -39.19 -35.04
CA GLU A 62 -27.74 -39.87 -33.83
C GLU A 62 -28.56 -39.50 -32.60
N GLN A 63 -29.19 -38.33 -32.58
CA GLN A 63 -29.96 -37.94 -31.40
C GLN A 63 -31.29 -38.70 -31.34
N GLU A 64 -31.94 -38.90 -32.49
CA GLU A 64 -33.13 -39.74 -32.52
C GLU A 64 -32.78 -41.19 -32.20
N LYS A 65 -31.65 -41.68 -32.72
CA LYS A 65 -31.14 -42.98 -32.29
C LYS A 65 -30.99 -43.03 -30.78
N LEU A 66 -30.53 -41.93 -30.18
CA LEU A 66 -30.32 -41.90 -28.73
C LEU A 66 -31.64 -41.88 -27.96
N ASN A 67 -32.69 -41.27 -28.52
CA ASN A 67 -33.97 -41.20 -27.84
C ASN A 67 -34.63 -42.56 -27.73
N ARG A 68 -34.47 -43.41 -28.76
CA ARG A 68 -35.00 -44.77 -28.68
C ARG A 68 -34.30 -45.55 -27.58
N GLN A 69 -32.97 -45.42 -27.48
CA GLN A 69 -32.22 -46.09 -26.43
C GLN A 69 -32.76 -45.78 -25.04
N TYR A 70 -33.40 -44.62 -24.88
CA TYR A 70 -33.93 -44.20 -23.59
C TYR A 70 -35.44 -44.37 -23.47
N ASN A 71 -36.14 -44.63 -24.56
CA ASN A 71 -37.58 -44.88 -24.52
C ASN A 71 -37.98 -45.92 -25.57
N ILE A 90 -24.13 -47.23 -23.15
CA ILE A 90 -23.18 -46.26 -22.66
C ILE A 90 -22.00 -46.18 -23.65
N SER A 91 -22.23 -46.66 -24.88
CA SER A 91 -21.25 -46.48 -25.96
C SER A 91 -21.22 -45.04 -26.47
N HIS A 92 -22.03 -44.16 -25.88
CA HIS A 92 -22.03 -42.74 -26.23
C HIS A 92 -21.51 -41.86 -25.10
N LEU A 93 -20.85 -42.44 -24.10
CA LEU A 93 -20.47 -41.63 -22.94
C LEU A 93 -19.02 -41.89 -22.51
N ASN A 94 -18.55 -43.13 -22.65
CA ASN A 94 -17.17 -43.42 -22.25
C ASN A 94 -16.38 -44.09 -23.36
N TYR A 95 -16.85 -44.00 -24.61
CA TYR A 95 -16.11 -44.54 -25.75
C TYR A 95 -15.16 -43.44 -26.22
N CYS A 96 -13.88 -43.58 -25.86
CA CYS A 96 -12.92 -42.50 -26.05
C CYS A 96 -11.83 -42.81 -27.08
N GLU A 97 -11.88 -43.96 -27.73
CA GLU A 97 -11.06 -44.12 -28.91
C GLU A 97 -11.80 -43.54 -30.11
N PRO A 98 -11.08 -43.11 -31.15
CA PRO A 98 -11.74 -42.43 -32.28
C PRO A 98 -12.85 -43.27 -32.90
N ASP A 99 -13.99 -42.63 -33.14
CA ASP A 99 -15.12 -43.27 -33.82
C ASP A 99 -14.93 -43.05 -35.31
N LEU A 100 -14.13 -43.93 -35.93
CA LEU A 100 -13.72 -43.75 -37.32
C LEU A 100 -14.88 -43.93 -38.31
N ARG A 101 -16.06 -44.32 -37.85
CA ARG A 101 -17.18 -44.52 -38.78
C ARG A 101 -17.57 -43.23 -39.47
N VAL A 102 -17.39 -42.09 -38.81
CA VAL A 102 -17.92 -40.84 -39.36
C VAL A 102 -17.22 -40.47 -40.66
N THR A 103 -15.99 -40.95 -40.86
CA THR A 103 -15.25 -40.61 -42.08
C THR A 103 -15.94 -41.16 -43.32
N SER A 104 -16.81 -42.14 -43.17
CA SER A 104 -17.61 -42.64 -44.28
C SER A 104 -19.05 -42.17 -44.22
N VAL A 105 -19.62 -42.12 -43.02
CA VAL A 105 -21.04 -41.79 -42.90
C VAL A 105 -21.28 -40.32 -43.23
N VAL A 106 -20.40 -39.44 -42.79
CA VAL A 106 -20.60 -38.00 -42.94
C VAL A 106 -20.06 -37.58 -44.30
N THR A 107 -20.94 -37.05 -45.14
CA THR A 107 -20.54 -36.64 -46.48
C THR A 107 -19.56 -35.47 -46.41
N GLY A 108 -18.53 -35.53 -47.24
CA GLY A 108 -17.57 -34.44 -47.32
C GLY A 108 -16.74 -34.28 -46.06
N PHE A 109 -16.38 -35.41 -45.43
CA PHE A 109 -15.77 -35.34 -44.10
C PHE A 109 -14.39 -34.71 -44.14
N ASN A 110 -13.60 -35.03 -45.17
CA ASN A 110 -12.19 -34.68 -45.16
C ASN A 110 -11.94 -33.22 -45.53
N ASN A 111 -12.96 -32.46 -45.90
CA ASN A 111 -12.79 -31.04 -46.14
C ASN A 111 -13.28 -30.18 -44.99
N LEU A 112 -14.06 -30.76 -44.07
CA LEU A 112 -14.53 -30.10 -42.86
C LEU A 112 -13.34 -29.51 -42.12
N PRO A 113 -13.49 -28.34 -41.50
CA PRO A 113 -12.40 -27.81 -40.68
C PRO A 113 -12.00 -28.82 -39.61
N ASP A 114 -10.80 -28.62 -39.06
CA ASP A 114 -10.26 -29.59 -38.12
C ASP A 114 -11.10 -29.69 -36.85
N ARG A 115 -11.69 -28.59 -36.40
CA ARG A 115 -12.55 -28.64 -35.22
C ARG A 115 -13.73 -29.58 -35.42
N PHE A 116 -14.30 -29.60 -36.63
CA PHE A 116 -15.44 -30.48 -36.90
C PHE A 116 -15.00 -31.94 -36.94
N LYS A 117 -13.82 -32.21 -37.49
CA LYS A 117 -13.31 -33.57 -37.50
C LYS A 117 -13.14 -34.08 -36.08
N ASP A 118 -12.50 -33.29 -35.22
CA ASP A 118 -12.27 -33.71 -33.84
C ASP A 118 -13.58 -33.88 -33.08
N PHE A 119 -14.55 -32.99 -33.33
CA PHE A 119 -15.81 -33.07 -32.59
C PHE A 119 -16.56 -34.35 -32.92
N LEU A 120 -16.71 -34.65 -34.22
CA LEU A 120 -17.39 -35.87 -34.63
C LEU A 120 -16.65 -37.12 -34.17
N LEU A 121 -15.31 -37.08 -34.22
CA LEU A 121 -14.52 -38.27 -33.91
C LEU A 121 -14.60 -38.63 -32.42
N TYR A 122 -14.73 -37.63 -31.55
CA TYR A 122 -14.66 -37.85 -30.11
C TYR A 122 -15.94 -37.42 -29.42
N LEU A 123 -17.05 -37.45 -30.14
CA LEU A 123 -18.33 -36.96 -29.62
C LEU A 123 -18.91 -37.87 -28.55
N ARG A 124 -18.52 -39.15 -28.52
CA ARG A 124 -19.12 -40.13 -27.63
C ARG A 124 -18.29 -40.37 -26.38
N CYS A 125 -17.35 -39.48 -26.08
CA CYS A 125 -16.51 -39.56 -24.90
C CYS A 125 -16.76 -38.33 -24.04
N ARG A 126 -17.08 -38.55 -22.75
CA ARG A 126 -17.22 -37.43 -21.84
C ARG A 126 -16.87 -37.80 -20.40
N ASN A 127 -16.12 -38.87 -20.18
CA ASN A 127 -15.67 -39.22 -18.83
C ASN A 127 -14.22 -38.75 -18.64
N TYR A 128 -14.07 -37.44 -18.59
CA TYR A 128 -12.76 -36.85 -18.39
C TYR A 128 -12.53 -36.57 -16.91
N SER A 129 -11.27 -36.69 -16.49
CA SER A 129 -10.94 -36.63 -15.08
C SER A 129 -10.78 -35.18 -14.63
N LEU A 130 -11.07 -34.94 -13.35
CA LEU A 130 -10.81 -33.65 -12.73
C LEU A 130 -9.37 -33.61 -12.24
N LEU A 131 -8.56 -32.73 -12.83
CA LEU A 131 -7.15 -32.63 -12.46
C LEU A 131 -6.93 -31.67 -11.30
N ILE A 132 -7.62 -30.55 -11.27
CA ILE A 132 -7.56 -29.60 -10.16
C ILE A 132 -8.97 -29.46 -9.59
N ASP A 133 -9.11 -29.73 -8.30
CA ASP A 133 -10.40 -29.74 -7.65
C ASP A 133 -10.38 -28.83 -6.44
N GLN A 134 -11.55 -28.32 -6.07
CA GLN A 134 -11.75 -27.56 -4.84
C GLN A 134 -12.83 -28.26 -4.03
N PRO A 135 -12.48 -29.34 -3.33
CA PRO A 135 -13.52 -30.20 -2.72
C PRO A 135 -14.32 -29.50 -1.62
N ASP A 136 -13.66 -28.68 -0.80
CA ASP A 136 -14.33 -27.98 0.29
C ASP A 136 -14.96 -26.67 -0.14
N LYS A 137 -15.09 -26.44 -1.46
CA LYS A 137 -15.65 -25.18 -1.94
C LYS A 137 -17.06 -24.94 -1.40
N CYS A 138 -17.82 -26.00 -1.19
CA CYS A 138 -19.19 -25.90 -0.70
C CYS A 138 -19.35 -26.56 0.66
N ALA A 139 -18.31 -26.46 1.50
CA ALA A 139 -18.43 -26.96 2.86
C ALA A 139 -19.48 -26.19 3.65
N LYS A 140 -19.85 -24.99 3.19
CA LYS A 140 -20.98 -24.23 3.69
C LYS A 140 -21.98 -24.08 2.55
N LYS A 141 -23.26 -24.32 2.85
CA LYS A 141 -24.29 -24.35 1.81
C LYS A 141 -24.31 -23.03 1.06
N PRO A 142 -23.95 -23.03 -0.22
CA PRO A 142 -23.96 -21.79 -0.98
C PRO A 142 -25.38 -21.37 -1.32
N PHE A 143 -25.67 -20.09 -1.10
CA PHE A 143 -26.88 -19.52 -1.70
C PHE A 143 -26.69 -19.29 -3.19
N LEU A 144 -25.46 -18.94 -3.60
CA LEU A 144 -25.14 -18.62 -4.99
C LEU A 144 -23.75 -19.14 -5.31
N LEU A 145 -23.64 -19.90 -6.40
CA LEU A 145 -22.36 -20.41 -6.88
C LEU A 145 -22.04 -19.74 -8.22
N LEU A 146 -20.91 -19.04 -8.27
CA LEU A 146 -20.44 -18.37 -9.47
C LEU A 146 -19.46 -19.29 -10.19
N ALA A 147 -19.85 -19.76 -11.38
CA ALA A 147 -19.02 -20.62 -12.21
C ALA A 147 -18.65 -19.83 -13.46
N ILE A 148 -17.39 -19.45 -13.58
CA ILE A 148 -16.92 -18.58 -14.65
C ILE A 148 -16.12 -19.43 -15.61
N LYS A 149 -16.54 -19.46 -16.87
CA LYS A 149 -15.75 -20.09 -17.91
C LYS A 149 -14.50 -19.24 -18.16
N SER A 150 -13.34 -19.88 -18.12
CA SER A 150 -12.07 -19.21 -18.35
C SER A 150 -11.11 -20.13 -19.10
N LEU A 151 -10.05 -19.53 -19.64
CA LEU A 151 -8.95 -20.23 -20.27
C LEU A 151 -7.68 -20.02 -19.44
N THR A 152 -6.72 -20.93 -19.63
CA THR A 152 -5.49 -20.91 -18.82
C THR A 152 -4.77 -19.56 -18.80
N PRO A 153 -4.53 -18.88 -19.93
CA PRO A 153 -3.75 -17.64 -19.89
C PRO A 153 -4.51 -16.43 -19.37
N HIS A 154 -5.76 -16.55 -18.98
CA HIS A 154 -6.54 -15.38 -18.59
C HIS A 154 -6.37 -15.06 -17.10
N PHE A 155 -5.11 -14.95 -16.66
CA PHE A 155 -4.87 -14.65 -15.24
C PHE A 155 -5.43 -13.29 -14.86
N ALA A 156 -5.31 -12.30 -15.74
CA ALA A 156 -5.85 -10.97 -15.45
C ALA A 156 -7.36 -11.00 -15.34
N ARG A 157 -8.03 -11.65 -16.28
CA ARG A 157 -9.49 -11.67 -16.27
C ARG A 157 -10.01 -12.29 -14.97
N ARG A 158 -9.41 -13.41 -14.56
CA ARG A 158 -9.89 -14.10 -13.37
C ARG A 158 -9.66 -13.26 -12.12
N GLN A 159 -8.53 -12.55 -12.06
CA GLN A 159 -8.20 -11.80 -10.85
C GLN A 159 -9.09 -10.58 -10.71
N ALA A 160 -9.39 -9.90 -11.81
CA ALA A 160 -10.33 -8.79 -11.77
C ALA A 160 -11.67 -9.23 -11.20
N ILE A 161 -12.10 -10.44 -11.55
CA ILE A 161 -13.37 -10.96 -11.06
C ILE A 161 -13.30 -11.23 -9.56
N ARG A 162 -12.21 -11.86 -9.10
CA ARG A 162 -12.02 -12.06 -7.66
C ARG A 162 -12.10 -10.74 -6.90
N GLU A 163 -11.66 -9.64 -7.51
CA GLU A 163 -11.64 -8.36 -6.84
C GLU A 163 -12.93 -7.57 -7.01
N SER A 164 -13.71 -7.88 -8.04
CA SER A 164 -14.97 -7.16 -8.25
C SER A 164 -16.17 -8.00 -7.88
N TRP A 165 -17.01 -8.30 -8.87
CA TRP A 165 -18.29 -8.94 -8.59
C TRP A 165 -18.17 -10.42 -8.24
N GLY A 166 -17.02 -11.03 -8.48
CA GLY A 166 -16.83 -12.44 -8.15
C GLY A 166 -16.35 -12.69 -6.75
N GLN A 167 -16.40 -11.69 -5.87
CA GLN A 167 -15.96 -11.86 -4.49
C GLN A 167 -16.81 -12.92 -3.79
N GLU A 168 -16.14 -13.84 -3.11
CA GLU A 168 -16.84 -14.73 -2.21
C GLU A 168 -17.29 -13.94 -0.98
N SER A 169 -18.53 -14.19 -0.53
CA SER A 169 -19.11 -13.42 0.56
C SER A 169 -19.85 -14.36 1.50
N ASN A 170 -20.21 -13.84 2.67
CA ASN A 170 -20.95 -14.59 3.68
C ASN A 170 -21.85 -13.67 4.51
N GLY A 172 -25.39 -12.92 5.51
CA GLY A 172 -25.00 -13.88 6.53
C GLY A 172 -25.31 -15.31 6.13
N ASN A 173 -26.60 -15.65 6.16
CA ASN A 173 -27.04 -16.95 5.66
C ASN A 173 -26.82 -17.10 4.16
N GLN A 174 -26.43 -16.02 3.47
CA GLN A 174 -26.23 -16.02 2.03
C GLN A 174 -24.74 -16.12 1.74
N THR A 175 -24.27 -17.36 1.57
CA THR A 175 -22.88 -17.61 1.21
C THR A 175 -22.76 -17.66 -0.31
N VAL A 176 -21.82 -16.87 -0.84
CA VAL A 176 -21.52 -16.84 -2.27
C VAL A 176 -20.12 -17.39 -2.47
N VAL A 177 -19.98 -18.38 -3.35
CA VAL A 177 -18.69 -18.99 -3.64
C VAL A 177 -18.46 -18.94 -5.14
N ARG A 178 -17.20 -19.12 -5.53
CA ARG A 178 -16.79 -18.89 -6.90
C ARG A 178 -15.82 -19.97 -7.35
N VAL A 179 -15.99 -20.43 -8.59
CA VAL A 179 -15.07 -21.36 -9.22
C VAL A 179 -14.85 -20.90 -10.65
N PHE A 180 -13.66 -21.19 -11.18
CA PHE A 180 -13.36 -20.97 -12.59
C PHE A 180 -13.23 -22.30 -13.29
N LEU A 181 -13.86 -22.42 -14.47
CA LEU A 181 -13.95 -23.68 -15.19
C LEU A 181 -12.92 -23.72 -16.32
N LEU A 182 -11.93 -24.60 -16.19
CA LEU A 182 -10.84 -24.68 -17.17
C LEU A 182 -10.71 -26.10 -17.70
N GLY A 183 -10.32 -26.19 -18.96
CA GLY A 183 -9.78 -27.41 -19.55
C GLY A 183 -8.27 -27.36 -19.61
N GLN A 184 -7.72 -27.86 -20.71
CA GLN A 184 -6.28 -27.77 -20.94
C GLN A 184 -6.02 -26.99 -22.22
N THR A 185 -4.96 -26.19 -22.19
CA THR A 185 -4.40 -25.57 -23.39
C THR A 185 -3.04 -26.22 -23.64
N PRO A 186 -3.03 -27.37 -24.33
CA PRO A 186 -1.87 -28.27 -24.26
C PRO A 186 -0.79 -27.88 -25.27
N PRO A 187 0.44 -28.39 -25.09
CA PRO A 187 1.52 -28.01 -26.01
C PRO A 187 1.30 -28.48 -27.43
N GLU A 188 0.53 -29.55 -27.64
CA GLU A 188 0.26 -30.03 -28.98
C GLU A 188 -0.48 -29.00 -29.82
N ASP A 189 -1.09 -28.00 -29.19
CA ASP A 189 -1.77 -26.94 -29.90
C ASP A 189 -0.98 -25.63 -29.90
N ASN A 190 0.33 -25.72 -29.66
CA ASN A 190 1.24 -24.57 -29.71
C ASN A 190 0.90 -23.53 -28.65
N HIS A 191 0.39 -23.98 -27.49
CA HIS A 191 0.12 -23.11 -26.36
C HIS A 191 1.36 -22.97 -25.49
N PRO A 192 1.58 -21.80 -24.89
CA PRO A 192 2.67 -21.67 -23.94
C PRO A 192 2.40 -22.47 -22.68
N ASP A 193 3.45 -23.08 -22.13
CA ASP A 193 3.31 -23.86 -20.91
C ASP A 193 3.10 -22.90 -19.74
N LEU A 194 1.85 -22.79 -19.29
CA LEU A 194 1.49 -21.97 -18.14
C LEU A 194 0.92 -22.81 -17.02
N SER A 195 1.26 -24.10 -17.00
CA SER A 195 0.61 -25.04 -16.07
C SER A 195 1.07 -24.80 -14.64
N ASP A 196 2.38 -24.70 -14.42
CA ASP A 196 2.89 -24.46 -13.07
C ASP A 196 2.33 -23.18 -12.49
N MET A 197 2.11 -22.17 -13.34
CA MET A 197 1.48 -20.93 -12.87
C MET A 197 0.03 -21.18 -12.47
N LEU A 198 -0.68 -22.02 -13.24
CA LEU A 198 -2.07 -22.31 -12.91
C LEU A 198 -2.17 -23.02 -11.57
N LYS A 199 -1.25 -23.93 -11.28
CA LYS A 199 -1.25 -24.57 -9.97
C LYS A 199 -1.10 -23.53 -8.87
N PHE A 200 -0.04 -22.72 -8.93
CA PHE A 200 0.18 -21.67 -7.95
C PHE A 200 -1.06 -20.81 -7.78
N GLU A 201 -1.69 -20.42 -8.88
CA GLU A 201 -2.96 -19.70 -8.80
C GLU A 201 -4.00 -20.53 -8.07
N SER A 202 -4.04 -21.83 -8.33
CA SER A 202 -5.04 -22.68 -7.71
C SER A 202 -4.79 -22.85 -6.20
N GLU A 203 -3.54 -23.06 -5.80
CA GLU A 203 -3.24 -23.17 -4.38
C GLU A 203 -3.51 -21.85 -3.64
N LYS A 204 -3.36 -20.72 -4.33
CA LYS A 204 -3.47 -19.43 -3.67
C LYS A 204 -4.91 -19.01 -3.48
N HIS A 205 -5.72 -19.11 -4.54
CA HIS A 205 -7.10 -18.63 -4.51
C HIS A 205 -8.14 -19.72 -4.32
N GLN A 206 -7.79 -20.98 -4.59
CA GLN A 206 -8.64 -22.13 -4.29
C GLN A 206 -10.00 -22.07 -4.99
N ASP A 207 -9.99 -21.57 -6.24
CA ASP A 207 -11.21 -21.52 -7.05
C ASP A 207 -10.99 -22.03 -8.47
N ILE A 208 -9.98 -22.86 -8.69
CA ILE A 208 -9.69 -23.41 -10.01
C ILE A 208 -10.23 -24.83 -10.09
N LEU A 209 -11.10 -25.09 -11.06
CA LEU A 209 -11.49 -26.43 -11.47
C LEU A 209 -10.92 -26.67 -12.86
N MET A 210 -10.26 -27.82 -13.04
CA MET A 210 -9.58 -28.10 -14.31
C MET A 210 -9.71 -29.58 -14.62
N TRP A 211 -10.24 -29.90 -15.81
CA TRP A 211 -10.35 -31.26 -16.30
C TRP A 211 -9.34 -31.49 -17.42
N ASN A 212 -9.09 -32.76 -17.73
CA ASN A 212 -8.09 -33.09 -18.76
C ASN A 212 -8.73 -33.34 -20.12
N TYR A 213 -9.44 -32.32 -20.60
CA TYR A 213 -9.87 -32.28 -21.99
C TYR A 213 -9.32 -31.03 -22.67
N ARG A 214 -9.28 -31.09 -24.00
CA ARG A 214 -8.75 -29.98 -24.78
C ARG A 214 -9.74 -28.84 -24.72
N ASP A 215 -9.39 -27.79 -23.99
CA ASP A 215 -10.28 -26.65 -23.87
C ASP A 215 -10.33 -25.88 -25.19
N THR A 216 -11.23 -26.27 -26.07
CA THR A 216 -11.43 -25.57 -27.33
C THR A 216 -12.87 -25.10 -27.43
N PHE A 217 -13.12 -24.25 -28.43
CA PHE A 217 -14.43 -23.63 -28.59
C PHE A 217 -15.53 -24.69 -28.74
N PHE A 218 -15.27 -25.74 -29.51
CA PHE A 218 -16.29 -26.76 -29.76
C PHE A 218 -16.42 -27.76 -28.61
N ASN A 219 -15.52 -27.71 -27.64
CA ASN A 219 -15.58 -28.57 -26.48
C ASN A 219 -16.27 -27.91 -25.29
N LEU A 220 -16.96 -26.78 -25.53
CA LEU A 220 -17.56 -26.05 -24.41
C LEU A 220 -18.77 -26.77 -23.83
N SER A 221 -19.48 -27.57 -24.65
CA SER A 221 -20.50 -28.45 -24.09
C SER A 221 -19.90 -29.39 -23.06
N LEU A 222 -18.71 -29.91 -23.35
CA LEU A 222 -18.00 -30.73 -22.37
C LEU A 222 -17.76 -29.96 -21.10
N LYS A 223 -17.36 -28.69 -21.21
CA LYS A 223 -17.17 -27.84 -20.05
C LYS A 223 -18.45 -27.74 -19.24
N GLU A 224 -19.60 -27.62 -19.92
CA GLU A 224 -20.89 -27.61 -19.26
C GLU A 224 -21.13 -28.91 -18.51
N VAL A 225 -21.08 -30.05 -19.21
CA VAL A 225 -21.44 -31.33 -18.60
C VAL A 225 -20.53 -31.63 -17.42
N LEU A 226 -19.22 -31.45 -17.58
CA LEU A 226 -18.29 -31.75 -16.50
C LEU A 226 -18.46 -30.81 -15.31
N PHE A 227 -18.87 -29.56 -15.56
CA PHE A 227 -19.19 -28.67 -14.45
C PHE A 227 -20.46 -29.14 -13.74
N LEU A 228 -21.51 -29.41 -14.52
CA LEU A 228 -22.74 -29.94 -13.93
C LEU A 228 -22.46 -31.21 -13.14
N ARG A 229 -21.61 -32.09 -13.68
CA ARG A 229 -21.23 -33.28 -12.93
C ARG A 229 -20.52 -32.91 -11.64
N TRP A 230 -19.66 -31.87 -11.68
CA TRP A 230 -19.00 -31.42 -10.46
C TRP A 230 -20.01 -30.88 -9.46
N VAL A 231 -21.03 -30.15 -9.95
CA VAL A 231 -22.10 -29.67 -9.09
C VAL A 231 -22.77 -30.84 -8.37
N SER A 232 -23.17 -31.87 -9.15
CA SER A 232 -23.88 -32.99 -8.57
C SER A 232 -23.04 -33.73 -7.53
N THR A 233 -21.74 -33.85 -7.77
CA THR A 233 -20.86 -34.64 -6.92
C THR A 233 -20.16 -33.84 -5.83
N SER A 234 -20.21 -32.51 -5.86
CA SER A 234 -19.43 -31.71 -4.93
C SER A 234 -20.13 -30.44 -4.45
N CYS A 235 -21.20 -30.00 -5.09
CA CYS A 235 -21.93 -28.84 -4.61
C CYS A 235 -23.43 -28.97 -4.88
N PRO A 236 -24.07 -30.09 -4.52
CA PRO A 236 -25.49 -30.26 -4.85
C PRO A 236 -26.42 -29.46 -3.96
N ASP A 237 -25.93 -28.93 -2.85
CA ASP A 237 -26.76 -28.19 -1.90
C ASP A 237 -26.88 -26.72 -2.26
N THR A 238 -26.18 -26.24 -3.27
CA THR A 238 -26.23 -24.82 -3.58
C THR A 238 -27.64 -24.43 -4.01
N GLU A 239 -28.11 -23.31 -3.46
CA GLU A 239 -29.46 -22.85 -3.77
C GLU A 239 -29.56 -22.36 -5.21
N PHE A 240 -28.53 -21.67 -5.71
CA PHE A 240 -28.58 -21.09 -7.04
C PHE A 240 -27.21 -21.21 -7.70
N VAL A 241 -27.20 -21.02 -9.02
CA VAL A 241 -25.99 -21.16 -9.83
C VAL A 241 -26.00 -20.10 -10.92
N PHE A 242 -24.94 -19.31 -11.01
CA PHE A 242 -24.68 -18.48 -12.16
C PHE A 242 -23.51 -19.08 -12.93
N LYS A 243 -23.62 -19.12 -14.25
CA LYS A 243 -22.52 -19.56 -15.09
C LYS A 243 -22.37 -18.61 -16.26
N GLY A 244 -21.12 -18.26 -16.57
CA GLY A 244 -20.90 -17.33 -17.66
C GLY A 244 -19.43 -17.19 -18.01
N ASP A 245 -19.18 -16.24 -18.89
CA ASP A 245 -17.86 -15.97 -19.45
C ASP A 245 -17.04 -15.12 -18.47
N ASP A 246 -15.73 -15.06 -18.72
CA ASP A 246 -14.84 -14.27 -17.87
C ASP A 246 -14.64 -12.84 -18.39
N ASP A 247 -15.23 -12.49 -19.52
CA ASP A 247 -15.15 -11.13 -20.03
C ASP A 247 -16.47 -10.37 -19.88
N VAL A 248 -17.35 -10.84 -18.99
CA VAL A 248 -18.61 -10.16 -18.72
C VAL A 248 -18.54 -9.51 -17.35
N PHE A 249 -19.24 -8.40 -17.21
CA PHE A 249 -19.45 -7.77 -15.92
C PHE A 249 -20.81 -8.19 -15.38
N VAL A 250 -20.89 -8.46 -14.09
CA VAL A 250 -22.10 -8.94 -13.45
C VAL A 250 -22.40 -8.07 -12.25
N ASN A 251 -23.66 -7.68 -12.10
CA ASN A 251 -24.12 -6.94 -10.91
C ASN A 251 -24.60 -7.98 -9.89
N THR A 252 -23.62 -8.59 -9.20
CA THR A 252 -23.94 -9.60 -8.21
C THR A 252 -24.86 -9.06 -7.12
N HIS A 253 -24.82 -7.76 -6.85
CA HIS A 253 -25.78 -7.16 -5.94
C HIS A 253 -27.20 -7.35 -6.45
N HIS A 254 -27.44 -6.90 -7.68
CA HIS A 254 -28.76 -7.03 -8.29
C HIS A 254 -29.20 -8.49 -8.36
N ILE A 255 -28.27 -9.39 -8.70
CA ILE A 255 -28.60 -10.82 -8.78
C ILE A 255 -29.12 -11.31 -7.44
N LEU A 256 -28.33 -11.11 -6.37
CA LEU A 256 -28.74 -11.58 -5.05
C LEU A 256 -30.07 -10.96 -4.64
N ASN A 257 -30.34 -9.73 -5.08
CA ASN A 257 -31.64 -9.14 -4.82
C ASN A 257 -32.74 -9.87 -5.58
N TYR A 258 -32.54 -10.05 -6.88
CA TYR A 258 -33.53 -10.79 -7.67
C TYR A 258 -33.77 -12.18 -7.10
N LEU A 259 -32.70 -12.85 -6.67
CA LEU A 259 -32.84 -14.19 -6.11
C LEU A 259 -33.66 -14.17 -4.83
N ASN A 260 -33.40 -13.21 -3.95
CA ASN A 260 -34.10 -13.16 -2.67
C ASN A 260 -35.54 -12.69 -2.80
N SER A 261 -35.94 -12.23 -3.98
CA SER A 261 -37.32 -11.82 -4.25
C SER A 261 -38.14 -12.93 -4.88
N LEU A 262 -37.58 -14.13 -4.99
CA LEU A 262 -38.17 -15.21 -5.75
C LEU A 262 -39.15 -16.00 -4.89
N SER A 263 -40.36 -16.16 -5.40
CA SER A 263 -41.27 -17.15 -4.84
C SER A 263 -40.62 -18.53 -4.89
N LYS A 264 -40.89 -19.33 -3.87
CA LYS A 264 -40.34 -20.69 -3.86
C LYS A 264 -40.81 -21.48 -5.08
N THR A 265 -41.98 -21.11 -5.63
CA THR A 265 -42.43 -21.70 -6.88
C THR A 265 -41.49 -21.36 -8.02
N LYS A 266 -41.32 -20.06 -8.32
CA LYS A 266 -40.48 -19.66 -9.44
C LYS A 266 -39.02 -19.98 -9.22
N ALA A 267 -38.60 -20.19 -7.97
CA ALA A 267 -37.20 -20.49 -7.68
C ALA A 267 -36.82 -21.91 -8.04
N LYS A 268 -37.76 -22.84 -7.95
CA LYS A 268 -37.44 -24.26 -8.12
C LYS A 268 -36.98 -24.56 -9.54
N ASP A 269 -37.65 -23.99 -10.54
CA ASP A 269 -37.31 -24.22 -11.94
C ASP A 269 -36.73 -22.97 -12.59
N LEU A 270 -36.00 -22.18 -11.82
CA LEU A 270 -35.50 -20.90 -12.31
C LEU A 270 -34.43 -21.12 -13.37
N PHE A 271 -34.61 -20.46 -14.51
CA PHE A 271 -33.56 -20.39 -15.53
C PHE A 271 -33.84 -19.15 -16.37
N ILE A 272 -32.95 -18.16 -16.29
CA ILE A 272 -33.15 -16.88 -16.97
C ILE A 272 -31.86 -16.43 -17.64
N GLY A 273 -32.01 -15.63 -18.70
CA GLY A 273 -30.88 -15.13 -19.45
C GLY A 273 -31.37 -14.38 -20.68
N ASP A 274 -30.45 -14.18 -21.62
CA ASP A 274 -30.80 -13.54 -22.89
C ASP A 274 -31.22 -14.63 -23.88
N VAL A 275 -32.48 -15.03 -23.78
CA VAL A 275 -33.01 -16.17 -24.54
C VAL A 275 -33.28 -15.74 -25.98
N ILE A 276 -32.76 -16.50 -26.93
CA ILE A 276 -33.00 -16.25 -28.35
C ILE A 276 -33.89 -17.37 -28.88
N HIS A 277 -34.93 -16.99 -29.61
CA HIS A 277 -35.91 -17.93 -30.10
C HIS A 277 -35.82 -18.05 -31.62
N ASN A 278 -36.25 -19.21 -32.12
CA ASN A 278 -36.31 -19.50 -33.55
C ASN A 278 -35.02 -19.09 -34.26
N ALA A 279 -33.91 -19.57 -33.73
CA ALA A 279 -32.61 -19.36 -34.32
C ALA A 279 -32.19 -20.58 -35.14
N GLY A 280 -31.20 -20.39 -36.00
CA GLY A 280 -30.72 -21.43 -36.87
C GLY A 280 -29.21 -21.46 -36.98
N PRO A 281 -28.66 -22.62 -37.35
CA PRO A 281 -27.22 -22.73 -37.51
C PRO A 281 -26.74 -21.89 -38.68
N HIS A 282 -25.68 -21.13 -38.46
CA HIS A 282 -25.08 -20.34 -39.53
C HIS A 282 -24.44 -21.28 -40.55
N ARG A 283 -24.79 -21.09 -41.82
CA ARG A 283 -24.25 -21.90 -42.90
C ARG A 283 -23.13 -21.19 -43.66
N ASP A 284 -22.82 -19.95 -43.30
CA ASP A 284 -21.69 -19.24 -43.91
C ASP A 284 -20.39 -19.87 -43.41
N LYS A 285 -19.66 -20.52 -44.33
CA LYS A 285 -18.51 -21.33 -43.93
C LYS A 285 -17.43 -20.54 -43.19
N LYS A 286 -17.37 -19.22 -43.37
CA LYS A 286 -16.29 -18.41 -42.82
C LYS A 286 -16.65 -17.75 -41.49
N LEU A 287 -17.72 -18.20 -40.83
CA LEU A 287 -18.18 -17.62 -39.58
C LEU A 287 -17.86 -18.54 -38.40
N LYS A 288 -17.74 -17.93 -37.22
CA LYS A 288 -17.36 -18.67 -36.03
C LYS A 288 -18.41 -19.71 -35.66
N TYR A 289 -19.67 -19.31 -35.60
CA TYR A 289 -20.76 -20.21 -35.24
C TYR A 289 -21.31 -20.97 -36.45
N TYR A 290 -20.44 -21.31 -37.40
CA TYR A 290 -20.85 -21.98 -38.64
C TYR A 290 -21.07 -23.46 -38.38
N ILE A 291 -22.26 -23.95 -38.71
CA ILE A 291 -22.59 -25.36 -38.66
C ILE A 291 -23.15 -25.75 -40.03
N PRO A 292 -22.53 -26.68 -40.75
CA PRO A 292 -23.08 -27.09 -42.05
C PRO A 292 -24.24 -28.07 -41.87
N GLU A 293 -25.06 -28.15 -42.92
CA GLU A 293 -26.25 -29.00 -42.87
C GLU A 293 -25.88 -30.48 -42.73
N VAL A 294 -24.63 -30.84 -43.01
CA VAL A 294 -24.20 -32.22 -42.81
C VAL A 294 -24.15 -32.54 -41.32
N VAL A 295 -23.92 -31.54 -40.47
CA VAL A 295 -23.81 -31.77 -39.04
C VAL A 295 -25.16 -31.62 -38.35
N TYR A 296 -25.85 -30.51 -38.55
CA TYR A 296 -27.12 -30.26 -37.90
C TYR A 296 -28.09 -29.64 -38.90
N SER A 297 -29.33 -30.13 -38.87
CA SER A 297 -30.39 -29.64 -39.73
C SER A 297 -31.55 -29.17 -38.88
N GLY A 298 -32.21 -28.11 -39.32
CA GLY A 298 -33.35 -27.56 -38.62
C GLY A 298 -33.01 -26.29 -37.89
N LEU A 299 -33.84 -26.01 -36.88
CA LEU A 299 -33.71 -24.81 -36.07
C LEU A 299 -33.34 -25.19 -34.63
N TYR A 300 -32.61 -24.28 -33.98
CA TYR A 300 -32.24 -24.49 -32.59
C TYR A 300 -33.45 -24.31 -31.69
N PRO A 301 -33.48 -24.98 -30.55
CA PRO A 301 -34.50 -24.69 -29.53
C PRO A 301 -34.24 -23.34 -28.89
N PRO A 302 -35.15 -22.84 -28.05
CA PRO A 302 -34.84 -21.62 -27.30
C PRO A 302 -33.65 -21.85 -26.38
N TYR A 303 -32.69 -20.93 -26.43
CA TYR A 303 -31.51 -21.05 -25.60
C TYR A 303 -31.06 -19.68 -25.12
N ALA A 304 -30.60 -19.63 -23.87
CA ALA A 304 -30.01 -18.42 -23.31
C ALA A 304 -28.54 -18.37 -23.72
N GLY A 305 -28.22 -17.46 -24.62
CA GLY A 305 -26.86 -17.23 -25.05
C GLY A 305 -26.22 -16.06 -24.33
N GLY A 306 -25.13 -15.58 -24.91
CA GLY A 306 -24.35 -14.53 -24.31
C GLY A 306 -23.37 -15.06 -23.26
N GLY A 307 -22.96 -14.14 -22.40
CA GLY A 307 -21.93 -14.44 -21.43
C GLY A 307 -22.43 -14.91 -20.09
N GLY A 308 -23.68 -15.35 -20.01
CA GLY A 308 -24.18 -15.84 -18.73
C GLY A 308 -25.67 -16.10 -18.65
N PHE A 309 -26.05 -17.03 -17.78
CA PHE A 309 -27.43 -17.23 -17.40
C PHE A 309 -27.46 -17.63 -15.93
N LEU A 310 -28.67 -17.72 -15.38
CA LEU A 310 -28.88 -17.87 -13.95
C LEU A 310 -29.94 -18.94 -13.71
N TYR A 311 -29.64 -19.90 -12.84
CA TYR A 311 -30.59 -20.99 -12.62
C TYR A 311 -30.44 -21.55 -11.22
N SER A 312 -31.41 -22.37 -10.83
CA SER A 312 -31.43 -22.95 -9.50
C SER A 312 -30.56 -24.20 -9.45
N GLY A 313 -30.01 -24.47 -8.26
CA GLY A 313 -29.30 -25.71 -8.06
C GLY A 313 -30.19 -26.93 -8.26
N HIS A 314 -31.47 -26.80 -7.94
CA HIS A 314 -32.42 -27.88 -8.20
C HIS A 314 -32.47 -28.23 -9.68
N LEU A 315 -32.64 -27.22 -10.54
CA LEU A 315 -32.64 -27.44 -11.98
C LEU A 315 -31.26 -27.91 -12.46
N ALA A 316 -30.20 -27.52 -11.75
CA ALA A 316 -28.86 -27.96 -12.14
C ALA A 316 -28.74 -29.47 -12.06
N LEU A 317 -29.29 -30.07 -10.99
CA LEU A 317 -29.26 -31.52 -10.85
C LEU A 317 -30.11 -32.19 -11.93
N ARG A 318 -31.25 -31.60 -12.26
CA ARG A 318 -32.04 -32.12 -13.36
C ARG A 318 -31.29 -31.95 -14.68
N LEU A 319 -30.60 -30.83 -14.85
CA LEU A 319 -29.85 -30.63 -16.08
C LEU A 319 -28.77 -31.68 -16.24
N TYR A 320 -28.10 -32.03 -15.15
CA TYR A 320 -27.01 -33.00 -15.24
C TYR A 320 -27.56 -34.37 -15.61
N HIS A 321 -28.63 -34.81 -14.94
CA HIS A 321 -29.17 -36.15 -15.19
C HIS A 321 -29.56 -36.32 -16.65
N ILE A 322 -30.09 -35.28 -17.28
CA ILE A 322 -30.57 -35.39 -18.65
C ILE A 322 -29.47 -35.23 -19.69
N THR A 323 -28.28 -34.77 -19.28
CA THR A 323 -27.17 -34.63 -20.23
C THR A 323 -26.81 -35.96 -20.88
N ASP A 324 -26.95 -37.07 -20.14
CA ASP A 324 -26.71 -38.40 -20.69
C ASP A 324 -27.60 -38.69 -21.90
N GLN A 325 -28.70 -37.96 -22.07
CA GLN A 325 -29.65 -38.22 -23.16
C GLN A 325 -29.57 -37.20 -24.28
N VAL A 326 -28.64 -36.26 -24.22
CA VAL A 326 -28.45 -35.26 -25.28
C VAL A 326 -27.00 -35.36 -25.74
N HIS A 327 -26.81 -35.64 -27.03
CA HIS A 327 -25.48 -35.66 -27.61
C HIS A 327 -24.86 -34.27 -27.53
N LEU A 328 -23.55 -34.23 -27.29
CA LEU A 328 -22.84 -32.96 -27.27
C LEU A 328 -23.04 -32.21 -28.59
N TYR A 329 -22.99 -30.89 -28.50
CA TYR A 329 -23.15 -30.00 -29.66
C TYR A 329 -22.07 -28.93 -29.63
N PRO A 330 -21.59 -28.51 -30.81
CA PRO A 330 -20.46 -27.57 -30.84
C PRO A 330 -20.71 -26.25 -30.13
N ILE A 331 -21.93 -25.73 -30.18
CA ILE A 331 -22.28 -24.49 -29.49
C ILE A 331 -22.85 -24.85 -28.13
N ASP A 332 -22.13 -24.48 -27.07
CA ASP A 332 -22.51 -24.90 -25.71
C ASP A 332 -23.85 -24.30 -25.29
N ASP A 333 -24.08 -23.03 -25.60
CA ASP A 333 -25.29 -22.36 -25.16
C ASP A 333 -26.54 -22.95 -25.80
N VAL A 334 -26.38 -23.60 -26.95
CA VAL A 334 -27.50 -24.33 -27.55
C VAL A 334 -27.70 -25.66 -26.85
N TYR A 335 -26.61 -26.33 -26.50
CA TYR A 335 -26.70 -27.63 -25.83
C TYR A 335 -27.49 -27.51 -24.52
N THR A 336 -27.21 -26.47 -23.73
CA THR A 336 -27.97 -26.28 -22.51
C THR A 336 -29.44 -26.04 -22.80
N GLY A 337 -29.74 -25.39 -23.94
CA GLY A 337 -31.13 -25.26 -24.34
C GLY A 337 -31.76 -26.59 -24.72
N MET A 338 -30.98 -27.45 -25.39
CA MET A 338 -31.50 -28.78 -25.72
C MET A 338 -31.84 -29.56 -24.47
N CYS A 339 -30.95 -29.53 -23.47
CA CYS A 339 -31.23 -30.21 -22.21
C CYS A 339 -32.49 -29.62 -21.56
N LEU A 340 -32.65 -28.29 -21.67
CA LEU A 340 -33.84 -27.65 -21.12
C LEU A 340 -35.10 -28.14 -21.81
N GLN A 341 -35.04 -28.29 -23.14
CA GLN A 341 -36.17 -28.81 -23.89
C GLN A 341 -36.56 -30.20 -23.43
N LYS A 342 -35.57 -31.12 -23.35
CA LYS A 342 -35.85 -32.49 -22.93
C LYS A 342 -36.44 -32.56 -21.54
N LEU A 343 -36.25 -31.53 -20.72
CA LEU A 343 -36.82 -31.50 -19.39
C LEU A 343 -38.22 -30.91 -19.37
N GLY A 344 -38.68 -30.35 -20.49
CA GLY A 344 -39.99 -29.75 -20.57
C GLY A 344 -40.06 -28.27 -20.29
N LEU A 345 -38.91 -27.61 -20.19
CA LEU A 345 -38.85 -26.22 -19.74
C LEU A 345 -38.35 -25.31 -20.85
N VAL A 346 -38.72 -24.04 -20.74
CA VAL A 346 -38.27 -23.00 -21.66
C VAL A 346 -37.47 -21.99 -20.86
N PRO A 347 -36.27 -21.60 -21.29
CA PRO A 347 -35.54 -20.54 -20.59
C PRO A 347 -36.30 -19.22 -20.62
N GLU A 348 -36.19 -18.47 -19.53
CA GLU A 348 -36.95 -17.24 -19.33
C GLU A 348 -36.09 -16.05 -19.72
N LYS A 349 -36.49 -15.34 -20.77
CA LYS A 349 -35.76 -14.14 -21.19
C LYS A 349 -35.91 -13.05 -20.14
N HIS A 350 -34.79 -12.43 -19.78
CA HIS A 350 -34.75 -11.39 -18.77
C HIS A 350 -34.00 -10.19 -19.32
N LYS A 351 -34.60 -9.00 -19.17
CA LYS A 351 -34.09 -7.81 -19.85
C LYS A 351 -32.74 -7.35 -19.29
N GLY A 352 -32.43 -7.72 -18.06
CA GLY A 352 -31.17 -7.34 -17.46
C GLY A 352 -29.96 -8.08 -17.96
N PHE A 353 -30.13 -8.99 -18.92
CA PHE A 353 -29.01 -9.75 -19.48
C PHE A 353 -28.63 -9.10 -20.80
N ARG A 354 -27.92 -7.98 -20.68
CA ARG A 354 -27.58 -7.12 -21.81
C ARG A 354 -26.43 -7.74 -22.58
N THR A 355 -26.78 -8.64 -23.50
CA THR A 355 -25.77 -9.19 -24.42
C THR A 355 -25.10 -8.07 -25.21
N PHE A 356 -25.87 -7.04 -25.55
CA PHE A 356 -25.38 -5.92 -26.35
C PHE A 356 -25.43 -4.64 -25.54
N ASP A 357 -24.38 -3.83 -25.70
CA ASP A 357 -24.07 -2.60 -24.98
C ASP A 357 -22.56 -2.49 -24.96
N ILE A 358 -22.02 -1.47 -25.61
CA ILE A 358 -20.57 -1.33 -25.71
C ILE A 358 -20.07 -0.64 -24.45
N GLU A 359 -20.48 0.60 -24.23
CA GLU A 359 -20.14 1.32 -23.01
C GLU A 359 -21.37 2.06 -22.47
N ASN A 364 -20.13 8.91 -18.58
CA ASN A 364 -20.50 7.53 -18.30
C ASN A 364 -21.99 7.39 -18.07
N ASN A 365 -22.40 6.26 -17.49
CA ASN A 365 -23.80 6.04 -17.16
C ASN A 365 -23.91 4.99 -16.07
N ILE A 366 -23.31 5.24 -14.90
CA ILE A 366 -23.24 4.24 -13.85
C ILE A 366 -24.62 3.81 -13.36
N CYS A 367 -25.66 4.59 -13.65
CA CYS A 367 -27.01 4.18 -13.30
C CYS A 367 -27.44 2.95 -14.09
N SER A 368 -26.93 2.80 -15.30
CA SER A 368 -27.31 1.65 -16.12
C SER A 368 -26.90 0.34 -15.48
N TYR A 369 -25.70 0.31 -14.90
CA TYR A 369 -25.21 -0.91 -14.27
C TYR A 369 -25.99 -1.28 -13.01
N VAL A 370 -26.67 -0.31 -12.40
CA VAL A 370 -27.54 -0.61 -11.27
C VAL A 370 -28.73 -1.44 -11.73
N ASP A 371 -29.28 -1.11 -12.89
CA ASP A 371 -30.53 -1.69 -13.36
C ASP A 371 -30.36 -3.07 -13.99
N LEU A 372 -29.14 -3.47 -14.31
CA LEU A 372 -28.92 -4.69 -15.10
C LEU A 372 -28.37 -5.81 -14.23
N MET A 373 -28.35 -7.01 -14.83
CA MET A 373 -27.74 -8.20 -14.24
C MET A 373 -26.34 -8.49 -14.78
N LEU A 374 -26.15 -8.35 -16.09
CA LEU A 374 -24.81 -8.50 -16.65
C LEU A 374 -24.75 -7.75 -17.98
N VAL A 375 -23.59 -7.17 -18.26
CA VAL A 375 -23.27 -6.60 -19.56
C VAL A 375 -22.06 -7.34 -20.10
N HIS A 376 -22.05 -7.58 -21.41
CA HIS A 376 -21.02 -8.38 -22.05
C HIS A 376 -19.91 -7.51 -22.62
N SER A 377 -18.67 -8.02 -22.54
CA SER A 377 -17.46 -7.37 -23.03
C SER A 377 -17.04 -6.21 -22.14
N ARG A 378 -16.23 -6.51 -21.12
CA ARG A 378 -15.61 -5.50 -20.27
C ARG A 378 -14.21 -5.98 -19.92
N LYS A 379 -13.23 -5.09 -20.09
CA LYS A 379 -11.85 -5.43 -19.78
C LYS A 379 -11.63 -5.50 -18.27
N PRO A 380 -10.56 -6.19 -17.84
CA PRO A 380 -10.31 -6.32 -16.39
C PRO A 380 -10.26 -5.00 -15.64
N GLN A 381 -9.75 -3.92 -16.26
CA GLN A 381 -9.76 -2.64 -15.57
C GLN A 381 -11.17 -2.09 -15.43
N GLU A 382 -11.97 -2.19 -16.50
CA GLU A 382 -13.33 -1.71 -16.47
C GLU A 382 -14.17 -2.48 -15.45
N MET A 383 -13.92 -3.77 -15.31
CA MET A 383 -14.66 -4.56 -14.32
C MET A 383 -14.45 -4.01 -12.92
N ILE A 384 -13.20 -3.68 -12.57
CA ILE A 384 -12.95 -3.15 -11.24
C ILE A 384 -13.39 -1.70 -11.12
N ASP A 385 -13.28 -0.93 -12.21
CA ASP A 385 -13.76 0.44 -12.20
C ASP A 385 -15.27 0.49 -12.03
N ILE A 386 -16.01 -0.26 -12.85
CA ILE A 386 -17.47 -0.25 -12.79
C ILE A 386 -17.95 -0.74 -11.44
N TRP A 387 -17.26 -1.72 -10.87
CA TRP A 387 -17.65 -2.26 -9.57
C TRP A 387 -17.34 -1.28 -8.45
N SER A 388 -16.30 -0.44 -8.60
CA SER A 388 -15.99 0.53 -7.56
C SER A 388 -17.04 1.63 -7.52
N GLN A 389 -17.36 2.19 -8.68
CA GLN A 389 -18.44 3.17 -8.77
C GLN A 389 -19.74 2.61 -8.21
N LEU A 390 -20.06 1.36 -8.53
CA LEU A 390 -21.33 0.76 -8.15
C LEU A 390 -21.56 0.73 -6.65
N GLN A 391 -20.50 0.82 -5.84
CA GLN A 391 -20.63 0.63 -4.39
C GLN A 391 -21.42 1.75 -3.73
N SER A 392 -21.29 2.98 -4.24
CA SER A 392 -22.02 4.12 -3.72
C SER A 392 -23.14 4.55 -4.65
N ALA A 393 -23.56 3.66 -5.57
CA ALA A 393 -24.49 4.05 -6.62
C ALA A 393 -25.89 4.33 -6.09
N HIS A 394 -26.23 3.86 -4.90
CA HIS A 394 -27.54 4.13 -4.30
C HIS A 394 -27.66 5.55 -3.74
N LEU A 395 -26.85 6.49 -4.23
CA LEU A 395 -26.93 7.92 -3.96
C LEU A 395 -26.96 8.73 -5.25
N LYS A 396 -26.18 8.32 -6.25
CA LYS A 396 -26.13 9.04 -7.52
C LYS A 396 -27.32 8.74 -8.41
N CYS A 397 -28.05 7.66 -8.13
CA CYS A 397 -29.23 7.29 -8.91
C CYS A 397 -30.46 7.19 -8.01
N PRO B 55 -25.58 -12.30 43.52
CA PRO B 55 -24.25 -11.75 43.22
C PRO B 55 -24.13 -10.30 43.64
N GLU B 56 -23.25 -10.01 44.60
CA GLU B 56 -23.19 -8.67 45.20
C GLU B 56 -22.52 -7.67 44.29
N ALA B 57 -21.37 -8.03 43.71
CA ALA B 57 -20.63 -7.11 42.86
C ALA B 57 -21.37 -6.86 41.55
N TYR B 58 -21.30 -5.61 41.06
CA TYR B 58 -22.18 -5.19 39.97
C TYR B 58 -21.93 -5.97 38.68
N TRP B 59 -20.66 -6.05 38.25
CA TRP B 59 -20.38 -6.72 36.99
C TRP B 59 -20.80 -8.18 37.04
N ASN B 60 -20.48 -8.87 38.13
CA ASN B 60 -20.84 -10.29 38.24
C ASN B 60 -22.35 -10.48 38.13
N ARG B 61 -23.12 -9.70 38.88
CA ARG B 61 -24.58 -9.82 38.82
C ARG B 61 -25.11 -9.57 37.41
N GLU B 62 -24.73 -8.44 36.81
CA GLU B 62 -25.21 -8.09 35.48
C GLU B 62 -24.79 -9.10 34.42
N GLN B 63 -23.70 -9.85 34.66
CA GLN B 63 -23.26 -10.85 33.69
C GLN B 63 -24.10 -12.12 33.79
N GLU B 64 -24.47 -12.53 35.01
CA GLU B 64 -25.35 -13.69 35.13
C GLU B 64 -26.74 -13.39 34.59
N LYS B 65 -27.20 -12.14 34.74
CA LYS B 65 -28.39 -11.71 34.01
C LYS B 65 -28.21 -11.91 32.52
N LEU B 66 -27.00 -11.65 32.02
CA LEU B 66 -26.74 -11.78 30.60
C LEU B 66 -26.67 -13.23 30.17
N ASN B 67 -26.10 -14.09 31.02
CA ASN B 67 -26.00 -15.50 30.68
C ASN B 67 -27.37 -16.16 30.67
N ARG B 68 -28.25 -15.78 31.60
CA ARG B 68 -29.61 -16.28 31.58
C ARG B 68 -30.35 -15.85 30.32
N GLN B 69 -30.05 -14.64 29.81
CA GLN B 69 -30.72 -14.17 28.61
C GLN B 69 -30.29 -14.99 27.38
N TYR B 70 -29.04 -15.43 27.35
CA TYR B 70 -28.52 -16.18 26.23
C TYR B 70 -28.62 -17.68 26.43
N ASN B 71 -29.31 -18.12 27.47
CA ASN B 71 -29.53 -19.54 27.71
C ASN B 71 -30.93 -19.91 27.28
N PRO B 72 -31.10 -20.91 26.41
CA PRO B 72 -32.44 -21.19 25.86
C PRO B 72 -33.47 -21.52 26.92
N ILE B 73 -33.08 -22.17 28.01
CA ILE B 73 -34.04 -22.53 29.04
C ILE B 73 -34.34 -21.35 29.95
N LEU B 74 -33.30 -20.73 30.52
CA LEU B 74 -33.52 -19.60 31.41
C LEU B 74 -33.93 -18.34 30.67
N SER B 75 -33.91 -18.35 29.34
CA SER B 75 -34.44 -17.22 28.56
C SER B 75 -35.89 -16.95 28.93
N MET B 76 -36.75 -17.97 28.81
CA MET B 76 -38.18 -17.85 29.01
C MET B 76 -38.56 -17.67 30.45
N LEU B 77 -37.60 -17.50 31.34
CA LEU B 77 -37.90 -17.29 32.75
C LEU B 77 -38.42 -15.87 32.99
N ILE B 90 -30.80 -6.31 23.24
CA ILE B 90 -29.82 -5.41 22.65
C ILE B 90 -29.70 -4.14 23.50
N SER B 91 -30.56 -4.03 24.51
CA SER B 91 -30.42 -2.97 25.51
C SER B 91 -29.11 -3.08 26.27
N HIS B 92 -28.34 -4.15 26.06
CA HIS B 92 -26.98 -4.26 26.60
C HIS B 92 -25.91 -4.02 25.54
N LEU B 93 -26.30 -3.76 24.29
CA LEU B 93 -25.35 -3.56 23.23
C LEU B 93 -25.43 -2.18 22.58
N ASN B 94 -26.60 -1.53 22.58
CA ASN B 94 -26.73 -0.25 21.90
C ASN B 94 -27.64 0.70 22.68
N TYR B 95 -27.62 0.65 24.00
CA TYR B 95 -28.31 1.62 24.85
C TYR B 95 -27.30 2.68 25.23
N CYS B 96 -27.30 3.79 24.50
CA CYS B 96 -26.27 4.81 24.65
C CYS B 96 -26.77 6.06 25.39
N GLU B 97 -27.98 6.03 25.92
CA GLU B 97 -28.36 7.00 26.93
C GLU B 97 -27.64 6.67 28.23
N PRO B 98 -27.36 7.68 29.06
CA PRO B 98 -26.77 7.40 30.39
C PRO B 98 -27.69 6.50 31.21
N ASP B 99 -27.17 5.33 31.57
CA ASP B 99 -27.91 4.34 32.35
C ASP B 99 -27.81 4.70 33.82
N LEU B 100 -28.71 5.57 34.27
CA LEU B 100 -28.55 6.17 35.59
C LEU B 100 -29.02 5.27 36.72
N ARG B 101 -29.43 4.03 36.44
CA ARG B 101 -29.84 3.16 37.55
C ARG B 101 -28.63 2.76 38.38
N VAL B 102 -27.44 2.76 37.80
CA VAL B 102 -26.24 2.38 38.55
C VAL B 102 -25.93 3.39 39.65
N THR B 103 -26.43 4.63 39.52
CA THR B 103 -26.17 5.64 40.55
C THR B 103 -26.72 5.25 41.91
N SER B 104 -27.63 4.27 41.95
CA SER B 104 -28.12 3.71 43.20
C SER B 104 -27.91 2.20 43.31
N VAL B 105 -27.82 1.46 42.21
CA VAL B 105 -27.62 0.01 42.31
C VAL B 105 -26.18 -0.30 42.79
N VAL B 106 -25.23 0.58 42.51
CA VAL B 106 -23.83 0.37 42.88
C VAL B 106 -23.52 1.16 44.15
N THR B 107 -22.92 0.49 45.13
CA THR B 107 -22.63 1.12 46.41
C THR B 107 -21.46 2.07 46.29
N GLY B 108 -21.61 3.25 46.90
CA GLY B 108 -20.54 4.24 46.87
C GLY B 108 -20.23 4.75 45.49
N PHE B 109 -21.25 4.85 44.64
CA PHE B 109 -21.05 5.30 43.26
C PHE B 109 -20.48 6.71 43.24
N ASN B 110 -21.21 7.66 43.80
CA ASN B 110 -20.91 9.09 43.69
C ASN B 110 -19.53 9.47 44.23
N ASN B 111 -18.74 8.53 44.77
CA ASN B 111 -17.35 8.80 45.16
C ASN B 111 -16.37 7.84 44.51
N LEU B 112 -16.82 6.99 43.59
CA LEU B 112 -15.93 6.24 42.76
C LEU B 112 -15.18 7.18 41.81
N PRO B 113 -14.00 6.78 41.35
CA PRO B 113 -13.30 7.61 40.36
C PRO B 113 -14.13 7.78 39.10
N ASP B 114 -13.85 8.87 38.39
CA ASP B 114 -14.68 9.23 37.24
C ASP B 114 -14.67 8.16 36.17
N ARG B 115 -13.52 7.50 35.97
CA ARG B 115 -13.43 6.45 34.97
C ARG B 115 -14.43 5.33 35.25
N PHE B 116 -14.58 4.96 36.53
CA PHE B 116 -15.60 3.96 36.88
C PHE B 116 -16.99 4.50 36.61
N LYS B 117 -17.23 5.78 36.88
CA LYS B 117 -18.54 6.36 36.64
C LYS B 117 -18.89 6.31 35.15
N ASP B 118 -17.95 6.70 34.30
CA ASP B 118 -18.19 6.69 32.86
C ASP B 118 -18.34 5.26 32.34
N PHE B 119 -17.54 4.33 32.86
CA PHE B 119 -17.65 2.95 32.43
C PHE B 119 -19.01 2.36 32.81
N LEU B 120 -19.43 2.56 34.05
CA LEU B 120 -20.70 2.02 34.52
C LEU B 120 -21.89 2.62 33.78
N LEU B 121 -21.79 3.91 33.42
CA LEU B 121 -22.93 4.62 32.84
C LEU B 121 -23.15 4.25 31.37
N TYR B 122 -22.07 4.00 30.62
CA TYR B 122 -22.17 3.76 29.19
C TYR B 122 -21.74 2.36 28.80
N LEU B 123 -21.78 1.42 29.75
CA LEU B 123 -21.42 0.04 29.47
C LEU B 123 -22.28 -0.56 28.36
N ARG B 124 -23.55 -0.18 28.28
CA ARG B 124 -24.49 -0.86 27.39
C ARG B 124 -24.51 -0.24 26.00
N CYS B 125 -23.40 0.37 25.61
CA CYS B 125 -23.26 0.99 24.30
C CYS B 125 -21.99 0.47 23.64
N ARG B 126 -22.13 -0.08 22.43
CA ARG B 126 -20.94 -0.49 21.69
C ARG B 126 -21.18 -0.50 20.18
N ASN B 127 -22.21 0.17 19.68
CA ASN B 127 -22.41 0.32 18.24
C ASN B 127 -21.79 1.63 17.74
N TYR B 128 -20.50 1.75 17.96
CA TYR B 128 -19.74 2.91 17.51
C TYR B 128 -19.26 2.71 16.08
N SER B 129 -19.25 3.79 15.31
CA SER B 129 -18.99 3.71 13.88
C SER B 129 -17.50 3.85 13.57
N LEU B 130 -17.14 3.39 12.37
CA LEU B 130 -15.79 3.60 11.87
C LEU B 130 -15.69 4.99 11.24
N LEU B 131 -14.76 5.80 11.71
CA LEU B 131 -14.53 7.10 11.09
C LEU B 131 -13.43 7.04 10.04
N ILE B 132 -12.42 6.20 10.23
CA ILE B 132 -11.33 6.04 9.27
C ILE B 132 -11.14 4.56 9.01
N ASP B 133 -11.29 4.14 7.75
CA ASP B 133 -11.19 2.74 7.36
C ASP B 133 -10.02 2.52 6.41
N GLN B 134 -9.65 1.25 6.27
CA GLN B 134 -8.71 0.78 5.25
C GLN B 134 -9.36 -0.43 4.60
N PRO B 135 -10.35 -0.21 3.73
CA PRO B 135 -11.18 -1.35 3.27
C PRO B 135 -10.39 -2.43 2.57
N ASP B 136 -9.52 -2.06 1.63
CA ASP B 136 -8.73 -3.03 0.90
C ASP B 136 -7.49 -3.50 1.66
N LYS B 137 -7.38 -3.15 2.95
CA LYS B 137 -6.25 -3.59 3.76
C LYS B 137 -6.07 -5.10 3.70
N CYS B 138 -7.13 -5.85 3.46
CA CYS B 138 -7.05 -7.30 3.38
C CYS B 138 -7.62 -7.80 2.06
N ALA B 139 -7.39 -7.03 0.99
CA ALA B 139 -7.75 -7.50 -0.34
C ALA B 139 -6.98 -8.77 -0.69
N LYS B 140 -5.72 -8.83 -0.28
CA LYS B 140 -4.96 -10.07 -0.32
C LYS B 140 -5.15 -10.80 1.00
N LYS B 141 -5.21 -12.12 0.93
CA LYS B 141 -5.38 -12.88 2.17
C LYS B 141 -4.14 -12.72 3.04
N PRO B 142 -4.24 -12.10 4.21
CA PRO B 142 -3.06 -11.93 5.05
C PRO B 142 -2.68 -13.24 5.73
N PHE B 143 -1.37 -13.47 5.82
CA PHE B 143 -0.91 -14.57 6.67
C PHE B 143 -0.81 -14.11 8.12
N LEU B 144 -0.38 -12.88 8.33
CA LEU B 144 -0.27 -12.31 9.67
C LEU B 144 -0.80 -10.89 9.62
N LEU B 145 -1.80 -10.60 10.45
CA LEU B 145 -2.33 -9.24 10.57
C LEU B 145 -1.84 -8.64 11.88
N LEU B 146 -1.04 -7.58 11.78
CA LEU B 146 -0.53 -6.88 12.95
C LEU B 146 -1.48 -5.74 13.30
N ALA B 147 -2.10 -5.82 14.49
CA ALA B 147 -3.04 -4.82 14.96
C ALA B 147 -2.49 -4.20 16.23
N ILE B 148 -2.21 -2.90 16.18
CA ILE B 148 -1.47 -2.21 17.24
C ILE B 148 -2.39 -1.19 17.91
N LYS B 149 -2.56 -1.33 19.23
CA LYS B 149 -3.28 -0.33 20.00
C LYS B 149 -2.45 0.96 20.08
N SER B 150 -3.09 2.09 19.80
CA SER B 150 -2.36 3.35 19.78
C SER B 150 -3.32 4.51 20.04
N LEU B 151 -2.77 5.59 20.59
CA LEU B 151 -3.50 6.83 20.79
C LEU B 151 -3.11 7.82 19.71
N THR B 152 -4.01 8.78 19.45
CA THR B 152 -3.80 9.76 18.40
C THR B 152 -2.44 10.44 18.46
N PRO B 153 -1.96 10.97 19.61
CA PRO B 153 -0.70 11.73 19.59
C PRO B 153 0.57 10.89 19.45
N HIS B 154 0.48 9.58 19.28
CA HIS B 154 1.66 8.71 19.23
C HIS B 154 2.15 8.54 17.79
N PHE B 155 2.46 9.66 17.14
CA PHE B 155 2.90 9.60 15.74
C PHE B 155 4.25 8.91 15.61
N ALA B 156 5.17 9.18 16.54
CA ALA B 156 6.50 8.59 16.41
C ALA B 156 6.50 7.12 16.80
N ARG B 157 5.65 6.72 17.74
CA ARG B 157 5.52 5.31 18.05
C ARG B 157 5.07 4.53 16.82
N ARG B 158 4.07 5.06 16.10
CA ARG B 158 3.55 4.35 14.95
C ARG B 158 4.58 4.28 13.83
N GLN B 159 5.21 5.42 13.52
CA GLN B 159 6.13 5.47 12.39
C GLN B 159 7.38 4.63 12.65
N ALA B 160 7.86 4.62 13.90
CA ALA B 160 8.95 3.72 14.25
C ALA B 160 8.55 2.27 14.05
N ILE B 161 7.29 1.92 14.32
CA ILE B 161 6.85 0.54 14.14
C ILE B 161 6.78 0.20 12.66
N ARG B 162 6.29 1.14 11.85
CA ARG B 162 6.32 0.94 10.40
C ARG B 162 7.74 0.66 9.92
N GLU B 163 8.71 1.45 10.40
CA GLU B 163 10.07 1.31 9.93
C GLU B 163 10.73 0.03 10.45
N SER B 164 10.27 -0.51 11.57
CA SER B 164 10.97 -1.62 12.21
C SER B 164 10.17 -2.92 12.09
N TRP B 165 9.73 -3.47 13.22
CA TRP B 165 9.16 -4.81 13.21
C TRP B 165 7.78 -4.89 12.56
N GLY B 166 7.12 -3.76 12.34
CA GLY B 166 5.78 -3.80 11.77
C GLY B 166 5.75 -3.50 10.29
N GLN B 167 6.83 -3.84 9.58
CA GLN B 167 6.88 -3.62 8.14
C GLN B 167 5.89 -4.54 7.41
N GLU B 168 5.14 -3.97 6.48
CA GLU B 168 4.31 -4.78 5.61
C GLU B 168 5.16 -5.47 4.55
N SER B 169 4.68 -6.61 4.08
CA SER B 169 5.36 -7.37 3.04
C SER B 169 4.40 -8.45 2.53
N ASN B 170 4.59 -8.83 1.27
CA ASN B 170 3.78 -9.88 0.66
C ASN B 170 4.64 -11.05 0.20
N ALA B 171 5.87 -11.17 0.72
CA ALA B 171 6.84 -12.19 0.34
C ALA B 171 6.26 -13.59 0.44
N GLY B 172 6.08 -14.25 -0.71
CA GLY B 172 5.55 -15.59 -0.79
C GLY B 172 4.14 -15.69 -0.24
N ASN B 173 3.85 -16.83 0.38
CA ASN B 173 2.57 -17.04 1.05
C ASN B 173 2.59 -16.44 2.45
N GLN B 174 3.29 -15.34 2.62
CA GLN B 174 3.47 -14.69 3.92
C GLN B 174 3.20 -13.20 3.82
N THR B 175 2.05 -12.85 3.25
CA THR B 175 1.66 -11.46 3.21
C THR B 175 1.38 -10.98 4.64
N VAL B 176 2.19 -10.04 5.11
CA VAL B 176 2.04 -9.44 6.43
C VAL B 176 1.39 -8.07 6.26
N VAL B 177 0.48 -7.74 7.16
CA VAL B 177 -0.41 -6.61 6.99
C VAL B 177 -0.58 -5.91 8.34
N ARG B 178 -0.56 -4.57 8.33
CA ARG B 178 -0.49 -3.77 9.55
C ARG B 178 -1.67 -2.81 9.65
N VAL B 179 -2.23 -2.70 10.86
CA VAL B 179 -3.24 -1.69 11.18
C VAL B 179 -3.01 -1.17 12.59
N PHE B 180 -3.31 0.12 12.79
CA PHE B 180 -3.27 0.76 14.09
C PHE B 180 -4.69 1.05 14.55
N LEU B 181 -5.04 0.62 15.76
CA LEU B 181 -6.39 0.76 16.30
C LEU B 181 -6.45 2.01 17.17
N LEU B 182 -7.37 2.90 16.84
CA LEU B 182 -7.48 4.18 17.52
C LEU B 182 -8.92 4.51 17.85
N GLY B 183 -9.10 5.22 18.95
CA GLY B 183 -10.31 5.93 19.26
C GLY B 183 -10.17 7.40 18.95
N GLN B 184 -10.95 8.21 19.66
CA GLN B 184 -10.89 9.67 19.54
C GLN B 184 -10.23 10.24 20.78
N THR B 185 -9.40 11.27 20.56
CA THR B 185 -8.92 12.15 21.61
C THR B 185 -9.68 13.46 21.45
N PRO B 186 -10.91 13.53 21.95
CA PRO B 186 -11.83 14.59 21.53
C PRO B 186 -11.54 15.89 22.27
N PRO B 187 -11.94 17.03 21.70
CA PRO B 187 -11.60 18.32 22.31
C PRO B 187 -12.22 18.54 23.67
N GLU B 188 -13.39 17.96 23.94
CA GLU B 188 -14.03 18.17 25.23
C GLU B 188 -13.32 17.46 26.37
N ASP B 189 -12.25 16.71 26.10
CA ASP B 189 -11.36 16.17 27.12
C ASP B 189 -10.06 16.96 27.21
N ASN B 190 -10.03 18.16 26.61
CA ASN B 190 -8.87 19.04 26.60
C ASN B 190 -7.70 18.43 25.82
N HIS B 191 -8.00 17.58 24.85
CA HIS B 191 -6.96 17.07 23.97
C HIS B 191 -6.67 18.08 22.87
N PRO B 192 -5.40 18.18 22.45
CA PRO B 192 -5.10 18.96 21.24
C PRO B 192 -5.76 18.32 20.03
N ASP B 193 -6.39 19.15 19.20
CA ASP B 193 -7.01 18.67 17.97
C ASP B 193 -5.94 18.29 16.95
N LEU B 194 -5.56 17.01 16.94
CA LEU B 194 -4.60 16.50 15.98
C LEU B 194 -5.28 15.73 14.85
N SER B 195 -6.45 16.21 14.41
CA SER B 195 -7.28 15.42 13.50
C SER B 195 -6.88 15.61 12.04
N ASP B 196 -6.52 16.83 11.66
CA ASP B 196 -6.04 17.05 10.29
C ASP B 196 -4.71 16.32 10.06
N MET B 197 -3.85 16.30 11.08
CA MET B 197 -2.61 15.56 10.97
C MET B 197 -2.85 14.05 10.93
N LEU B 198 -3.85 13.57 11.67
CA LEU B 198 -4.17 12.15 11.65
C LEU B 198 -4.74 11.73 10.30
N LYS B 199 -5.56 12.60 9.70
CA LYS B 199 -6.03 12.37 8.33
C LYS B 199 -4.86 12.27 7.36
N PHE B 200 -3.89 13.18 7.48
CA PHE B 200 -2.72 13.14 6.61
C PHE B 200 -1.92 11.86 6.79
N GLU B 201 -1.71 11.45 8.05
CA GLU B 201 -1.01 10.20 8.30
C GLU B 201 -1.74 9.02 7.66
N SER B 202 -3.06 8.96 7.80
CA SER B 202 -3.82 7.86 7.22
C SER B 202 -3.65 7.83 5.71
N GLU B 203 -3.85 8.98 5.04
CA GLU B 203 -3.72 9.01 3.59
C GLU B 203 -2.32 8.64 3.15
N LYS B 204 -1.30 8.99 3.95
CA LYS B 204 0.07 8.67 3.59
C LYS B 204 0.36 7.18 3.75
N HIS B 205 -0.07 6.60 4.87
CA HIS B 205 0.35 5.25 5.24
C HIS B 205 -0.73 4.19 5.11
N GLN B 206 -2.00 4.58 5.00
CA GLN B 206 -3.11 3.66 4.75
C GLN B 206 -3.15 2.52 5.76
N ASP B 207 -3.00 2.88 7.04
CA ASP B 207 -2.99 1.85 8.08
C ASP B 207 -3.67 2.32 9.36
N ILE B 208 -4.55 3.31 9.29
CA ILE B 208 -5.21 3.87 10.46
C ILE B 208 -6.66 3.39 10.46
N LEU B 209 -7.06 2.76 11.57
CA LEU B 209 -8.46 2.46 11.86
C LEU B 209 -8.88 3.29 13.07
N MET B 210 -10.03 3.96 12.98
CA MET B 210 -10.44 4.90 14.01
C MET B 210 -11.96 4.89 14.15
N TRP B 211 -12.44 4.50 15.32
CA TRP B 211 -13.86 4.52 15.66
C TRP B 211 -14.16 5.71 16.56
N ASN B 212 -15.43 6.09 16.61
CA ASN B 212 -15.85 7.31 17.32
C ASN B 212 -16.28 6.97 18.74
N TYR B 213 -15.28 6.78 19.61
CA TYR B 213 -15.52 6.62 21.04
C TYR B 213 -14.33 7.23 21.76
N ARG B 214 -14.55 7.58 23.03
CA ARG B 214 -13.49 8.16 23.86
C ARG B 214 -12.43 7.11 24.15
N ASP B 215 -11.26 7.26 23.51
CA ASP B 215 -10.16 6.34 23.72
C ASP B 215 -9.57 6.50 25.10
N THR B 216 -10.15 5.82 26.08
CA THR B 216 -9.65 5.84 27.46
C THR B 216 -9.20 4.44 27.86
N PHE B 217 -8.49 4.40 29.00
CA PHE B 217 -7.96 3.13 29.51
C PHE B 217 -9.06 2.16 29.87
N PHE B 218 -10.19 2.67 30.33
CA PHE B 218 -11.32 1.79 30.76
C PHE B 218 -12.25 1.53 29.58
N ASN B 219 -11.86 1.95 28.37
CA ASN B 219 -12.64 1.66 27.15
C ASN B 219 -11.82 0.80 26.19
N LEU B 220 -10.80 0.11 26.69
CA LEU B 220 -9.91 -0.68 25.80
C LEU B 220 -10.63 -1.97 25.40
N SER B 221 -11.54 -2.47 26.24
CA SER B 221 -12.40 -3.57 25.81
C SER B 221 -13.22 -3.16 24.60
N LEU B 222 -13.64 -1.89 24.56
CA LEU B 222 -14.28 -1.35 23.37
C LEU B 222 -13.35 -1.42 22.17
N LYS B 223 -12.06 -1.13 22.38
CA LYS B 223 -11.09 -1.23 21.29
C LYS B 223 -10.96 -2.67 20.81
N GLU B 224 -11.00 -3.63 21.74
CA GLU B 224 -10.91 -5.04 21.37
C GLU B 224 -12.11 -5.50 20.56
N VAL B 225 -13.32 -5.16 21.02
CA VAL B 225 -14.53 -5.63 20.37
C VAL B 225 -14.67 -5.00 18.99
N LEU B 226 -14.54 -3.67 18.90
CA LEU B 226 -14.70 -2.99 17.62
C LEU B 226 -13.70 -3.52 16.60
N PHE B 227 -12.44 -3.76 17.02
CA PHE B 227 -11.46 -4.35 16.11
C PHE B 227 -11.86 -5.75 15.70
N LEU B 228 -12.40 -6.53 16.64
CA LEU B 228 -12.88 -7.87 16.27
C LEU B 228 -14.07 -7.77 15.32
N ARG B 229 -14.97 -6.81 15.54
CA ARG B 229 -16.03 -6.57 14.56
C ARG B 229 -15.44 -6.24 13.20
N TRP B 230 -14.33 -5.51 13.17
CA TRP B 230 -13.71 -5.12 11.91
C TRP B 230 -13.08 -6.32 11.21
N VAL B 231 -12.42 -7.20 11.96
CA VAL B 231 -11.83 -8.39 11.37
C VAL B 231 -12.90 -9.26 10.72
N SER B 232 -14.02 -9.46 11.40
CA SER B 232 -15.09 -10.28 10.87
C SER B 232 -15.70 -9.69 9.60
N THR B 233 -15.59 -8.38 9.41
CA THR B 233 -16.19 -7.68 8.28
C THR B 233 -15.20 -7.41 7.16
N SER B 234 -13.96 -7.03 7.47
CA SER B 234 -13.01 -6.59 6.48
C SER B 234 -11.73 -7.41 6.41
N CYS B 235 -11.54 -8.35 7.32
CA CYS B 235 -10.34 -9.18 7.26
C CYS B 235 -10.57 -10.56 7.86
N PRO B 236 -11.60 -11.30 7.43
CA PRO B 236 -11.89 -12.58 8.07
C PRO B 236 -11.01 -13.72 7.58
N ASP B 237 -10.34 -13.55 6.44
CA ASP B 237 -9.49 -14.58 5.87
C ASP B 237 -8.08 -14.57 6.43
N THR B 238 -7.74 -13.62 7.30
CA THR B 238 -6.38 -13.55 7.81
C THR B 238 -6.01 -14.84 8.52
N GLU B 239 -4.84 -15.38 8.16
CA GLU B 239 -4.41 -16.62 8.79
C GLU B 239 -4.24 -16.44 10.30
N PHE B 240 -3.63 -15.33 10.71
CA PHE B 240 -3.36 -15.11 12.11
C PHE B 240 -3.48 -13.62 12.41
N VAL B 241 -3.61 -13.31 13.70
CA VAL B 241 -3.69 -11.95 14.19
C VAL B 241 -2.72 -11.79 15.35
N PHE B 242 -1.96 -10.70 15.34
CA PHE B 242 -1.23 -10.26 16.51
C PHE B 242 -1.79 -8.92 16.95
N LYS B 243 -2.19 -8.84 18.22
CA LYS B 243 -2.62 -7.59 18.81
C LYS B 243 -1.63 -7.19 19.90
N GLY B 244 -1.20 -5.93 19.88
CA GLY B 244 -0.21 -5.47 20.84
C GLY B 244 -0.26 -3.98 21.05
N ASP B 245 0.54 -3.53 22.01
CA ASP B 245 0.69 -2.11 22.34
C ASP B 245 1.71 -1.45 21.41
N ASP B 246 1.60 -0.13 21.27
CA ASP B 246 2.51 0.60 20.38
C ASP B 246 3.86 0.91 21.02
N ASP B 247 4.16 0.35 22.19
CA ASP B 247 5.46 0.54 22.85
C ASP B 247 6.17 -0.79 23.10
N VAL B 248 5.75 -1.85 22.41
CA VAL B 248 6.30 -3.18 22.56
C VAL B 248 7.15 -3.50 21.33
N PHE B 249 8.33 -4.08 21.57
CA PHE B 249 9.13 -4.60 20.48
C PHE B 249 8.70 -6.03 20.20
N VAL B 250 8.54 -6.35 18.91
CA VAL B 250 8.13 -7.68 18.47
C VAL B 250 9.20 -8.22 17.54
N ASN B 251 9.63 -9.45 17.78
CA ASN B 251 10.49 -10.14 16.81
C ASN B 251 9.58 -10.81 15.80
N THR B 252 9.07 -10.01 14.86
CA THR B 252 8.14 -10.52 13.87
C THR B 252 8.74 -11.66 13.05
N HIS B 253 10.06 -11.74 12.98
CA HIS B 253 10.70 -12.87 12.30
C HIS B 253 10.49 -14.16 13.07
N HIS B 254 10.70 -14.14 14.38
CA HIS B 254 10.39 -15.31 15.20
C HIS B 254 8.90 -15.64 15.16
N ILE B 255 8.05 -14.63 15.04
CA ILE B 255 6.61 -14.87 14.97
C ILE B 255 6.29 -15.67 13.71
N LEU B 256 6.78 -15.22 12.56
CA LEU B 256 6.55 -15.95 11.31
C LEU B 256 7.18 -17.34 11.35
N ASN B 257 8.35 -17.47 11.97
CA ASN B 257 8.96 -18.80 12.12
C ASN B 257 8.04 -19.72 12.92
N TYR B 258 7.59 -19.25 14.08
CA TYR B 258 6.73 -20.07 14.95
C TYR B 258 5.42 -20.41 14.26
N LEU B 259 4.83 -19.46 13.55
CA LEU B 259 3.57 -19.71 12.88
C LEU B 259 3.71 -20.78 11.81
N ASN B 260 4.84 -20.80 11.11
CA ASN B 260 5.07 -21.79 10.06
C ASN B 260 5.42 -23.16 10.61
N SER B 261 5.82 -23.25 11.88
CA SER B 261 6.05 -24.52 12.55
C SER B 261 4.80 -25.06 13.22
N LEU B 262 3.63 -24.47 12.93
CA LEU B 262 2.41 -24.80 13.65
C LEU B 262 1.66 -25.90 12.90
N SER B 263 1.47 -27.03 13.57
CA SER B 263 0.59 -28.06 13.06
C SER B 263 -0.81 -27.49 12.86
N LYS B 264 -1.50 -27.93 11.81
CA LYS B 264 -2.84 -27.42 11.53
C LYS B 264 -3.76 -27.64 12.72
N THR B 265 -3.51 -28.67 13.53
CA THR B 265 -4.30 -28.85 14.74
C THR B 265 -4.09 -27.67 15.69
N LYS B 266 -2.84 -27.34 16.01
CA LYS B 266 -2.57 -26.23 16.91
C LYS B 266 -2.93 -24.90 16.25
N ALA B 267 -2.87 -24.83 14.92
CA ALA B 267 -3.03 -23.55 14.24
C ALA B 267 -4.46 -23.03 14.30
N LYS B 268 -5.44 -23.92 14.39
CA LYS B 268 -6.82 -23.49 14.24
C LYS B 268 -7.37 -22.84 15.51
N ASP B 269 -6.87 -23.24 16.68
CA ASP B 269 -7.31 -22.70 17.95
C ASP B 269 -6.16 -22.09 18.73
N LEU B 270 -5.25 -21.42 18.02
CA LEU B 270 -4.04 -20.90 18.64
C LEU B 270 -4.33 -19.61 19.40
N PHE B 271 -3.82 -19.54 20.63
CA PHE B 271 -3.88 -18.31 21.43
C PHE B 271 -2.77 -18.40 22.47
N ILE B 272 -1.69 -17.65 22.29
CA ILE B 272 -0.53 -17.72 23.17
C ILE B 272 -0.16 -16.33 23.65
N GLY B 273 0.60 -16.29 24.73
CA GLY B 273 1.02 -15.04 25.33
C GLY B 273 1.48 -15.25 26.76
N ASP B 274 1.88 -14.15 27.38
CA ASP B 274 2.21 -14.17 28.80
C ASP B 274 0.94 -14.31 29.60
N VAL B 275 0.53 -15.54 29.90
CA VAL B 275 -0.77 -15.84 30.48
C VAL B 275 -0.63 -15.99 31.98
N ILE B 276 -1.58 -15.40 32.73
CA ILE B 276 -1.63 -15.47 34.18
C ILE B 276 -2.84 -16.28 34.59
N HIS B 277 -2.66 -17.17 35.56
CA HIS B 277 -3.73 -18.01 36.09
C HIS B 277 -4.05 -17.58 37.52
N ASN B 278 -5.34 -17.68 37.86
CA ASN B 278 -5.84 -17.42 39.21
C ASN B 278 -5.32 -16.09 39.76
N ALA B 279 -5.51 -15.04 38.97
CA ALA B 279 -5.27 -13.67 39.43
C ALA B 279 -6.59 -13.04 39.85
N GLY B 280 -6.47 -11.94 40.58
CA GLY B 280 -7.63 -11.25 41.07
C GLY B 280 -7.57 -9.77 40.82
N PRO B 281 -8.69 -9.09 41.04
CA PRO B 281 -8.71 -7.63 40.87
C PRO B 281 -7.81 -6.97 41.91
N HIS B 282 -6.95 -6.07 41.42
CA HIS B 282 -6.12 -5.30 42.33
C HIS B 282 -7.02 -4.38 43.15
N ARG B 283 -6.95 -4.51 44.47
CA ARG B 283 -7.83 -3.80 45.37
C ARG B 283 -7.22 -2.51 45.92
N ASP B 284 -5.99 -2.19 45.53
CA ASP B 284 -5.30 -0.99 46.01
C ASP B 284 -5.79 0.21 45.21
N LYS B 285 -6.51 1.12 45.88
CA LYS B 285 -7.14 2.24 45.19
C LYS B 285 -6.16 3.07 44.38
N LYS B 286 -4.91 3.18 44.83
CA LYS B 286 -3.93 4.03 44.17
C LYS B 286 -3.17 3.32 43.04
N LEU B 287 -3.41 2.03 42.85
CA LEU B 287 -2.80 1.31 41.73
C LEU B 287 -3.58 1.56 40.44
N LYS B 288 -2.88 1.36 39.32
CA LYS B 288 -3.48 1.58 38.01
C LYS B 288 -4.60 0.59 37.72
N TYR B 289 -4.38 -0.70 37.98
CA TYR B 289 -5.37 -1.73 37.71
C TYR B 289 -6.35 -1.93 38.86
N TYR B 290 -6.61 -0.88 39.64
CA TYR B 290 -7.52 -0.98 40.77
C TYR B 290 -8.94 -1.26 40.30
N ILE B 291 -9.52 -2.32 40.84
CA ILE B 291 -10.93 -2.67 40.60
C ILE B 291 -11.60 -2.89 41.95
N PRO B 292 -12.55 -2.05 42.34
CA PRO B 292 -13.15 -2.19 43.67
C PRO B 292 -14.01 -3.42 43.79
N GLU B 293 -14.28 -3.80 45.04
CA GLU B 293 -15.10 -4.99 45.31
C GLU B 293 -16.53 -4.78 44.84
N VAL B 294 -17.03 -3.55 44.90
CA VAL B 294 -18.39 -3.30 44.46
C VAL B 294 -18.55 -3.48 42.96
N VAL B 295 -17.46 -3.48 42.21
CA VAL B 295 -17.55 -3.63 40.76
C VAL B 295 -17.41 -5.09 40.34
N TYR B 296 -16.40 -5.78 40.85
CA TYR B 296 -16.14 -7.16 40.44
C TYR B 296 -15.66 -7.94 41.65
N SER B 297 -16.34 -9.04 41.95
CA SER B 297 -15.95 -9.92 43.04
C SER B 297 -15.34 -11.20 42.48
N GLY B 298 -14.50 -11.83 43.28
CA GLY B 298 -13.98 -13.11 42.89
C GLY B 298 -12.69 -13.02 42.11
N LEU B 299 -12.50 -13.95 41.18
CA LEU B 299 -11.23 -14.13 40.51
C LEU B 299 -11.37 -13.97 39.01
N TYR B 300 -10.26 -13.62 38.37
CA TYR B 300 -10.19 -13.47 36.93
C TYR B 300 -9.99 -14.85 36.27
N PRO B 301 -10.56 -15.05 35.09
CA PRO B 301 -10.21 -16.23 34.30
C PRO B 301 -8.80 -16.09 33.74
N PRO B 302 -8.23 -17.15 33.19
CA PRO B 302 -6.87 -17.02 32.64
C PRO B 302 -6.89 -16.11 31.42
N TYR B 303 -5.94 -15.16 31.39
CA TYR B 303 -5.88 -14.18 30.33
C TYR B 303 -4.44 -13.83 30.02
N ALA B 304 -4.19 -13.46 28.77
CA ALA B 304 -2.87 -13.07 28.29
C ALA B 304 -2.76 -11.54 28.36
N GLY B 305 -1.90 -11.05 29.25
CA GLY B 305 -1.73 -9.63 29.42
C GLY B 305 -0.35 -9.12 29.07
N GLY B 306 -0.04 -7.91 29.51
CA GLY B 306 1.25 -7.32 29.17
C GLY B 306 1.21 -6.67 27.81
N GLY B 307 2.25 -6.90 27.01
CA GLY B 307 2.38 -6.19 25.76
C GLY B 307 1.42 -6.61 24.66
N GLY B 308 1.10 -7.89 24.59
CA GLY B 308 0.26 -8.37 23.50
C GLY B 308 0.33 -9.87 23.35
N PHE B 309 -0.49 -10.36 22.43
CA PHE B 309 -0.66 -11.79 22.24
C PHE B 309 -0.96 -12.12 20.78
N LEU B 310 -0.88 -13.41 20.46
CA LEU B 310 -0.94 -13.93 19.10
C LEU B 310 -2.01 -15.01 19.02
N TYR B 311 -2.92 -14.89 18.06
CA TYR B 311 -4.00 -15.87 17.99
C TYR B 311 -4.40 -16.12 16.54
N SER B 312 -5.03 -17.27 16.33
CA SER B 312 -5.48 -17.68 15.01
C SER B 312 -6.63 -16.81 14.53
N GLY B 313 -6.68 -16.60 13.21
CA GLY B 313 -7.79 -15.85 12.65
C GLY B 313 -9.12 -16.54 12.82
N HIS B 314 -9.12 -17.87 12.71
CA HIS B 314 -10.35 -18.62 12.96
C HIS B 314 -10.84 -18.39 14.38
N LEU B 315 -9.93 -18.45 15.34
CA LEU B 315 -10.29 -18.17 16.73
C LEU B 315 -10.79 -16.75 16.89
N ALA B 316 -10.24 -15.82 16.11
CA ALA B 316 -10.66 -14.42 16.19
C ALA B 316 -12.12 -14.27 15.81
N LEU B 317 -12.55 -14.93 14.72
CA LEU B 317 -13.94 -14.82 14.31
C LEU B 317 -14.88 -15.42 15.34
N ARG B 318 -14.46 -16.51 15.98
CA ARG B 318 -15.25 -17.05 17.07
C ARG B 318 -15.35 -16.06 18.21
N LEU B 319 -14.23 -15.41 18.56
CA LEU B 319 -14.23 -14.48 19.68
C LEU B 319 -15.21 -13.35 19.46
N TYR B 320 -15.31 -12.83 18.24
CA TYR B 320 -16.20 -11.70 18.01
C TYR B 320 -17.65 -12.07 18.28
N HIS B 321 -18.08 -13.22 17.76
CA HIS B 321 -19.48 -13.59 17.88
C HIS B 321 -19.88 -13.91 19.32
N ILE B 322 -18.91 -14.25 20.19
CA ILE B 322 -19.20 -14.46 21.60
C ILE B 322 -19.21 -13.17 22.40
N THR B 323 -18.66 -12.08 21.86
CA THR B 323 -18.56 -10.85 22.64
C THR B 323 -19.91 -10.31 23.07
N ASP B 324 -20.95 -10.52 22.27
CA ASP B 324 -22.28 -10.03 22.64
C ASP B 324 -22.75 -10.63 23.96
N GLN B 325 -22.26 -11.83 24.30
CA GLN B 325 -22.66 -12.51 25.51
C GLN B 325 -21.75 -12.22 26.70
N VAL B 326 -20.91 -11.20 26.59
CA VAL B 326 -20.03 -10.80 27.69
C VAL B 326 -20.06 -9.29 27.83
N HIS B 327 -20.35 -8.81 29.03
CA HIS B 327 -20.29 -7.38 29.29
C HIS B 327 -18.85 -6.90 29.18
N LEU B 328 -18.70 -5.63 28.77
CA LEU B 328 -17.37 -5.03 28.73
C LEU B 328 -16.76 -5.05 30.13
N TYR B 329 -15.43 -4.87 30.18
CA TYR B 329 -14.71 -4.89 31.45
C TYR B 329 -13.61 -3.83 31.40
N PRO B 330 -13.38 -3.12 32.50
CA PRO B 330 -12.45 -1.98 32.45
C PRO B 330 -11.03 -2.36 32.06
N ILE B 331 -10.66 -3.63 32.16
CA ILE B 331 -9.36 -4.10 31.70
C ILE B 331 -9.58 -4.96 30.46
N ASP B 332 -8.91 -4.61 29.37
CA ASP B 332 -9.18 -5.24 28.09
C ASP B 332 -8.77 -6.70 28.08
N ASP B 333 -7.53 -6.99 28.51
CA ASP B 333 -7.01 -8.35 28.43
C ASP B 333 -7.87 -9.33 29.22
N VAL B 334 -8.36 -8.89 30.39
CA VAL B 334 -9.26 -9.73 31.16
C VAL B 334 -10.54 -9.99 30.39
N TYR B 335 -11.09 -8.96 29.74
CA TYR B 335 -12.29 -9.16 28.95
C TYR B 335 -12.06 -10.19 27.86
N THR B 336 -10.92 -10.11 27.17
CA THR B 336 -10.59 -11.12 26.18
C THR B 336 -10.56 -12.50 26.83
N GLY B 337 -10.01 -12.61 28.04
CA GLY B 337 -9.98 -13.90 28.71
C GLY B 337 -11.37 -14.45 29.02
N MET B 338 -12.28 -13.57 29.45
CA MET B 338 -13.65 -14.01 29.75
C MET B 338 -14.34 -14.54 28.51
N CYS B 339 -14.14 -13.89 27.37
CA CYS B 339 -14.67 -14.42 26.12
C CYS B 339 -14.05 -15.77 25.79
N LEU B 340 -12.79 -15.99 26.19
CA LEU B 340 -12.15 -17.26 25.92
C LEU B 340 -12.80 -18.40 26.69
N GLN B 341 -13.03 -18.21 27.99
CA GLN B 341 -13.64 -19.28 28.75
C GLN B 341 -15.12 -19.43 28.38
N LYS B 342 -15.76 -18.36 27.91
CA LYS B 342 -17.10 -18.49 27.36
C LYS B 342 -17.10 -19.37 26.12
N LEU B 343 -16.00 -19.41 25.40
CA LEU B 343 -15.83 -20.32 24.28
C LEU B 343 -15.30 -21.68 24.71
N GLY B 344 -15.04 -21.87 26.00
CA GLY B 344 -14.49 -23.13 26.46
C GLY B 344 -13.05 -23.35 26.10
N LEU B 345 -12.26 -22.28 26.03
CA LEU B 345 -10.86 -22.36 25.64
C LEU B 345 -10.00 -21.67 26.69
N VAL B 346 -8.72 -22.02 26.68
CA VAL B 346 -7.75 -21.48 27.63
C VAL B 346 -6.55 -20.95 26.84
N PRO B 347 -6.13 -19.72 27.09
CA PRO B 347 -4.91 -19.23 26.43
C PRO B 347 -3.69 -20.01 26.89
N GLU B 348 -2.86 -20.38 25.93
CA GLU B 348 -1.60 -21.07 26.18
C GLU B 348 -0.53 -20.06 26.54
N LYS B 349 0.38 -20.44 27.44
CA LYS B 349 1.50 -19.59 27.79
C LYS B 349 2.66 -19.83 26.84
N HIS B 350 3.51 -18.81 26.72
CA HIS B 350 4.68 -18.88 25.85
C HIS B 350 5.80 -18.09 26.50
N LYS B 351 6.97 -18.73 26.64
CA LYS B 351 8.08 -18.11 27.37
C LYS B 351 8.60 -16.85 26.68
N GLY B 352 8.34 -16.68 25.39
CA GLY B 352 8.87 -15.59 24.61
C GLY B 352 8.12 -14.27 24.66
N PHE B 353 7.19 -14.10 25.59
CA PHE B 353 6.44 -12.85 25.75
C PHE B 353 6.93 -12.17 27.03
N ARG B 354 8.06 -11.47 26.90
CA ARG B 354 8.74 -10.88 28.06
C ARG B 354 8.12 -9.52 28.38
N THR B 355 6.93 -9.57 28.97
CA THR B 355 6.20 -8.35 29.30
C THR B 355 6.80 -7.61 30.49
N PHE B 356 7.80 -8.18 31.17
CA PHE B 356 8.53 -7.50 32.22
C PHE B 356 9.98 -7.27 31.81
N ASP B 357 10.20 -7.11 30.50
CA ASP B 357 11.51 -6.79 29.93
C ASP B 357 12.50 -7.93 30.08
N ILE B 358 13.70 -7.73 29.56
CA ILE B 358 14.80 -8.68 29.66
C ILE B 358 15.59 -8.38 30.93
N GLU B 359 16.05 -9.45 31.61
CA GLU B 359 16.90 -9.27 32.76
C GLU B 359 18.12 -8.42 32.41
N GLU B 360 18.55 -7.60 33.37
CA GLU B 360 19.40 -6.44 33.03
C GLU B 360 20.75 -6.84 32.45
N LYS B 361 21.23 -8.06 32.70
CA LYS B 361 22.49 -8.52 32.13
C LYS B 361 22.44 -8.44 30.61
N ASN B 362 21.58 -9.26 30.00
CA ASN B 362 21.51 -9.38 28.54
C ASN B 362 20.49 -8.44 27.92
N LYS B 363 20.28 -7.25 28.50
CA LYS B 363 19.33 -6.30 27.93
C LYS B 363 19.91 -5.62 26.68
N ASN B 364 21.20 -5.28 26.71
CA ASN B 364 21.81 -4.64 25.56
C ASN B 364 22.73 -5.62 24.82
N ASN B 365 22.16 -6.76 24.43
CA ASN B 365 22.84 -7.76 23.61
C ASN B 365 21.78 -8.37 22.70
N ILE B 366 21.91 -8.13 21.39
CA ILE B 366 20.84 -8.43 20.43
C ILE B 366 20.58 -9.94 20.37
N CYS B 367 21.37 -10.72 21.11
CA CYS B 367 21.16 -12.15 21.13
C CYS B 367 19.91 -12.53 21.92
N SER B 368 19.56 -11.74 22.93
CA SER B 368 18.36 -12.03 23.70
C SER B 368 17.09 -11.85 22.89
N TYR B 369 17.14 -11.06 21.81
CA TYR B 369 15.93 -10.72 21.07
C TYR B 369 15.59 -11.70 19.97
N VAL B 370 16.55 -12.51 19.50
CA VAL B 370 16.20 -13.51 18.49
C VAL B 370 15.42 -14.64 19.13
N ASP B 371 15.62 -14.89 20.43
CA ASP B 371 14.98 -16.01 21.10
C ASP B 371 13.58 -15.70 21.60
N LEU B 372 13.21 -14.43 21.72
CA LEU B 372 11.91 -14.04 22.25
C LEU B 372 10.95 -13.67 21.12
N MET B 373 9.68 -13.50 21.50
CA MET B 373 8.63 -13.05 20.60
C MET B 373 8.37 -11.56 20.74
N LEU B 374 8.11 -11.09 21.96
CA LEU B 374 8.01 -9.66 22.22
C LEU B 374 8.68 -9.32 23.53
N VAL B 375 9.00 -8.04 23.70
CA VAL B 375 9.51 -7.50 24.94
C VAL B 375 8.80 -6.17 25.22
N HIS B 376 8.73 -5.82 26.51
CA HIS B 376 8.03 -4.62 26.94
C HIS B 376 8.88 -3.91 27.99
N SER B 377 9.20 -2.64 27.74
CA SER B 377 8.77 -1.88 26.57
C SER B 377 9.96 -1.15 25.96
N ARG B 378 9.74 -0.54 24.79
CA ARG B 378 10.79 0.18 24.09
C ARG B 378 10.23 1.47 23.51
N LYS B 379 11.11 2.46 23.36
CA LYS B 379 10.84 3.74 22.74
C LYS B 379 11.07 3.67 21.24
N PRO B 380 10.53 4.63 20.46
CA PRO B 380 10.69 4.55 19.00
C PRO B 380 12.13 4.39 18.54
N GLN B 381 13.06 5.12 19.14
CA GLN B 381 14.46 5.01 18.73
C GLN B 381 15.00 3.61 19.01
N GLU B 382 14.65 3.05 20.17
CA GLU B 382 15.13 1.71 20.52
C GLU B 382 14.53 0.66 19.60
N MET B 383 13.27 0.82 19.19
CA MET B 383 12.69 -0.16 18.30
C MET B 383 13.32 -0.10 16.92
N ILE B 384 13.86 1.05 16.54
CA ILE B 384 14.62 1.13 15.29
C ILE B 384 16.04 0.62 15.50
N ASP B 385 16.65 0.98 16.63
CA ASP B 385 17.99 0.50 16.94
C ASP B 385 18.02 -1.01 17.09
N ILE B 386 17.07 -1.56 17.86
CA ILE B 386 17.04 -3.01 18.09
C ILE B 386 16.72 -3.74 16.79
N TRP B 387 15.78 -3.23 16.00
CA TRP B 387 15.40 -3.94 14.79
C TRP B 387 16.53 -3.94 13.77
N SER B 388 17.39 -2.93 13.78
CA SER B 388 18.52 -2.90 12.85
C SER B 388 19.58 -3.92 13.26
N GLN B 389 20.03 -3.86 14.52
CA GLN B 389 21.00 -4.84 15.00
C GLN B 389 20.50 -6.26 14.81
N LEU B 390 19.17 -6.46 14.85
CA LEU B 390 18.61 -7.80 14.74
C LEU B 390 18.86 -8.40 13.36
N GLN B 391 18.79 -7.58 12.30
CA GLN B 391 18.96 -8.08 10.94
C GLN B 391 20.34 -8.66 10.71
N SER B 392 21.33 -8.30 11.53
CA SER B 392 22.66 -8.87 11.46
C SER B 392 22.93 -9.82 12.61
N ALA B 393 21.90 -10.24 13.35
CA ALA B 393 22.12 -11.09 14.51
C ALA B 393 22.67 -12.44 14.09
N HIS B 394 22.18 -13.00 12.98
CA HIS B 394 22.63 -14.32 12.55
C HIS B 394 24.15 -14.38 12.38
N LEU B 395 24.76 -13.30 11.87
CA LEU B 395 26.22 -13.23 11.79
C LEU B 395 26.84 -13.28 13.18
N LYS B 396 26.52 -12.29 14.02
CA LYS B 396 27.06 -12.25 15.38
C LYS B 396 26.57 -13.44 16.20
N CYS B 397 25.28 -13.75 16.10
CA CYS B 397 24.64 -14.65 17.04
C CYS B 397 24.24 -15.96 16.35
N PRO C 55 9.63 29.89 -29.35
CA PRO C 55 9.18 28.49 -29.35
C PRO C 55 7.85 28.29 -28.62
N GLU C 56 6.74 28.33 -29.35
CA GLU C 56 5.42 28.29 -28.73
C GLU C 56 5.18 26.96 -28.01
N ALA C 57 5.53 25.84 -28.64
CA ALA C 57 5.21 24.54 -28.09
C ALA C 57 6.12 24.20 -26.92
N TYR C 58 5.56 23.46 -25.95
CA TYR C 58 6.21 23.28 -24.65
C TYR C 58 7.46 22.43 -24.76
N TRP C 59 7.37 21.27 -25.43
CA TRP C 59 8.53 20.37 -25.47
C TRP C 59 9.71 21.02 -26.17
N ASN C 60 9.47 21.67 -27.32
CA ASN C 60 10.54 22.40 -27.98
C ASN C 60 11.17 23.41 -27.05
N ARG C 61 10.34 24.22 -26.38
CA ARG C 61 10.84 25.29 -25.53
C ARG C 61 11.72 24.76 -24.41
N GLU C 62 11.28 23.70 -23.73
CA GLU C 62 12.04 23.20 -22.60
C GLU C 62 13.29 22.45 -23.05
N GLN C 63 13.23 21.79 -24.21
CA GLN C 63 14.43 21.17 -24.76
C GLN C 63 15.44 22.22 -25.19
N GLU C 64 14.96 23.34 -25.75
CA GLU C 64 15.86 24.45 -26.03
C GLU C 64 16.52 24.95 -24.75
N LYS C 65 15.73 25.14 -23.69
CA LYS C 65 16.29 25.44 -22.38
C LYS C 65 17.29 24.38 -21.95
N LEU C 66 17.07 23.13 -22.36
CA LEU C 66 17.94 22.03 -21.95
C LEU C 66 19.24 22.03 -22.74
N ASN C 67 19.19 22.38 -24.03
CA ASN C 67 20.41 22.47 -24.82
C ASN C 67 21.32 23.56 -24.28
N ARG C 68 20.76 24.75 -24.04
CA ARG C 68 21.55 25.83 -23.47
C ARG C 68 22.20 25.40 -22.17
N GLN C 69 21.47 24.67 -21.32
CA GLN C 69 22.03 24.22 -20.05
C GLN C 69 23.29 23.40 -20.25
N TYR C 70 23.33 22.57 -21.30
CA TYR C 70 24.41 21.61 -21.49
C TYR C 70 25.52 22.11 -22.41
N ASN C 71 25.30 23.23 -23.12
CA ASN C 71 26.33 23.78 -24.01
C ASN C 71 27.37 24.54 -23.19
N PRO C 72 28.67 24.32 -23.46
CA PRO C 72 29.70 24.99 -22.65
C PRO C 72 29.63 26.51 -22.71
N ILE C 73 29.39 27.07 -23.90
CA ILE C 73 29.26 28.52 -24.00
C ILE C 73 27.89 28.96 -23.50
N LEU C 74 26.82 28.42 -24.11
CA LEU C 74 25.48 28.92 -23.85
C LEU C 74 25.01 28.69 -22.42
N SER C 75 25.65 27.78 -21.67
CA SER C 75 25.27 27.60 -20.26
C SER C 75 25.47 28.88 -19.47
N MET C 76 26.62 29.54 -19.65
CA MET C 76 26.92 30.79 -18.97
C MET C 76 25.93 31.87 -19.36
N LEU C 77 24.65 31.65 -19.05
CA LEU C 77 23.54 32.56 -19.33
C LEU C 77 23.73 33.44 -20.56
N ILE C 90 19.73 19.00 -12.38
CA ILE C 90 19.10 17.68 -12.30
C ILE C 90 17.62 17.83 -11.96
N SER C 91 17.15 19.09 -11.91
CA SER C 91 15.73 19.39 -11.74
C SER C 91 14.92 19.10 -12.97
N HIS C 92 15.53 18.51 -14.00
CA HIS C 92 14.81 17.88 -15.09
C HIS C 92 14.88 16.36 -15.03
N LEU C 93 15.50 15.81 -13.99
CA LEU C 93 15.63 14.36 -13.86
C LEU C 93 15.11 13.86 -12.51
N ASN C 94 15.22 14.68 -11.47
CA ASN C 94 14.93 14.27 -10.11
C ASN C 94 13.79 15.03 -9.45
N TYR C 95 13.13 15.95 -10.15
CA TYR C 95 12.02 16.71 -9.58
C TYR C 95 10.78 15.84 -9.65
N CYS C 96 10.47 15.17 -8.54
CA CYS C 96 9.42 14.15 -8.54
C CYS C 96 8.16 14.61 -7.82
N GLU C 97 7.99 15.91 -7.64
CA GLU C 97 6.71 16.52 -7.33
C GLU C 97 6.08 17.05 -8.60
N PRO C 98 4.76 17.25 -8.62
CA PRO C 98 4.11 17.71 -9.86
C PRO C 98 4.56 19.11 -10.25
N ASP C 99 4.94 19.26 -11.51
CA ASP C 99 5.32 20.55 -12.07
C ASP C 99 4.04 21.30 -12.40
N LEU C 100 3.53 22.06 -11.41
CA LEU C 100 2.28 22.80 -11.59
C LEU C 100 2.42 23.95 -12.57
N ARG C 101 3.64 24.33 -12.93
CA ARG C 101 3.86 25.45 -13.85
C ARG C 101 3.21 25.19 -15.21
N VAL C 102 3.12 23.92 -15.62
CA VAL C 102 2.56 23.61 -16.93
C VAL C 102 1.09 24.01 -17.04
N THR C 103 0.40 24.17 -15.91
CA THR C 103 -1.00 24.56 -15.96
C THR C 103 -1.15 26.00 -16.43
N SER C 104 -0.20 26.86 -16.10
CA SER C 104 -0.25 28.26 -16.47
C SER C 104 0.37 28.54 -17.82
N VAL C 105 1.26 27.66 -18.30
CA VAL C 105 2.08 27.92 -19.47
C VAL C 105 1.58 27.15 -20.69
N VAL C 106 1.18 25.90 -20.51
CA VAL C 106 0.61 25.15 -21.62
C VAL C 106 -0.83 25.60 -21.82
N THR C 107 -1.10 26.19 -22.99
CA THR C 107 -2.43 26.70 -23.26
C THR C 107 -3.43 25.57 -23.37
N GLY C 108 -4.58 25.73 -22.72
CA GLY C 108 -5.61 24.70 -22.75
C GLY C 108 -5.20 23.43 -22.04
N PHE C 109 -4.36 23.53 -21.01
CA PHE C 109 -3.93 22.35 -20.28
C PHE C 109 -5.12 21.57 -19.74
N ASN C 110 -6.12 22.28 -19.19
CA ASN C 110 -7.25 21.62 -18.56
C ASN C 110 -8.05 20.76 -19.54
N ASN C 111 -7.94 21.03 -20.84
CA ASN C 111 -8.65 20.26 -21.85
C ASN C 111 -7.77 19.21 -22.52
N LEU C 112 -6.50 19.11 -22.16
CA LEU C 112 -5.67 18.03 -22.67
C LEU C 112 -6.11 16.70 -22.06
N PRO C 113 -6.12 15.62 -22.84
CA PRO C 113 -6.40 14.29 -22.27
C PRO C 113 -5.46 13.97 -21.11
N ASP C 114 -5.94 13.10 -20.21
CA ASP C 114 -5.26 12.88 -18.94
C ASP C 114 -3.83 12.38 -19.13
N ARG C 115 -3.57 11.62 -20.19
CA ARG C 115 -2.20 11.14 -20.40
C ARG C 115 -1.26 12.30 -20.67
N PHE C 116 -1.72 13.31 -21.42
CA PHE C 116 -0.91 14.51 -21.63
C PHE C 116 -0.74 15.30 -20.35
N LYS C 117 -1.77 15.30 -19.49
CA LYS C 117 -1.68 16.01 -18.22
C LYS C 117 -0.62 15.36 -17.32
N ASP C 118 -0.76 14.05 -17.06
CA ASP C 118 0.22 13.37 -16.22
C ASP C 118 1.61 13.43 -16.81
N PHE C 119 1.71 13.40 -18.14
CA PHE C 119 3.01 13.51 -18.78
C PHE C 119 3.66 14.85 -18.49
N LEU C 120 2.93 15.95 -18.74
CA LEU C 120 3.50 17.28 -18.51
C LEU C 120 3.79 17.52 -17.03
N LEU C 121 3.01 16.93 -16.13
CA LEU C 121 3.17 17.22 -14.71
C LEU C 121 4.38 16.52 -14.10
N TYR C 122 4.74 15.33 -14.58
CA TYR C 122 5.79 14.53 -13.97
C TYR C 122 6.96 14.33 -14.92
N LEU C 123 7.14 15.25 -15.87
CA LEU C 123 8.18 15.12 -16.87
C LEU C 123 9.58 15.17 -16.25
N ARG C 124 9.77 16.03 -15.26
CA ARG C 124 11.09 16.27 -14.67
C ARG C 124 11.53 15.18 -13.69
N CYS C 125 10.91 14.00 -13.71
CA CYS C 125 11.28 12.94 -12.77
C CYS C 125 11.57 11.66 -13.54
N ARG C 126 12.76 11.08 -13.28
CA ARG C 126 13.08 9.73 -13.72
C ARG C 126 13.85 8.99 -12.63
N ASN C 127 13.69 9.40 -11.38
CA ASN C 127 14.32 8.74 -10.23
C ASN C 127 13.41 7.61 -9.77
N TYR C 128 13.44 6.50 -10.51
CA TYR C 128 12.59 5.35 -10.26
C TYR C 128 13.44 4.11 -10.04
N SER C 129 13.17 3.39 -8.95
CA SER C 129 14.04 2.32 -8.49
C SER C 129 13.63 0.98 -9.09
N LEU C 130 14.58 0.03 -9.07
CA LEU C 130 14.35 -1.32 -9.56
C LEU C 130 13.66 -2.15 -8.48
N LEU C 131 12.44 -2.60 -8.75
CA LEU C 131 11.74 -3.42 -7.78
C LEU C 131 12.11 -4.89 -7.92
N ILE C 132 12.38 -5.34 -9.14
CA ILE C 132 12.80 -6.71 -9.41
C ILE C 132 13.99 -6.67 -10.34
N ASP C 133 15.15 -7.17 -9.87
CA ASP C 133 16.37 -7.16 -10.65
C ASP C 133 16.84 -8.58 -10.92
N GLN C 134 17.59 -8.74 -12.01
CA GLN C 134 18.27 -9.98 -12.35
C GLN C 134 19.77 -9.68 -12.42
N PRO C 135 20.42 -9.47 -11.27
CA PRO C 135 21.83 -9.05 -11.29
C PRO C 135 22.74 -9.95 -12.11
N ASP C 136 22.61 -11.27 -11.96
CA ASP C 136 23.49 -12.22 -12.62
C ASP C 136 23.09 -12.48 -14.07
N LYS C 137 22.22 -11.64 -14.65
CA LYS C 137 21.76 -11.90 -16.01
C LYS C 137 22.90 -11.89 -17.01
N CYS C 138 23.84 -10.96 -16.84
CA CYS C 138 24.92 -10.80 -17.80
C CYS C 138 26.28 -11.17 -17.21
N ALA C 139 26.29 -11.96 -16.13
CA ALA C 139 27.53 -12.43 -15.55
C ALA C 139 28.42 -13.11 -16.59
N LYS C 140 27.81 -13.89 -17.48
CA LYS C 140 28.49 -14.38 -18.66
C LYS C 140 28.27 -13.40 -19.79
N LYS C 141 29.35 -12.96 -20.42
CA LYS C 141 29.26 -11.91 -21.42
C LYS C 141 28.34 -12.34 -22.56
N PRO C 142 27.30 -11.57 -22.87
CA PRO C 142 26.38 -11.95 -23.94
C PRO C 142 26.76 -11.37 -25.29
N PHE C 143 26.54 -12.16 -26.34
CA PHE C 143 26.65 -11.65 -27.69
C PHE C 143 25.40 -10.88 -28.09
N LEU C 144 24.26 -11.22 -27.49
CA LEU C 144 22.98 -10.61 -27.84
C LEU C 144 22.10 -10.57 -26.60
N LEU C 145 21.69 -9.37 -26.21
CA LEU C 145 20.73 -9.19 -25.13
C LEU C 145 19.34 -8.98 -25.72
N LEU C 146 18.39 -9.78 -25.29
CA LEU C 146 17.00 -9.69 -25.75
C LEU C 146 16.20 -8.94 -24.68
N ALA C 147 15.81 -7.70 -24.99
CA ALA C 147 15.03 -6.88 -24.07
C ALA C 147 13.64 -6.70 -24.67
N ILE C 148 12.63 -7.26 -24.02
CA ILE C 148 11.27 -7.28 -24.53
C ILE C 148 10.41 -6.40 -23.64
N LYS C 149 9.76 -5.41 -24.26
CA LYS C 149 8.78 -4.59 -23.56
C LYS C 149 7.51 -5.39 -23.32
N SER C 150 7.02 -5.36 -22.08
CA SER C 150 5.83 -6.14 -21.74
C SER C 150 5.07 -5.47 -20.60
N LEU C 151 3.80 -5.87 -20.47
CA LEU C 151 2.93 -5.46 -19.38
C LEU C 151 2.66 -6.64 -18.46
N THR C 152 2.37 -6.36 -17.20
CA THR C 152 2.26 -7.40 -16.19
C THR C 152 1.35 -8.56 -16.60
N PRO C 153 0.11 -8.36 -17.02
CA PRO C 153 -0.77 -9.50 -17.29
C PRO C 153 -0.43 -10.25 -18.57
N HIS C 154 0.54 -9.79 -19.37
CA HIS C 154 0.93 -10.50 -20.58
C HIS C 154 1.72 -11.76 -20.26
N PHE C 155 1.17 -12.65 -19.44
CA PHE C 155 1.90 -13.85 -19.04
C PHE C 155 2.09 -14.81 -20.20
N ALA C 156 1.06 -14.95 -21.04
CA ALA C 156 1.14 -15.89 -22.15
C ALA C 156 2.06 -15.39 -23.25
N ARG C 157 2.09 -14.06 -23.47
CA ARG C 157 3.02 -13.49 -24.44
C ARG C 157 4.46 -13.81 -24.08
N ARG C 158 4.82 -13.61 -22.82
CA ARG C 158 6.19 -13.81 -22.41
C ARG C 158 6.57 -15.28 -22.46
N GLN C 159 5.72 -16.15 -21.93
CA GLN C 159 6.03 -17.58 -21.90
C GLN C 159 6.18 -18.15 -23.30
N ALA C 160 5.36 -17.67 -24.24
CA ALA C 160 5.48 -18.13 -25.62
C ALA C 160 6.82 -17.71 -26.21
N ILE C 161 7.28 -16.50 -25.91
CA ILE C 161 8.59 -16.05 -26.37
C ILE C 161 9.69 -16.91 -25.76
N ARG C 162 9.61 -17.13 -24.44
CA ARG C 162 10.56 -18.00 -23.73
C ARG C 162 10.75 -19.34 -24.44
N GLU C 163 9.69 -19.86 -25.07
CA GLU C 163 9.75 -21.15 -25.73
C GLU C 163 10.14 -21.03 -27.21
N SER C 164 9.71 -19.96 -27.87
CA SER C 164 9.95 -19.85 -29.31
C SER C 164 11.28 -19.16 -29.60
N TRP C 165 11.26 -17.86 -29.84
CA TRP C 165 12.43 -17.15 -30.34
C TRP C 165 13.23 -16.43 -29.25
N GLY C 166 12.81 -16.51 -28.00
CA GLY C 166 13.54 -15.83 -26.95
C GLY C 166 14.35 -16.78 -26.10
N GLN C 167 14.65 -17.95 -26.65
CA GLN C 167 15.42 -18.95 -25.92
C GLN C 167 16.79 -18.41 -25.57
N GLU C 168 17.26 -18.73 -24.36
CA GLU C 168 18.59 -18.35 -23.90
C GLU C 168 19.53 -19.53 -24.09
N SER C 169 20.73 -19.27 -24.63
CA SER C 169 21.67 -20.32 -24.96
C SER C 169 23.10 -19.87 -24.70
N ASN C 170 23.90 -20.78 -24.14
CA ASN C 170 25.33 -20.52 -23.87
C ASN C 170 26.23 -20.98 -25.02
N GLY C 172 28.93 -20.98 -29.34
CA GLY C 172 29.65 -21.07 -28.08
C GLY C 172 29.79 -19.73 -27.38
N ASN C 173 30.58 -18.84 -27.99
CA ASN C 173 30.71 -17.48 -27.45
C ASN C 173 29.43 -16.68 -27.62
N GLN C 174 28.61 -17.04 -28.61
CA GLN C 174 27.39 -16.30 -28.92
C GLN C 174 26.28 -16.61 -27.91
N THR C 175 26.56 -16.27 -26.66
CA THR C 175 25.55 -16.35 -25.60
C THR C 175 24.43 -15.35 -25.86
N VAL C 176 23.18 -15.84 -25.76
CA VAL C 176 21.99 -15.02 -25.97
C VAL C 176 21.19 -15.03 -24.67
N VAL C 177 20.88 -13.85 -24.15
CA VAL C 177 20.10 -13.73 -22.92
C VAL C 177 18.85 -12.90 -23.19
N ARG C 178 17.89 -13.00 -22.28
CA ARG C 178 16.58 -12.39 -22.47
C ARG C 178 16.09 -11.79 -21.17
N VAL C 179 15.61 -10.54 -21.24
CA VAL C 179 14.95 -9.89 -20.11
C VAL C 179 13.64 -9.28 -20.61
N PHE C 180 12.66 -9.24 -19.72
CA PHE C 180 11.40 -8.55 -19.96
C PHE C 180 11.37 -7.26 -19.14
N LEU C 181 10.91 -6.18 -19.76
CA LEU C 181 10.95 -4.84 -19.16
C LEU C 181 9.53 -4.44 -18.76
N LEU C 182 9.30 -4.39 -17.46
CA LEU C 182 7.97 -4.12 -16.93
C LEU C 182 8.00 -2.92 -15.99
N GLY C 183 6.94 -2.13 -16.02
CA GLY C 183 6.68 -1.13 -14.99
C GLY C 183 5.73 -1.67 -13.95
N GLN C 184 4.82 -0.83 -13.50
CA GLN C 184 3.80 -1.23 -12.56
C GLN C 184 2.42 -0.96 -13.15
N THR C 185 1.51 -1.90 -12.93
CA THR C 185 0.09 -1.76 -13.23
C THR C 185 -0.64 -1.66 -11.90
N PRO C 186 -0.61 -0.49 -11.25
CA PRO C 186 -0.99 -0.40 -9.85
C PRO C 186 -2.51 -0.40 -9.67
N PRO C 187 -3.00 -0.67 -8.46
CA PRO C 187 -4.46 -0.78 -8.26
C PRO C 187 -5.20 0.54 -8.42
N GLU C 188 -4.56 1.67 -8.11
CA GLU C 188 -5.20 2.97 -8.21
C GLU C 188 -5.73 3.24 -9.61
N ASP C 189 -5.15 2.61 -10.63
CA ASP C 189 -5.67 2.67 -11.99
C ASP C 189 -6.60 1.51 -12.31
N ASN C 190 -7.18 0.88 -11.28
CA ASN C 190 -8.14 -0.21 -11.44
C ASN C 190 -7.50 -1.42 -12.13
N HIS C 191 -6.21 -1.67 -11.82
CA HIS C 191 -5.64 -2.87 -12.39
C HIS C 191 -5.82 -4.05 -11.44
N PRO C 192 -5.93 -5.25 -11.98
CA PRO C 192 -5.94 -6.43 -11.11
C PRO C 192 -4.56 -6.68 -10.54
N ASP C 193 -4.51 -7.00 -9.25
CA ASP C 193 -3.25 -7.24 -8.55
C ASP C 193 -2.70 -8.60 -8.98
N LEU C 194 -1.70 -8.58 -9.84
CA LEU C 194 -1.02 -9.80 -10.29
C LEU C 194 0.43 -9.84 -9.82
N SER C 195 0.71 -9.14 -8.72
CA SER C 195 2.08 -9.06 -8.22
C SER C 195 2.57 -10.43 -7.73
N ASP C 196 1.76 -11.11 -6.93
CA ASP C 196 2.16 -12.43 -6.45
C ASP C 196 2.40 -13.40 -7.60
N MET C 197 1.64 -13.26 -8.68
CA MET C 197 1.88 -14.10 -9.86
C MET C 197 3.14 -13.69 -10.60
N LEU C 198 3.37 -12.38 -10.73
CA LEU C 198 4.56 -11.91 -11.43
C LEU C 198 5.82 -12.33 -10.68
N LYS C 199 5.78 -12.29 -9.35
CA LYS C 199 6.95 -12.70 -8.58
C LYS C 199 7.24 -14.18 -8.74
N PHE C 200 6.19 -15.01 -8.77
CA PHE C 200 6.36 -16.42 -9.09
C PHE C 200 7.02 -16.60 -10.45
N GLU C 201 6.58 -15.82 -11.44
CA GLU C 201 7.18 -15.88 -12.77
C GLU C 201 8.67 -15.54 -12.74
N SER C 202 9.05 -14.56 -11.91
CA SER C 202 10.45 -14.16 -11.82
C SER C 202 11.30 -15.26 -11.20
N GLU C 203 10.85 -15.81 -10.06
CA GLU C 203 11.57 -16.92 -9.45
C GLU C 203 11.76 -18.05 -10.45
N LYS C 204 10.74 -18.35 -11.24
CA LYS C 204 10.79 -19.51 -12.13
C LYS C 204 11.64 -19.26 -13.37
N HIS C 205 11.68 -18.02 -13.86
CA HIS C 205 12.31 -17.76 -15.14
C HIS C 205 13.46 -16.75 -15.09
N GLN C 206 13.63 -16.03 -13.98
CA GLN C 206 14.84 -15.25 -13.72
C GLN C 206 15.10 -14.22 -14.83
N ASP C 207 14.02 -13.64 -15.37
CA ASP C 207 14.18 -12.75 -16.51
C ASP C 207 13.22 -11.56 -16.47
N ILE C 208 12.69 -11.22 -15.31
CA ILE C 208 11.76 -10.11 -15.18
C ILE C 208 12.50 -8.91 -14.60
N LEU C 209 12.41 -7.77 -15.28
CA LEU C 209 12.93 -6.50 -14.78
C LEU C 209 11.75 -5.57 -14.56
N MET C 210 11.57 -5.12 -13.32
CA MET C 210 10.41 -4.32 -12.96
C MET C 210 10.85 -3.08 -12.18
N TRP C 211 10.48 -1.90 -12.66
CA TRP C 211 10.76 -0.63 -12.02
C TRP C 211 9.49 -0.07 -11.39
N ASN C 212 9.67 0.87 -10.46
CA ASN C 212 8.55 1.49 -9.76
C ASN C 212 8.11 2.73 -10.52
N TYR C 213 7.16 2.56 -11.45
CA TYR C 213 6.57 3.66 -12.20
C TYR C 213 5.37 3.14 -12.98
N ARG C 214 4.41 4.02 -13.24
CA ARG C 214 3.19 3.64 -13.93
C ARG C 214 3.50 3.24 -15.37
N ASP C 215 3.37 1.95 -15.68
CA ASP C 215 3.68 1.46 -17.02
C ASP C 215 2.55 1.85 -17.98
N THR C 216 2.60 3.07 -18.47
CA THR C 216 1.62 3.57 -19.42
C THR C 216 2.23 3.76 -20.81
N PHE C 217 1.35 4.03 -21.78
CA PHE C 217 1.81 4.29 -23.13
C PHE C 217 2.78 5.46 -23.18
N PHE C 218 2.34 6.64 -22.74
CA PHE C 218 3.16 7.85 -22.77
C PHE C 218 4.34 7.80 -21.82
N ASN C 219 4.50 6.71 -21.06
CA ASN C 219 5.65 6.51 -20.18
C ASN C 219 6.66 5.54 -20.75
N LEU C 220 6.57 5.19 -22.03
CA LEU C 220 7.47 4.19 -22.59
C LEU C 220 8.87 4.73 -22.80
N SER C 221 9.03 6.05 -22.94
CA SER C 221 10.37 6.64 -22.92
C SER C 221 11.07 6.33 -21.61
N LEU C 222 10.33 6.41 -20.50
CA LEU C 222 10.87 6.05 -19.20
C LEU C 222 11.39 4.61 -19.20
N LYS C 223 10.61 3.69 -19.77
CA LYS C 223 11.03 2.30 -19.87
C LYS C 223 12.38 2.19 -20.58
N GLU C 224 12.60 3.03 -21.59
CA GLU C 224 13.85 3.00 -22.33
C GLU C 224 15.02 3.53 -21.50
N VAL C 225 14.84 4.71 -20.91
CA VAL C 225 15.93 5.31 -20.13
C VAL C 225 16.31 4.41 -18.97
N LEU C 226 15.32 3.88 -18.25
CA LEU C 226 15.64 3.00 -17.14
C LEU C 226 16.32 1.72 -17.61
N PHE C 227 15.95 1.21 -18.79
CA PHE C 227 16.59 0.01 -19.30
C PHE C 227 18.01 0.29 -19.76
N LEU C 228 18.21 1.40 -20.48
CA LEU C 228 19.55 1.82 -20.86
C LEU C 228 20.44 1.98 -19.64
N ARG C 229 19.90 2.56 -18.57
CA ARG C 229 20.60 2.60 -17.30
C ARG C 229 20.95 1.20 -16.82
N TRP C 230 20.00 0.26 -16.91
CA TRP C 230 20.26 -1.10 -16.42
C TRP C 230 21.37 -1.77 -17.22
N VAL C 231 21.40 -1.56 -18.53
CA VAL C 231 22.52 -2.05 -19.33
C VAL C 231 23.81 -1.42 -18.87
N SER C 232 23.80 -0.12 -18.59
CA SER C 232 25.01 0.57 -18.18
C SER C 232 25.60 -0.03 -16.90
N THR C 233 24.75 -0.31 -15.91
CA THR C 233 25.24 -0.83 -14.64
C THR C 233 25.43 -2.34 -14.67
N SER C 234 24.42 -3.07 -15.13
CA SER C 234 24.34 -4.51 -14.91
C SER C 234 24.61 -5.35 -16.16
N CYS C 235 24.78 -4.73 -17.32
CA CYS C 235 25.11 -5.50 -18.52
C CYS C 235 25.90 -4.68 -19.51
N PRO C 236 26.98 -4.01 -19.11
CA PRO C 236 27.66 -3.07 -20.02
C PRO C 236 28.36 -3.76 -21.17
N ASP C 237 28.76 -5.02 -21.00
CA ASP C 237 29.63 -5.71 -21.93
C ASP C 237 28.88 -6.52 -22.99
N THR C 238 27.55 -6.39 -23.06
CA THR C 238 26.82 -7.04 -24.14
C THR C 238 27.25 -6.44 -25.48
N GLU C 239 27.43 -7.30 -26.48
CA GLU C 239 27.87 -6.82 -27.77
C GLU C 239 26.73 -6.21 -28.57
N PHE C 240 25.53 -6.74 -28.41
CA PHE C 240 24.39 -6.22 -29.14
C PHE C 240 23.16 -6.32 -28.24
N VAL C 241 22.11 -5.62 -28.66
CA VAL C 241 20.87 -5.54 -27.91
C VAL C 241 19.73 -5.51 -28.91
N PHE C 242 18.79 -6.45 -28.76
CA PHE C 242 17.50 -6.33 -29.42
C PHE C 242 16.49 -5.78 -28.42
N LYS C 243 15.64 -4.88 -28.89
CA LYS C 243 14.62 -4.27 -28.05
C LYS C 243 13.32 -4.29 -28.83
N GLY C 244 12.32 -5.01 -28.33
CA GLY C 244 11.08 -5.15 -29.07
C GLY C 244 9.87 -5.39 -28.19
N ASP C 245 8.71 -5.41 -28.84
CA ASP C 245 7.45 -5.69 -28.18
C ASP C 245 7.32 -7.19 -27.91
N ASP C 246 6.30 -7.54 -27.12
CA ASP C 246 6.05 -8.94 -26.79
C ASP C 246 5.01 -9.59 -27.68
N ASP C 247 4.50 -8.88 -28.69
CA ASP C 247 3.58 -9.44 -29.68
C ASP C 247 4.20 -9.42 -31.07
N VAL C 248 5.52 -9.54 -31.13
CA VAL C 248 6.27 -9.48 -32.37
C VAL C 248 7.03 -10.78 -32.52
N PHE C 249 6.96 -11.39 -33.71
CA PHE C 249 7.84 -12.50 -34.01
C PHE C 249 9.18 -11.99 -34.50
N VAL C 250 10.25 -12.53 -33.94
CA VAL C 250 11.61 -12.15 -34.27
C VAL C 250 12.36 -13.41 -34.69
N ASN C 251 12.81 -13.44 -35.95
CA ASN C 251 13.68 -14.53 -36.38
C ASN C 251 15.05 -14.39 -35.71
N THR C 252 15.16 -14.91 -34.48
CA THR C 252 16.41 -14.79 -33.75
C THR C 252 17.57 -15.42 -34.51
N HIS C 253 17.29 -16.46 -35.30
CA HIS C 253 18.34 -17.11 -36.08
C HIS C 253 18.90 -16.15 -37.13
N HIS C 254 18.02 -15.59 -37.97
CA HIS C 254 18.44 -14.60 -38.96
C HIS C 254 19.17 -13.44 -38.29
N ILE C 255 18.81 -13.10 -37.06
CA ILE C 255 19.47 -12.00 -36.36
C ILE C 255 20.94 -12.34 -36.13
N LEU C 256 21.21 -13.46 -35.46
CA LEU C 256 22.59 -13.86 -35.18
C LEU C 256 23.40 -14.04 -36.45
N ASN C 257 22.75 -14.47 -37.54
CA ASN C 257 23.44 -14.55 -38.82
C ASN C 257 23.86 -13.18 -39.31
N TYR C 258 22.90 -12.24 -39.40
CA TYR C 258 23.20 -10.88 -39.82
C TYR C 258 24.30 -10.26 -38.96
N LEU C 259 24.20 -10.44 -37.63
CA LEU C 259 25.17 -9.83 -36.73
C LEU C 259 26.57 -10.35 -36.99
N ASN C 260 26.70 -11.64 -37.31
CA ASN C 260 28.01 -12.21 -37.59
C ASN C 260 28.53 -11.81 -38.97
N SER C 261 27.66 -11.36 -39.87
CA SER C 261 28.06 -10.88 -41.18
C SER C 261 28.52 -9.43 -41.16
N LEU C 262 28.87 -8.91 -39.99
CA LEU C 262 29.12 -7.48 -39.81
C LEU C 262 30.60 -7.23 -39.58
N SER C 263 31.16 -6.30 -40.35
CA SER C 263 32.51 -5.82 -40.10
C SER C 263 32.55 -5.06 -38.78
N LYS C 264 33.72 -5.08 -38.14
CA LYS C 264 33.87 -4.37 -36.87
C LYS C 264 33.60 -2.88 -37.01
N THR C 265 33.55 -2.35 -38.23
CA THR C 265 33.12 -0.97 -38.45
C THR C 265 31.62 -0.88 -38.20
N LYS C 266 30.82 -1.55 -39.06
CA LYS C 266 29.38 -1.47 -38.97
C LYS C 266 28.83 -2.09 -37.70
N ALA C 267 29.67 -2.74 -36.89
CA ALA C 267 29.22 -3.51 -35.75
C ALA C 267 29.31 -2.75 -34.42
N LYS C 268 29.94 -1.58 -34.40
CA LYS C 268 30.07 -0.84 -33.15
C LYS C 268 29.20 0.41 -33.10
N ASP C 269 28.80 0.96 -34.25
CA ASP C 269 27.76 1.98 -34.30
C ASP C 269 26.49 1.44 -34.93
N LEU C 270 26.23 0.15 -34.74
CA LEU C 270 25.07 -0.49 -35.36
C LEU C 270 23.78 -0.03 -34.70
N PHE C 271 22.81 0.36 -35.53
CA PHE C 271 21.45 0.65 -35.07
C PHE C 271 20.55 0.59 -36.31
N ILE C 272 19.95 -0.57 -36.52
CA ILE C 272 19.07 -0.78 -37.66
C ILE C 272 17.64 -1.04 -37.18
N GLY C 273 16.71 -0.96 -38.13
CA GLY C 273 15.31 -1.18 -37.83
C GLY C 273 14.46 -0.66 -38.98
N ASP C 274 13.14 -0.66 -38.76
CA ASP C 274 12.21 -0.08 -39.72
C ASP C 274 12.22 1.44 -39.48
N VAL C 275 13.13 2.12 -40.17
CA VAL C 275 13.43 3.51 -39.92
C VAL C 275 12.49 4.40 -40.73
N ILE C 276 11.89 5.39 -40.07
CA ILE C 276 10.97 6.33 -40.70
C ILE C 276 11.66 7.68 -40.81
N HIS C 277 11.65 8.25 -42.02
CA HIS C 277 12.12 9.60 -42.28
C HIS C 277 10.93 10.49 -42.60
N ASN C 278 11.19 11.80 -42.69
CA ASN C 278 10.19 12.77 -43.15
C ASN C 278 8.95 12.76 -42.26
N ALA C 279 9.11 12.40 -40.99
CA ALA C 279 7.97 12.09 -40.13
C ALA C 279 7.65 13.27 -39.20
N GLY C 280 6.36 13.48 -38.98
CA GLY C 280 5.90 14.50 -38.07
C GLY C 280 4.79 13.97 -37.18
N PRO C 281 4.35 14.80 -36.23
CA PRO C 281 3.35 14.33 -35.27
C PRO C 281 1.96 14.24 -35.90
N HIS C 282 1.20 13.23 -35.48
CA HIS C 282 -0.21 13.16 -35.82
C HIS C 282 -0.97 14.24 -35.06
N ARG C 283 -1.83 14.97 -35.77
CA ARG C 283 -2.59 16.04 -35.15
C ARG C 283 -4.09 15.76 -35.10
N ASP C 284 -4.51 14.56 -35.50
CA ASP C 284 -5.91 14.18 -35.40
C ASP C 284 -6.19 13.73 -33.97
N LYS C 285 -7.13 14.42 -33.31
CA LYS C 285 -7.35 14.20 -31.89
C LYS C 285 -7.80 12.77 -31.59
N LYS C 286 -8.19 12.00 -32.59
CA LYS C 286 -8.70 10.66 -32.37
C LYS C 286 -7.61 9.59 -32.41
N LEU C 287 -6.48 9.87 -33.04
CA LEU C 287 -5.47 8.84 -33.23
C LEU C 287 -4.75 8.53 -31.91
N LYS C 288 -4.20 7.32 -31.85
CA LYS C 288 -3.41 6.90 -30.69
C LYS C 288 -2.15 7.75 -30.55
N TYR C 289 -1.51 8.10 -31.67
CA TYR C 289 -0.27 8.86 -31.67
C TYR C 289 -0.49 10.36 -31.81
N TYR C 290 -1.68 10.84 -31.46
CA TYR C 290 -1.98 12.26 -31.54
C TYR C 290 -1.08 13.05 -30.61
N ILE C 291 -0.49 14.12 -31.14
CA ILE C 291 0.31 15.05 -30.36
C ILE C 291 -0.13 16.46 -30.73
N PRO C 292 -0.68 17.24 -29.81
CA PRO C 292 -1.19 18.56 -30.17
C PRO C 292 -0.06 19.57 -30.34
N GLU C 293 -0.37 20.62 -31.11
CA GLU C 293 0.62 21.66 -31.41
C GLU C 293 1.12 22.35 -30.16
N VAL C 294 0.34 22.35 -29.08
CA VAL C 294 0.80 22.97 -27.84
C VAL C 294 1.94 22.19 -27.21
N VAL C 295 2.13 20.94 -27.60
CA VAL C 295 3.15 20.07 -27.02
C VAL C 295 4.40 20.01 -27.87
N TYR C 296 4.25 19.77 -29.17
CA TYR C 296 5.41 19.58 -30.04
C TYR C 296 5.15 20.19 -31.41
N SER C 297 6.08 21.03 -31.85
CA SER C 297 6.02 21.64 -33.18
C SER C 297 7.24 21.18 -33.97
N GLY C 298 7.02 20.83 -35.23
CA GLY C 298 8.11 20.46 -36.12
C GLY C 298 8.07 18.99 -36.49
N LEU C 299 9.06 18.59 -37.28
CA LEU C 299 9.19 17.22 -37.71
C LEU C 299 9.80 16.36 -36.60
N TYR C 300 9.64 15.03 -36.75
CA TYR C 300 10.40 14.09 -35.95
C TYR C 300 11.73 13.78 -36.63
N PRO C 301 12.77 13.44 -35.88
CA PRO C 301 14.01 13.01 -36.50
C PRO C 301 13.83 11.68 -37.20
N PRO C 302 14.88 11.11 -37.78
CA PRO C 302 14.83 9.70 -38.18
C PRO C 302 14.81 8.83 -36.93
N TYR C 303 13.79 7.97 -36.83
CA TYR C 303 13.67 7.04 -35.71
C TYR C 303 13.30 5.67 -36.25
N ALA C 304 13.77 4.64 -35.56
CA ALA C 304 13.37 3.27 -35.87
C ALA C 304 12.06 2.99 -35.14
N GLY C 305 10.96 3.06 -35.87
CA GLY C 305 9.65 2.82 -35.31
C GLY C 305 9.35 1.35 -35.13
N GLY C 306 8.18 0.92 -35.60
CA GLY C 306 7.72 -0.45 -35.58
C GLY C 306 7.82 -1.10 -34.19
N GLY C 307 7.85 -2.44 -34.22
CA GLY C 307 7.84 -3.22 -33.01
C GLY C 307 9.20 -3.64 -32.50
N GLY C 308 10.28 -3.12 -33.06
CA GLY C 308 11.60 -3.49 -32.56
C GLY C 308 12.72 -2.89 -33.38
N PHE C 309 13.90 -2.90 -32.78
CA PHE C 309 15.13 -2.56 -33.48
C PHE C 309 16.29 -3.28 -32.78
N LEU C 310 17.47 -3.19 -33.38
CA LEU C 310 18.63 -3.92 -32.92
C LEU C 310 19.86 -3.04 -33.07
N TYR C 311 20.70 -3.00 -32.03
CA TYR C 311 21.83 -2.09 -32.02
C TYR C 311 22.96 -2.68 -31.20
N SER C 312 24.05 -1.91 -31.11
CA SER C 312 25.25 -2.36 -30.44
C SER C 312 25.23 -1.97 -28.96
N GLY C 313 25.80 -2.82 -28.12
CA GLY C 313 25.95 -2.48 -26.73
C GLY C 313 26.80 -1.25 -26.52
N HIS C 314 27.78 -1.02 -27.40
CA HIS C 314 28.58 0.20 -27.32
C HIS C 314 27.71 1.43 -27.53
N LEU C 315 26.91 1.44 -28.60
CA LEU C 315 25.99 2.54 -28.83
C LEU C 315 25.00 2.68 -27.68
N ALA C 316 24.60 1.55 -27.08
CA ALA C 316 23.70 1.61 -25.94
C ALA C 316 24.31 2.42 -24.81
N LEU C 317 25.60 2.25 -24.54
CA LEU C 317 26.25 3.03 -23.49
C LEU C 317 26.31 4.50 -23.87
N ARG C 318 26.52 4.80 -25.15
CA ARG C 318 26.47 6.19 -25.61
C ARG C 318 25.07 6.75 -25.48
N LEU C 319 24.05 5.97 -25.86
CA LEU C 319 22.68 6.45 -25.78
C LEU C 319 22.33 6.84 -24.35
N TYR C 320 22.67 6.00 -23.37
CA TYR C 320 22.27 6.29 -22.01
C TYR C 320 22.91 7.58 -21.51
N HIS C 321 24.15 7.85 -21.92
CA HIS C 321 24.81 9.07 -21.46
C HIS C 321 24.16 10.31 -22.05
N ILE C 322 23.52 10.19 -23.22
CA ILE C 322 22.90 11.34 -23.86
C ILE C 322 21.43 11.49 -23.48
N THR C 323 20.88 10.56 -22.68
CA THR C 323 19.47 10.70 -22.30
C THR C 323 19.27 11.87 -21.34
N ASP C 324 20.25 12.16 -20.49
CA ASP C 324 20.11 13.25 -19.54
C ASP C 324 19.95 14.60 -20.21
N GLN C 325 20.19 14.70 -21.52
CA GLN C 325 20.10 15.97 -22.23
C GLN C 325 18.93 16.03 -23.19
N VAL C 326 18.05 15.02 -23.17
CA VAL C 326 16.86 15.00 -24.00
C VAL C 326 15.65 14.78 -23.09
N HIS C 327 14.77 15.77 -23.04
CA HIS C 327 13.50 15.59 -22.35
C HIS C 327 12.79 14.34 -22.85
N LEU C 328 12.10 13.64 -21.96
CA LEU C 328 11.28 12.52 -22.38
C LEU C 328 10.20 13.01 -23.35
N TYR C 329 9.84 12.13 -24.29
CA TYR C 329 8.79 12.40 -25.27
C TYR C 329 7.71 11.33 -25.18
N PRO C 330 6.44 11.68 -25.37
CA PRO C 330 5.37 10.68 -25.16
C PRO C 330 5.45 9.47 -26.07
N ILE C 331 6.16 9.56 -27.18
CA ILE C 331 6.35 8.43 -28.10
C ILE C 331 7.78 7.93 -27.94
N ASP C 332 7.91 6.66 -27.56
CA ASP C 332 9.22 6.13 -27.20
C ASP C 332 10.10 5.95 -28.43
N ASP C 333 9.53 5.50 -29.54
CA ASP C 333 10.31 5.34 -30.76
C ASP C 333 10.96 6.64 -31.18
N VAL C 334 10.26 7.76 -30.97
CA VAL C 334 10.80 9.06 -31.36
C VAL C 334 11.89 9.50 -30.39
N TYR C 335 11.70 9.26 -29.09
CA TYR C 335 12.70 9.65 -28.11
C TYR C 335 14.05 8.98 -28.38
N THR C 336 14.02 7.74 -28.89
CA THR C 336 15.28 7.06 -29.22
C THR C 336 16.00 7.79 -30.34
N GLY C 337 15.28 8.15 -31.40
CA GLY C 337 15.89 8.89 -32.49
C GLY C 337 16.43 10.23 -32.07
N MET C 338 15.71 10.93 -31.18
CA MET C 338 16.19 12.22 -30.69
C MET C 338 17.52 12.06 -29.98
N CYS C 339 17.64 11.01 -29.15
CA CYS C 339 18.92 10.73 -28.52
C CYS C 339 19.98 10.40 -29.58
N LEU C 340 19.58 9.72 -30.65
CA LEU C 340 20.51 9.39 -31.71
C LEU C 340 20.94 10.63 -32.48
N GLN C 341 20.02 11.59 -32.66
CA GLN C 341 20.37 12.83 -33.33
C GLN C 341 21.35 13.66 -32.51
N LYS C 342 21.24 13.63 -31.17
CA LYS C 342 22.20 14.31 -30.32
C LYS C 342 23.56 13.62 -30.32
N LEU C 343 23.59 12.32 -30.62
CA LEU C 343 24.85 11.62 -30.80
C LEU C 343 25.39 11.76 -32.21
N GLY C 344 24.70 12.51 -33.07
CA GLY C 344 25.12 12.69 -34.45
C GLY C 344 25.11 11.42 -35.28
N LEU C 345 24.15 10.53 -35.03
CA LEU C 345 24.06 9.28 -35.74
C LEU C 345 22.71 9.19 -36.44
N VAL C 346 22.61 8.25 -37.38
CA VAL C 346 21.39 8.06 -38.16
C VAL C 346 21.00 6.58 -38.10
N PRO C 347 19.81 6.25 -37.63
CA PRO C 347 19.37 4.85 -37.72
C PRO C 347 19.35 4.37 -39.16
N GLU C 348 19.71 3.11 -39.35
CA GLU C 348 19.83 2.51 -40.68
C GLU C 348 18.59 1.68 -40.96
N LYS C 349 17.91 1.99 -42.07
CA LYS C 349 16.74 1.21 -42.46
C LYS C 349 17.15 -0.19 -42.89
N HIS C 350 16.20 -1.12 -42.82
CA HIS C 350 16.47 -2.52 -43.12
C HIS C 350 15.18 -3.17 -43.62
N LYS C 351 15.31 -3.98 -44.67
CA LYS C 351 14.13 -4.63 -45.25
C LYS C 351 13.57 -5.68 -44.30
N GLY C 352 14.44 -6.38 -43.58
CA GLY C 352 14.06 -7.47 -42.68
C GLY C 352 13.19 -7.05 -41.53
N PHE C 353 13.05 -5.74 -41.27
CA PHE C 353 12.20 -5.25 -40.19
C PHE C 353 10.83 -4.91 -40.78
N ARG C 354 10.06 -5.96 -41.06
CA ARG C 354 8.74 -5.82 -41.68
C ARG C 354 7.67 -5.78 -40.59
N THR C 355 7.42 -4.58 -40.08
CA THR C 355 6.25 -4.34 -39.25
C THR C 355 4.96 -4.23 -40.06
N PHE C 356 4.86 -5.00 -41.15
CA PHE C 356 3.82 -4.82 -42.15
C PHE C 356 3.08 -6.12 -42.44
N ASP C 357 3.81 -7.17 -42.83
CA ASP C 357 3.19 -8.47 -43.05
C ASP C 357 2.51 -8.94 -41.77
N ILE C 358 1.23 -9.32 -41.89
CA ILE C 358 0.41 -9.52 -40.70
C ILE C 358 -0.26 -10.89 -40.66
N GLU C 359 -0.23 -11.61 -41.79
CA GLU C 359 -0.68 -13.00 -41.85
C GLU C 359 -0.47 -13.60 -43.23
N LYS C 363 0.76 -13.84 -47.00
CA LYS C 363 0.67 -15.25 -47.37
C LYS C 363 0.81 -16.15 -46.15
N ASN C 364 0.88 -17.48 -46.39
CA ASN C 364 1.06 -18.44 -45.29
C ASN C 364 2.22 -19.40 -45.57
N ASN C 365 3.18 -18.99 -46.39
CA ASN C 365 4.35 -19.79 -46.68
C ASN C 365 5.42 -19.49 -45.64
N ILE C 366 5.88 -20.53 -44.93
CA ILE C 366 6.90 -20.43 -43.91
C ILE C 366 8.15 -19.78 -44.51
N CYS C 367 8.27 -19.84 -45.85
CA CYS C 367 9.39 -19.20 -46.53
C CYS C 367 9.43 -17.70 -46.29
N SER C 368 8.27 -17.09 -46.05
CA SER C 368 8.23 -15.64 -45.81
C SER C 368 8.90 -15.23 -44.52
N TYR C 369 9.27 -16.19 -43.66
CA TYR C 369 9.89 -15.90 -42.38
C TYR C 369 11.38 -16.21 -42.35
N VAL C 370 11.93 -16.75 -43.44
CA VAL C 370 13.33 -17.17 -43.44
C VAL C 370 14.26 -15.96 -43.52
N ASP C 371 13.95 -14.99 -44.37
CA ASP C 371 14.82 -13.85 -44.61
C ASP C 371 14.20 -12.55 -44.11
N LEU C 372 13.50 -12.60 -42.98
CA LEU C 372 13.07 -11.40 -42.28
C LEU C 372 13.70 -11.36 -40.90
N MET C 373 13.96 -10.15 -40.42
CA MET C 373 14.45 -9.99 -39.06
C MET C 373 13.31 -10.13 -38.06
N LEU C 374 12.15 -9.57 -38.39
CA LEU C 374 11.13 -9.28 -37.41
C LEU C 374 9.81 -9.06 -38.13
N VAL C 375 8.73 -9.60 -37.57
CA VAL C 375 7.41 -9.40 -38.15
C VAL C 375 6.41 -9.12 -37.02
N HIS C 376 5.48 -8.21 -37.29
CA HIS C 376 4.49 -7.76 -36.31
C HIS C 376 3.12 -7.73 -36.96
N SER C 377 2.11 -8.24 -36.27
CA SER C 377 2.10 -8.80 -34.91
C SER C 377 1.61 -10.24 -34.91
N ARG C 378 1.92 -10.98 -33.85
CA ARG C 378 1.57 -12.39 -33.74
C ARG C 378 1.00 -12.68 -32.36
N LYS C 379 0.02 -13.59 -32.31
CA LYS C 379 -0.53 -14.06 -31.04
C LYS C 379 0.40 -15.11 -30.43
N PRO C 380 0.22 -15.44 -29.14
CA PRO C 380 1.18 -16.35 -28.50
C PRO C 380 1.19 -17.75 -29.11
N GLN C 381 0.03 -18.28 -29.51
CA GLN C 381 0.01 -19.56 -30.21
C GLN C 381 0.73 -19.45 -31.55
N GLU C 382 0.49 -18.36 -32.27
CA GLU C 382 1.10 -18.16 -33.58
C GLU C 382 2.63 -18.14 -33.48
N MET C 383 3.16 -17.52 -32.43
CA MET C 383 4.61 -17.46 -32.28
C MET C 383 5.22 -18.85 -32.19
N ILE C 384 4.69 -19.69 -31.29
CA ILE C 384 5.25 -21.02 -31.09
C ILE C 384 5.11 -21.85 -32.37
N ASP C 385 3.99 -21.71 -33.07
CA ASP C 385 3.79 -22.47 -34.29
C ASP C 385 4.75 -22.02 -35.39
N ILE C 386 4.97 -20.71 -35.52
CA ILE C 386 5.90 -20.20 -36.53
C ILE C 386 7.31 -20.70 -36.25
N TRP C 387 7.70 -20.72 -34.97
CA TRP C 387 9.05 -21.12 -34.62
C TRP C 387 9.31 -22.57 -34.98
N SER C 388 8.31 -23.45 -34.79
CA SER C 388 8.50 -24.87 -35.10
C SER C 388 8.67 -25.09 -36.60
N GLN C 389 7.78 -24.51 -37.40
CA GLN C 389 7.90 -24.60 -38.85
C GLN C 389 9.20 -23.97 -39.35
N LEU C 390 9.74 -23.00 -38.61
CA LEU C 390 10.99 -22.37 -39.00
C LEU C 390 12.18 -23.29 -38.77
N GLN C 391 12.14 -24.09 -37.71
CA GLN C 391 13.24 -25.00 -37.39
C GLN C 391 13.42 -26.10 -38.44
N SER C 392 12.55 -26.18 -39.46
CA SER C 392 12.62 -27.20 -40.52
C SER C 392 12.33 -26.59 -41.89
N ALA C 393 12.60 -25.31 -42.05
CA ALA C 393 12.39 -24.63 -43.32
C ALA C 393 13.62 -24.66 -44.21
N HIS C 394 14.75 -25.13 -43.69
CA HIS C 394 15.93 -25.33 -44.54
C HIS C 394 15.68 -26.41 -45.58
N LEU C 395 14.87 -27.42 -45.24
CA LEU C 395 14.51 -28.44 -46.22
C LEU C 395 13.47 -27.92 -47.19
N LYS C 396 12.32 -27.49 -46.67
CA LYS C 396 11.21 -27.07 -47.52
C LYS C 396 11.62 -25.93 -48.44
N CYS C 397 12.15 -24.84 -47.88
CA CYS C 397 12.55 -23.69 -48.67
C CYS C 397 13.94 -23.89 -49.27
N ALA D 57 41.31 22.85 31.84
CA ALA D 57 39.94 22.85 31.33
C ALA D 57 39.90 23.41 29.92
N TYR D 58 39.38 22.60 28.98
CA TYR D 58 39.46 22.96 27.57
C TYR D 58 38.62 24.19 27.23
N TRP D 59 37.39 24.25 27.75
CA TRP D 59 36.50 25.35 27.39
C TRP D 59 37.07 26.68 27.84
N ASN D 60 37.38 26.79 29.14
CA ASN D 60 37.97 28.03 29.65
C ASN D 60 39.20 28.41 28.86
N ARG D 61 40.06 27.43 28.58
CA ARG D 61 41.29 27.68 27.82
C ARG D 61 40.97 28.31 26.47
N GLU D 62 40.07 27.69 25.70
CA GLU D 62 39.75 28.21 24.37
C GLU D 62 38.83 29.42 24.43
N GLN D 63 38.18 29.67 25.56
CA GLN D 63 37.42 30.90 25.69
C GLN D 63 38.34 32.10 25.91
N GLU D 64 39.36 31.94 26.75
CA GLU D 64 40.33 33.02 26.95
C GLU D 64 41.06 33.33 25.65
N LYS D 65 41.48 32.30 24.92
CA LYS D 65 42.07 32.49 23.59
C LYS D 65 41.13 33.27 22.70
N LEU D 66 39.83 32.94 22.75
CA LEU D 66 38.85 33.64 21.93
C LEU D 66 38.69 35.09 22.36
N ASN D 67 38.90 35.38 23.64
CA ASN D 67 38.78 36.76 24.11
C ASN D 67 39.87 37.64 23.52
N ARG D 68 41.08 37.12 23.39
CA ARG D 68 42.17 37.89 22.81
C ARG D 68 41.94 38.18 21.33
N GLN D 69 41.32 37.24 20.61
CA GLN D 69 41.01 37.45 19.19
C GLN D 69 40.07 38.64 18.99
N TYR D 70 39.33 39.04 20.02
CA TYR D 70 38.38 40.15 19.91
C TYR D 70 38.84 41.43 20.59
N ASN D 71 39.81 41.37 21.50
CA ASN D 71 40.21 42.50 22.32
C ASN D 71 41.72 42.67 22.24
N PRO D 72 42.22 43.39 21.22
CA PRO D 72 43.66 43.64 21.08
C PRO D 72 44.12 44.79 21.96
N SER D 91 37.63 31.61 12.31
CA SER D 91 37.59 30.19 11.96
C SER D 91 36.92 29.38 13.06
N HIS D 92 36.56 30.04 14.16
CA HIS D 92 35.82 29.40 15.25
C HIS D 92 34.31 29.47 15.05
N LEU D 93 33.85 29.80 13.85
CA LEU D 93 32.42 29.98 13.62
C LEU D 93 31.94 29.21 12.38
N ASN D 94 32.82 28.98 11.40
CA ASN D 94 32.42 28.24 10.21
C ASN D 94 33.39 27.12 9.85
N TYR D 95 34.29 26.74 10.76
CA TYR D 95 35.10 25.54 10.60
C TYR D 95 34.23 24.33 10.86
N CYS D 96 33.74 23.70 9.79
CA CYS D 96 32.74 22.65 9.92
C CYS D 96 33.31 21.28 9.55
N GLU D 97 34.58 21.07 9.83
CA GLU D 97 35.22 19.77 9.76
C GLU D 97 35.50 19.30 11.18
N PRO D 98 35.77 18.01 11.36
CA PRO D 98 36.21 17.54 12.69
C PRO D 98 37.50 18.24 13.11
N ASP D 99 37.43 18.96 14.22
CA ASP D 99 38.59 19.56 14.85
C ASP D 99 39.30 18.44 15.63
N LEU D 100 40.07 17.65 14.89
CA LEU D 100 40.69 16.45 15.45
C LEU D 100 41.69 16.76 16.55
N ARG D 101 42.17 18.01 16.63
CA ARG D 101 43.19 18.33 17.64
C ARG D 101 42.69 18.05 19.05
N VAL D 102 41.39 18.23 19.30
CA VAL D 102 40.86 18.06 20.65
C VAL D 102 41.14 16.66 21.17
N THR D 103 41.30 15.67 20.27
CA THR D 103 41.57 14.30 20.72
C THR D 103 42.80 14.24 21.61
N SER D 104 43.85 14.98 21.25
CA SER D 104 45.05 15.03 22.08
C SER D 104 45.00 16.13 23.13
N VAL D 105 44.37 17.27 22.84
CA VAL D 105 44.39 18.37 23.80
C VAL D 105 43.46 18.07 24.98
N VAL D 106 42.30 17.48 24.72
CA VAL D 106 41.35 17.17 25.80
C VAL D 106 41.83 15.90 26.49
N THR D 107 42.30 16.06 27.73
CA THR D 107 42.79 14.91 28.49
C THR D 107 41.69 13.87 28.66
N GLY D 108 42.03 12.61 28.40
CA GLY D 108 41.09 11.51 28.50
C GLY D 108 39.94 11.65 27.52
N PHE D 109 40.25 12.00 26.27
CA PHE D 109 39.20 12.32 25.30
C PHE D 109 38.35 11.10 24.97
N ASN D 110 39.00 9.97 24.67
CA ASN D 110 38.29 8.84 24.10
C ASN D 110 37.31 8.19 25.06
N ASN D 111 37.44 8.47 26.36
CA ASN D 111 36.55 7.90 27.35
C ASN D 111 35.43 8.84 27.76
N LEU D 112 35.25 9.95 27.04
CA LEU D 112 34.11 10.81 27.23
C LEU D 112 32.88 10.20 26.57
N PRO D 113 31.68 10.46 27.10
CA PRO D 113 30.47 10.06 26.38
C PRO D 113 30.44 10.69 25.00
N ASP D 114 29.80 10.00 24.07
CA ASP D 114 29.80 10.46 22.68
C ASP D 114 29.26 11.88 22.55
N ARG D 115 28.29 12.25 23.39
CA ARG D 115 27.79 13.62 23.36
C ARG D 115 28.89 14.64 23.63
N PHE D 116 29.86 14.28 24.47
CA PHE D 116 30.99 15.16 24.69
C PHE D 116 31.97 15.12 23.54
N LYS D 117 32.12 13.97 22.88
CA LYS D 117 33.00 13.90 21.74
C LYS D 117 32.50 14.79 20.60
N ASP D 118 31.22 14.64 20.25
CA ASP D 118 30.64 15.42 19.17
C ASP D 118 30.68 16.91 19.48
N PHE D 119 30.48 17.26 20.76
CA PHE D 119 30.52 18.67 21.13
C PHE D 119 31.91 19.27 20.89
N LEU D 120 32.95 18.58 21.36
CA LEU D 120 34.31 19.09 21.21
C LEU D 120 34.79 19.04 19.77
N LEU D 121 34.37 18.01 19.02
CA LEU D 121 34.86 17.84 17.65
C LEU D 121 34.34 18.93 16.72
N TYR D 122 33.06 19.26 16.82
CA TYR D 122 32.43 20.21 15.91
C TYR D 122 31.98 21.49 16.64
N LEU D 123 32.81 21.95 17.57
CA LEU D 123 32.53 23.19 18.28
C LEU D 123 32.52 24.40 17.35
N ARG D 124 33.51 24.49 16.48
CA ARG D 124 33.77 25.69 15.69
C ARG D 124 32.90 25.78 14.45
N CYS D 125 31.74 25.14 14.44
CA CYS D 125 30.81 25.21 13.32
C CYS D 125 29.45 25.67 13.82
N ARG D 126 28.98 26.82 13.31
CA ARG D 126 27.61 27.22 13.60
C ARG D 126 26.92 27.91 12.42
N ASN D 127 27.33 27.64 11.18
CA ASN D 127 26.66 28.21 10.02
C ASN D 127 25.74 27.18 9.37
N TYR D 128 24.80 26.70 10.17
CA TYR D 128 23.77 25.81 9.68
C TYR D 128 22.60 26.63 9.15
N SER D 129 21.89 26.08 8.17
CA SER D 129 20.96 26.83 7.36
C SER D 129 19.52 26.52 7.73
N LEU D 130 18.66 27.51 7.48
CA LEU D 130 17.23 27.41 7.74
C LEU D 130 16.56 26.55 6.67
N LEU D 131 16.17 25.33 7.03
CA LEU D 131 15.47 24.49 6.06
C LEU D 131 14.02 24.93 5.90
N ILE D 132 13.31 25.15 7.01
CA ILE D 132 11.92 25.57 7.01
C ILE D 132 11.87 26.94 7.66
N ASP D 133 11.50 27.96 6.88
CA ASP D 133 11.39 29.31 7.38
C ASP D 133 9.95 29.79 7.28
N GLN D 134 9.60 30.73 8.17
CA GLN D 134 8.32 31.44 8.13
C GLN D 134 8.65 32.92 7.94
N PRO D 135 8.91 33.36 6.71
CA PRO D 135 9.55 34.67 6.53
C PRO D 135 8.65 35.83 6.90
N ASP D 136 7.36 35.71 6.64
CA ASP D 136 6.43 36.78 6.96
C ASP D 136 5.95 36.75 8.39
N LYS D 137 6.55 35.91 9.24
CA LYS D 137 6.11 35.77 10.62
C LYS D 137 6.06 37.13 11.33
N CYS D 138 6.95 38.05 10.96
CA CYS D 138 7.03 39.35 11.61
C CYS D 138 6.79 40.50 10.63
N ALA D 139 6.03 40.22 9.56
CA ALA D 139 5.66 41.29 8.64
C ALA D 139 4.99 42.43 9.38
N LYS D 140 4.16 42.11 10.38
CA LYS D 140 3.61 43.10 11.28
C LYS D 140 4.43 43.08 12.57
N LYS D 141 4.91 44.26 12.97
CA LYS D 141 5.71 44.44 14.17
C LYS D 141 5.04 43.81 15.38
N PRO D 142 5.58 42.72 15.90
CA PRO D 142 4.96 42.05 17.05
C PRO D 142 5.40 42.67 18.36
N PHE D 143 4.44 42.76 19.29
CA PHE D 143 4.76 43.15 20.66
C PHE D 143 5.48 42.02 21.39
N LEU D 144 5.06 40.78 21.17
CA LEU D 144 5.62 39.62 21.85
C LEU D 144 5.89 38.53 20.83
N LEU D 145 7.13 38.04 20.82
CA LEU D 145 7.54 36.91 20.00
C LEU D 145 7.67 35.70 20.91
N LEU D 146 6.81 34.70 20.68
CA LEU D 146 6.84 33.45 21.45
C LEU D 146 7.70 32.44 20.70
N ALA D 147 8.85 32.11 21.27
CA ALA D 147 9.77 31.13 20.69
C ALA D 147 9.82 29.90 21.58
N ILE D 148 9.41 28.75 21.03
CA ILE D 148 9.23 27.53 21.80
C ILE D 148 10.13 26.45 21.23
N LYS D 149 11.09 25.99 22.05
CA LYS D 149 11.95 24.89 21.62
C LYS D 149 11.18 23.57 21.65
N SER D 150 11.32 22.79 20.58
CA SER D 150 10.59 21.54 20.46
C SER D 150 11.39 20.55 19.63
N LEU D 151 11.01 19.29 19.70
CA LEU D 151 11.58 18.24 18.87
C LEU D 151 10.54 17.76 17.88
N THR D 152 11.02 17.27 16.73
CA THR D 152 10.16 16.84 15.63
C THR D 152 8.92 16.07 16.06
N PRO D 153 8.99 15.01 16.87
CA PRO D 153 7.79 14.23 17.19
C PRO D 153 6.83 14.88 18.16
N HIS D 154 7.13 16.06 18.71
CA HIS D 154 6.22 16.64 19.68
C HIS D 154 5.06 17.37 19.04
N PHE D 155 4.29 16.67 18.20
CA PHE D 155 3.14 17.31 17.55
C PHE D 155 2.06 17.67 18.55
N ALA D 156 1.83 16.80 19.53
CA ALA D 156 0.79 17.08 20.53
C ALA D 156 1.18 18.26 21.41
N ARG D 157 2.46 18.35 21.78
CA ARG D 157 2.91 19.49 22.57
C ARG D 157 2.66 20.80 21.83
N ARG D 158 3.06 20.86 20.56
CA ARG D 158 2.95 22.11 19.82
C ARG D 158 1.49 22.52 19.62
N GLN D 159 0.63 21.56 19.27
CA GLN D 159 -0.77 21.89 19.03
C GLN D 159 -1.45 22.34 20.33
N ALA D 160 -1.09 21.75 21.46
CA ALA D 160 -1.61 22.24 22.74
C ALA D 160 -1.15 23.67 22.98
N ILE D 161 0.10 23.99 22.64
CA ILE D 161 0.58 25.35 22.77
C ILE D 161 -0.14 26.28 21.81
N ARG D 162 -0.33 25.83 20.56
CA ARG D 162 -1.11 26.62 19.61
C ARG D 162 -2.51 26.90 20.15
N GLU D 163 -3.17 25.88 20.72
CA GLU D 163 -4.55 26.03 21.15
C GLU D 163 -4.69 26.81 22.44
N SER D 164 -3.68 26.78 23.31
CA SER D 164 -3.83 27.39 24.62
C SER D 164 -3.09 28.72 24.71
N TRP D 165 -1.99 28.75 25.47
CA TRP D 165 -1.34 30.02 25.79
C TRP D 165 -0.54 30.59 24.62
N GLY D 166 -0.25 29.81 23.59
CA GLY D 166 0.56 30.31 22.49
C GLY D 166 -0.25 30.77 21.29
N GLN D 167 -1.53 31.04 21.50
CA GLN D 167 -2.34 31.65 20.46
C GLN D 167 -1.69 32.95 19.98
N GLU D 168 -1.70 33.16 18.68
CA GLU D 168 -1.30 34.46 18.16
C GLU D 168 -2.45 35.45 18.31
N SER D 169 -2.16 36.73 18.16
CA SER D 169 -3.15 37.77 18.45
C SER D 169 -2.87 39.02 17.63
N ASN D 170 -3.74 40.01 17.81
CA ASN D 170 -3.57 41.34 17.23
C ASN D 170 -4.00 42.40 18.24
N GLY D 172 -4.52 46.36 16.32
CA GLY D 172 -4.06 45.56 17.45
C GLY D 172 -2.59 45.78 17.74
N ASN D 173 -2.31 46.64 18.72
CA ASN D 173 -0.93 46.98 19.08
C ASN D 173 -0.24 45.90 19.89
N GLN D 174 -0.97 44.93 20.41
CA GLN D 174 -0.39 43.81 21.15
C GLN D 174 -0.35 42.55 20.28
N THR D 175 0.30 42.69 19.12
CA THR D 175 0.46 41.59 18.19
C THR D 175 1.38 40.53 18.79
N VAL D 176 0.87 39.31 18.93
CA VAL D 176 1.62 38.19 19.46
C VAL D 176 1.85 37.20 18.34
N VAL D 177 3.10 36.76 18.16
CA VAL D 177 3.45 35.79 17.14
C VAL D 177 4.23 34.65 17.76
N ARG D 178 4.20 33.51 17.08
CA ARG D 178 4.70 32.26 17.62
C ARG D 178 5.63 31.57 16.63
N VAL D 179 6.71 31.00 17.14
CA VAL D 179 7.62 30.19 16.34
C VAL D 179 8.02 28.97 17.15
N PHE D 180 8.18 27.84 16.47
CA PHE D 180 8.70 26.62 17.07
C PHE D 180 10.09 26.36 16.51
N LEU D 181 11.04 26.10 17.39
CA LEU D 181 12.46 25.98 17.04
C LEU D 181 12.85 24.52 17.03
N LEU D 182 13.30 24.02 15.87
CA LEU D 182 13.56 22.59 15.69
C LEU D 182 14.85 22.39 14.90
N GLY D 183 15.68 21.46 15.36
CA GLY D 183 16.73 20.90 14.57
C GLY D 183 16.21 19.75 13.73
N GLN D 184 17.09 18.79 13.45
CA GLN D 184 16.69 17.61 12.71
C GLN D 184 16.80 16.37 13.59
N THR D 185 15.91 15.41 13.37
CA THR D 185 15.95 14.12 14.04
C THR D 185 16.34 13.06 13.02
N PRO D 186 17.62 12.96 12.69
CA PRO D 186 18.05 12.25 11.48
C PRO D 186 17.86 10.75 11.62
N PRO D 187 17.75 10.04 10.50
CA PRO D 187 17.66 8.57 10.57
C PRO D 187 18.92 7.91 11.10
N GLU D 188 20.11 8.41 10.74
CA GLU D 188 21.38 7.84 11.20
C GLU D 188 21.54 7.86 12.72
N ASP D 189 20.55 8.31 13.48
CA ASP D 189 20.53 8.22 14.94
C ASP D 189 19.28 7.47 15.42
N ASN D 190 18.69 6.66 14.52
CA ASN D 190 17.59 5.74 14.81
C ASN D 190 16.24 6.44 14.99
N HIS D 191 16.09 7.66 14.49
CA HIS D 191 14.79 8.30 14.62
C HIS D 191 13.84 7.84 13.52
N PRO D 192 12.54 7.81 13.80
CA PRO D 192 11.57 7.59 12.73
C PRO D 192 11.40 8.86 11.90
N ASP D 193 11.31 8.68 10.58
CA ASP D 193 11.10 9.82 9.70
C ASP D 193 9.69 10.39 9.90
N LEU D 194 9.64 11.63 10.37
CA LEU D 194 8.38 12.39 10.47
C LEU D 194 8.47 13.69 9.69
N SER D 195 9.26 13.71 8.62
CA SER D 195 9.58 14.96 7.95
C SER D 195 8.40 15.48 7.14
N ASP D 196 7.78 14.62 6.33
CA ASP D 196 6.62 15.03 5.56
C ASP D 196 5.51 15.54 6.48
N MET D 197 5.31 14.88 7.61
CA MET D 197 4.39 15.38 8.62
C MET D 197 4.80 16.76 9.10
N LEU D 198 6.08 16.91 9.47
CA LEU D 198 6.59 18.22 9.86
C LEU D 198 6.37 19.24 8.75
N LYS D 199 6.50 18.82 7.49
CA LYS D 199 6.25 19.75 6.39
C LYS D 199 4.76 20.06 6.25
N PHE D 200 3.92 19.03 6.38
CA PHE D 200 2.48 19.25 6.41
C PHE D 200 2.08 20.16 7.57
N GLU D 201 2.66 19.90 8.76
CA GLU D 201 2.39 20.76 9.91
C GLU D 201 2.81 22.20 9.64
N SER D 202 3.93 22.38 8.93
CA SER D 202 4.46 23.72 8.71
C SER D 202 3.55 24.52 7.78
N GLU D 203 3.19 23.93 6.64
CA GLU D 203 2.26 24.59 5.72
C GLU D 203 1.00 25.01 6.44
N LYS D 204 0.46 24.13 7.27
CA LYS D 204 -0.87 24.33 7.86
C LYS D 204 -0.85 25.42 8.92
N HIS D 205 0.20 25.50 9.74
CA HIS D 205 0.23 26.47 10.83
C HIS D 205 1.24 27.59 10.63
N GLN D 206 2.22 27.42 9.74
CA GLN D 206 3.16 28.48 9.41
C GLN D 206 3.81 29.05 10.67
N ASP D 207 4.37 28.14 11.48
CA ASP D 207 5.02 28.54 12.73
C ASP D 207 6.22 27.64 13.05
N ILE D 208 6.82 27.00 12.06
CA ILE D 208 7.90 26.04 12.27
C ILE D 208 9.17 26.60 11.66
N LEU D 209 10.16 26.87 12.50
CA LEU D 209 11.52 27.14 12.05
C LEU D 209 12.38 25.90 12.25
N MET D 210 13.04 25.45 11.20
CA MET D 210 13.86 24.26 11.25
C MET D 210 15.23 24.54 10.66
N TRP D 211 16.26 23.99 11.28
CA TRP D 211 17.64 24.15 10.84
C TRP D 211 18.28 22.78 10.61
N ASN D 212 19.42 22.79 9.92
CA ASN D 212 20.07 21.56 9.44
C ASN D 212 21.13 21.05 10.41
N TYR D 213 20.80 20.89 11.69
CA TYR D 213 21.73 20.36 12.67
C TYR D 213 21.05 19.27 13.49
N ARG D 214 21.87 18.46 14.15
CA ARG D 214 21.40 17.37 15.00
C ARG D 214 20.75 17.96 16.26
N ASP D 215 19.43 17.84 16.36
CA ASP D 215 18.69 18.37 17.51
C ASP D 215 18.95 17.46 18.71
N THR D 216 20.07 17.72 19.37
CA THR D 216 20.46 16.97 20.56
C THR D 216 20.50 17.89 21.77
N PHE D 217 20.57 17.27 22.94
CA PHE D 217 20.63 18.04 24.18
C PHE D 217 21.78 19.04 24.19
N PHE D 218 22.95 18.62 23.70
CA PHE D 218 24.12 19.48 23.76
C PHE D 218 24.16 20.54 22.66
N ASN D 219 23.38 20.35 21.62
CA ASN D 219 23.31 21.36 20.56
C ASN D 219 22.29 22.45 20.86
N LEU D 220 21.68 22.44 22.05
CA LEU D 220 20.67 23.45 22.38
C LEU D 220 21.26 24.86 22.44
N SER D 221 22.58 24.98 22.58
CA SER D 221 23.21 26.29 22.40
C SER D 221 23.17 26.71 20.94
N LEU D 222 23.41 25.77 20.02
CA LEU D 222 23.22 26.04 18.60
C LEU D 222 21.80 26.52 18.34
N LYS D 223 20.81 25.80 18.89
CA LYS D 223 19.41 26.24 18.78
C LYS D 223 19.24 27.65 19.30
N GLU D 224 19.88 27.99 20.41
CA GLU D 224 19.81 29.35 20.93
C GLU D 224 20.40 30.34 19.94
N VAL D 225 21.60 30.06 19.42
CA VAL D 225 22.27 31.03 18.55
C VAL D 225 21.54 31.16 17.22
N LEU D 226 21.22 30.03 16.59
CA LEU D 226 20.56 30.08 15.29
C LEU D 226 19.23 30.82 15.36
N PHE D 227 18.55 30.75 16.50
CA PHE D 227 17.28 31.47 16.64
C PHE D 227 17.52 32.96 16.81
N LEU D 228 18.50 33.34 17.64
CA LEU D 228 18.85 34.75 17.78
C LEU D 228 19.24 35.33 16.42
N ARG D 229 19.94 34.55 15.61
CA ARG D 229 20.26 34.99 14.25
C ARG D 229 18.98 35.18 13.43
N TRP D 230 18.02 34.26 13.56
CA TRP D 230 16.78 34.43 12.81
C TRP D 230 16.03 35.69 13.22
N VAL D 231 16.12 36.06 14.50
CA VAL D 231 15.51 37.29 14.97
C VAL D 231 16.16 38.50 14.31
N SER D 232 17.48 38.57 14.37
CA SER D 232 18.17 39.72 13.79
C SER D 232 17.92 39.84 12.28
N THR D 233 17.51 38.75 11.62
CA THR D 233 17.34 38.73 10.17
C THR D 233 15.88 38.79 9.72
N SER D 234 14.97 38.15 10.44
CA SER D 234 13.59 38.07 10.02
C SER D 234 12.61 38.67 11.02
N CYS D 235 13.08 39.09 12.20
CA CYS D 235 12.20 39.69 13.19
C CYS D 235 12.94 40.66 14.12
N PRO D 236 13.72 41.61 13.60
CA PRO D 236 14.53 42.44 14.49
C PRO D 236 13.74 43.55 15.16
N ASP D 237 12.45 43.67 14.87
CA ASP D 237 11.64 44.80 15.33
C ASP D 237 10.57 44.38 16.34
N THR D 238 10.80 43.31 17.09
CA THR D 238 9.87 42.90 18.12
C THR D 238 10.23 43.53 19.45
N GLU D 239 9.20 43.97 20.18
CA GLU D 239 9.44 44.62 21.47
C GLU D 239 10.05 43.65 22.46
N PHE D 240 9.48 42.45 22.58
CA PHE D 240 9.88 41.48 23.58
C PHE D 240 9.94 40.09 22.97
N VAL D 241 10.66 39.21 23.67
CA VAL D 241 10.86 37.83 23.25
C VAL D 241 10.60 36.93 24.45
N PHE D 242 9.78 35.90 24.26
CA PHE D 242 9.69 34.81 25.22
C PHE D 242 10.29 33.56 24.60
N LYS D 243 11.18 32.91 25.34
CA LYS D 243 11.82 31.69 24.90
C LYS D 243 11.65 30.62 25.98
N GLY D 244 11.21 29.43 25.58
CA GLY D 244 10.91 28.42 26.58
C GLY D 244 10.73 27.03 26.00
N ASP D 245 10.50 26.07 26.90
CA ASP D 245 10.36 24.66 26.58
C ASP D 245 8.92 24.33 26.20
N ASP D 246 8.74 23.36 25.32
CA ASP D 246 7.41 23.03 24.81
C ASP D 246 6.59 22.19 25.79
N ASP D 247 7.07 22.00 27.01
CA ASP D 247 6.33 21.27 28.03
C ASP D 247 6.01 22.15 29.23
N VAL D 248 6.05 23.47 29.05
CA VAL D 248 5.87 24.42 30.13
C VAL D 248 4.56 25.18 29.91
N PHE D 249 3.79 25.35 30.97
CA PHE D 249 2.64 26.22 30.89
C PHE D 249 3.06 27.66 31.15
N VAL D 250 2.54 28.58 30.34
CA VAL D 250 2.87 29.98 30.44
C VAL D 250 1.56 30.78 30.49
N ASN D 251 1.48 31.73 31.42
CA ASN D 251 0.32 32.61 31.54
C ASN D 251 0.58 33.86 30.71
N THR D 252 0.32 33.75 29.41
CA THR D 252 0.60 34.86 28.50
C THR D 252 -0.12 36.13 28.93
N HIS D 253 -1.28 36.01 29.57
CA HIS D 253 -2.00 37.19 30.06
C HIS D 253 -1.17 37.95 31.10
N HIS D 254 -0.65 37.22 32.09
CA HIS D 254 0.21 37.85 33.08
C HIS D 254 1.44 38.46 32.42
N ILE D 255 1.99 37.78 31.42
CA ILE D 255 3.16 38.30 30.70
C ILE D 255 2.83 39.64 30.08
N LEU D 256 1.74 39.69 29.30
CA LEU D 256 1.43 40.89 28.52
C LEU D 256 1.11 42.09 29.40
N ASN D 257 0.53 41.87 30.58
CA ASN D 257 0.28 42.99 31.49
C ASN D 257 1.58 43.44 32.15
N TYR D 258 2.38 42.50 32.64
CA TYR D 258 3.68 42.83 33.22
C TYR D 258 4.51 43.64 32.23
N LEU D 259 4.56 43.19 30.97
CA LEU D 259 5.28 43.94 29.95
C LEU D 259 4.69 45.34 29.78
N ASN D 260 3.35 45.44 29.76
CA ASN D 260 2.69 46.72 29.55
C ASN D 260 2.88 47.69 30.71
N SER D 261 3.50 47.26 31.81
CA SER D 261 3.69 48.09 32.98
C SER D 261 5.13 48.55 33.17
N LEU D 262 5.97 48.36 32.15
CA LEU D 262 7.40 48.63 32.28
C LEU D 262 7.74 50.03 31.79
N SER D 263 8.55 50.74 32.57
CA SER D 263 9.07 52.01 32.11
C SER D 263 9.98 51.80 30.91
N LYS D 264 10.25 52.90 30.19
CA LYS D 264 11.15 52.81 29.05
C LYS D 264 12.54 52.34 29.48
N THR D 265 12.96 52.70 30.69
CA THR D 265 14.28 52.29 31.17
C THR D 265 14.34 50.78 31.38
N LYS D 266 13.47 50.26 32.27
CA LYS D 266 13.54 48.85 32.64
C LYS D 266 13.22 47.93 31.47
N ALA D 267 12.46 48.42 30.49
CA ALA D 267 12.13 47.59 29.34
C ALA D 267 13.35 47.33 28.46
N LYS D 268 14.22 48.33 28.32
CA LYS D 268 15.26 48.28 27.27
C LYS D 268 16.19 47.09 27.45
N ASP D 269 16.49 46.73 28.70
CA ASP D 269 17.42 45.64 28.97
C ASP D 269 16.77 44.60 29.87
N LEU D 270 15.50 44.30 29.64
CA LEU D 270 14.80 43.32 30.45
C LEU D 270 15.32 41.91 30.18
N PHE D 271 15.52 41.16 31.26
CA PHE D 271 15.84 39.74 31.17
C PHE D 271 15.52 39.13 32.55
N ILE D 272 14.38 38.45 32.64
CA ILE D 272 13.89 37.91 33.90
C ILE D 272 13.58 36.43 33.75
N GLY D 273 13.72 35.71 34.84
CA GLY D 273 13.43 34.29 34.84
C GLY D 273 13.74 33.68 36.19
N ASP D 274 13.86 32.35 36.22
CA ASP D 274 14.25 31.63 37.43
C ASP D 274 15.77 31.61 37.49
N VAL D 275 16.34 32.72 37.97
CA VAL D 275 17.77 32.95 37.91
C VAL D 275 18.47 32.17 39.02
N ILE D 276 19.67 31.67 38.71
CA ILE D 276 20.48 30.91 39.65
C ILE D 276 21.83 31.62 39.77
N HIS D 277 22.30 31.76 41.01
CA HIS D 277 23.57 32.44 41.30
C HIS D 277 24.54 31.47 41.95
N ASN D 278 25.82 31.65 41.63
CA ASN D 278 26.93 30.87 42.22
C ASN D 278 26.82 29.37 41.93
N ALA D 279 26.14 29.01 40.85
CA ALA D 279 26.04 27.60 40.51
C ALA D 279 27.32 27.12 39.84
N GLY D 280 27.53 25.81 39.87
CA GLY D 280 28.69 25.22 39.27
C GLY D 280 28.34 23.95 38.52
N PRO D 281 29.33 23.38 37.84
CA PRO D 281 29.08 22.12 37.11
C PRO D 281 28.82 20.97 38.07
N HIS D 282 27.93 20.06 37.67
CA HIS D 282 27.71 18.83 38.41
C HIS D 282 28.83 17.85 38.03
N ARG D 283 29.75 17.62 38.95
CA ARG D 283 30.82 16.67 38.66
C ARG D 283 30.36 15.22 38.76
N ASP D 284 29.08 14.99 39.05
CA ASP D 284 28.53 13.64 39.15
C ASP D 284 28.27 13.09 37.75
N LYS D 285 28.91 11.97 37.43
CA LYS D 285 28.89 11.46 36.06
C LYS D 285 27.49 11.08 35.60
N LYS D 286 26.67 10.54 36.50
CA LYS D 286 25.39 9.97 36.11
C LYS D 286 24.25 10.98 36.08
N LEU D 287 24.52 12.24 36.43
CA LEU D 287 23.50 13.27 36.31
C LEU D 287 23.38 13.74 34.86
N LYS D 288 22.20 14.26 34.53
CA LYS D 288 21.95 14.73 33.17
C LYS D 288 22.86 15.91 32.82
N TYR D 289 22.95 16.89 33.71
CA TYR D 289 23.75 18.10 33.48
C TYR D 289 25.19 17.94 33.97
N TYR D 290 25.81 16.81 33.62
CA TYR D 290 27.15 16.47 34.07
C TYR D 290 28.20 17.10 33.17
N ILE D 291 29.23 17.66 33.79
CA ILE D 291 30.34 18.28 33.05
C ILE D 291 31.68 17.81 33.64
N PRO D 292 32.48 17.05 32.88
CA PRO D 292 33.77 16.60 33.41
C PRO D 292 34.70 17.77 33.70
N GLU D 293 35.56 17.58 34.70
CA GLU D 293 36.48 18.64 35.14
C GLU D 293 37.47 19.02 34.05
N VAL D 294 37.73 18.13 33.09
CA VAL D 294 38.57 18.45 31.95
C VAL D 294 37.88 19.36 30.95
N VAL D 295 36.57 19.53 31.05
CA VAL D 295 35.79 20.32 30.09
C VAL D 295 35.58 21.75 30.58
N TYR D 296 35.06 21.91 31.80
CA TYR D 296 34.80 23.23 32.35
C TYR D 296 35.23 23.27 33.81
N SER D 297 35.93 24.33 34.19
CA SER D 297 36.32 24.57 35.57
C SER D 297 35.77 25.91 36.02
N GLY D 298 35.56 26.04 37.32
CA GLY D 298 35.03 27.27 37.88
C GLY D 298 33.54 27.20 38.13
N LEU D 299 32.93 28.38 38.15
CA LEU D 299 31.52 28.53 38.47
C LEU D 299 30.74 28.96 37.24
N TYR D 300 29.42 28.82 37.33
CA TYR D 300 28.59 29.34 36.26
C TYR D 300 28.21 30.79 36.56
N PRO D 301 28.19 31.64 35.55
CA PRO D 301 27.65 32.99 35.71
C PRO D 301 26.18 32.94 36.09
N PRO D 302 25.60 34.05 36.54
CA PRO D 302 24.16 34.08 36.77
C PRO D 302 23.40 33.77 35.49
N TYR D 303 22.53 32.76 35.55
CA TYR D 303 21.81 32.33 34.37
C TYR D 303 20.38 31.94 34.71
N ALA D 304 19.46 32.36 33.85
CA ALA D 304 18.05 32.01 34.01
C ALA D 304 17.85 30.55 33.61
N GLY D 305 17.65 29.69 34.60
CA GLY D 305 17.40 28.30 34.33
C GLY D 305 15.93 28.03 34.13
N GLY D 306 15.45 26.91 34.67
CA GLY D 306 14.06 26.56 34.47
C GLY D 306 13.78 26.24 33.01
N GLY D 307 12.57 26.58 32.59
CA GLY D 307 12.15 26.28 31.23
C GLY D 307 11.63 27.48 30.48
N GLY D 308 12.14 28.67 30.78
CA GLY D 308 11.74 29.86 30.07
C GLY D 308 12.29 31.16 30.63
N PHE D 309 12.51 32.14 29.76
CA PHE D 309 12.88 33.48 30.21
C PHE D 309 12.36 34.51 29.20
N LEU D 310 12.18 35.73 29.69
CA LEU D 310 11.58 36.83 28.94
C LEU D 310 12.57 37.97 28.83
N TYR D 311 12.77 38.50 27.62
CA TYR D 311 13.79 39.53 27.43
C TYR D 311 13.40 40.46 26.30
N SER D 312 14.14 41.57 26.22
CA SER D 312 13.87 42.61 25.24
C SER D 312 14.34 42.18 23.85
N GLY D 313 13.57 42.58 22.84
CA GLY D 313 14.06 42.41 21.47
C GLY D 313 15.30 43.23 21.21
N HIS D 314 15.39 44.41 21.82
CA HIS D 314 16.63 45.18 21.81
C HIS D 314 17.78 44.36 22.39
N LEU D 315 17.56 43.77 23.57
CA LEU D 315 18.57 42.91 24.17
C LEU D 315 18.82 41.67 23.32
N ALA D 316 17.82 41.23 22.56
CA ALA D 316 18.01 40.09 21.68
C ALA D 316 19.08 40.37 20.63
N LEU D 317 18.94 41.50 19.91
CA LEU D 317 19.91 41.84 18.88
C LEU D 317 21.31 41.96 19.45
N ARG D 318 21.43 42.57 20.63
CA ARG D 318 22.71 42.60 21.32
C ARG D 318 23.18 41.18 21.65
N LEU D 319 22.28 40.36 22.19
CA LEU D 319 22.67 39.01 22.59
C LEU D 319 23.22 38.24 21.41
N TYR D 320 22.64 38.40 20.23
CA TYR D 320 23.16 37.69 19.07
C TYR D 320 24.57 38.16 18.73
N HIS D 321 24.77 39.48 18.68
CA HIS D 321 26.07 40.02 18.29
C HIS D 321 27.19 39.50 19.18
N ILE D 322 26.90 39.32 20.47
CA ILE D 322 27.93 38.87 21.40
C ILE D 322 28.18 37.37 21.35
N THR D 323 27.29 36.59 20.69
CA THR D 323 27.49 35.14 20.67
C THR D 323 28.79 34.75 19.98
N ASP D 324 29.19 35.52 18.97
CA ASP D 324 30.45 35.24 18.29
C ASP D 324 31.62 35.23 19.26
N GLN D 325 31.50 35.96 20.36
CA GLN D 325 32.58 36.11 21.33
C GLN D 325 32.46 35.16 22.51
N VAL D 326 31.58 34.16 22.42
CA VAL D 326 31.45 33.13 23.44
C VAL D 326 31.38 31.78 22.74
N HIS D 327 32.28 30.88 23.08
CA HIS D 327 32.22 29.52 22.58
C HIS D 327 30.94 28.85 23.07
N LEU D 328 30.39 27.97 22.25
CA LEU D 328 29.19 27.24 22.64
C LEU D 328 29.47 26.38 23.87
N TYR D 329 28.42 26.10 24.63
CA TYR D 329 28.51 25.33 25.87
C TYR D 329 27.40 24.29 25.91
N PRO D 330 27.67 23.09 26.44
CA PRO D 330 26.67 22.01 26.35
C PRO D 330 25.36 22.30 27.06
N ILE D 331 25.30 23.32 27.90
CA ILE D 331 24.07 23.70 28.59
C ILE D 331 23.65 25.07 28.09
N ASP D 332 22.53 25.12 27.36
CA ASP D 332 22.13 26.34 26.67
C ASP D 332 21.72 27.44 27.64
N ASP D 333 21.14 27.08 28.79
CA ASP D 333 20.79 28.10 29.77
C ASP D 333 22.04 28.75 30.35
N VAL D 334 23.10 27.98 30.53
CA VAL D 334 24.37 28.53 30.99
C VAL D 334 24.98 29.43 29.92
N TYR D 335 24.89 29.02 28.66
CA TYR D 335 25.46 29.81 27.56
C TYR D 335 24.83 31.20 27.52
N THR D 336 23.50 31.27 27.62
CA THR D 336 22.82 32.56 27.60
C THR D 336 23.31 33.46 28.73
N GLY D 337 23.57 32.90 29.90
CA GLY D 337 24.11 33.69 30.98
C GLY D 337 25.55 34.12 30.71
N MET D 338 26.33 33.25 30.09
CA MET D 338 27.70 33.60 29.73
C MET D 338 27.74 34.79 28.79
N CYS D 339 26.72 34.93 27.94
CA CYS D 339 26.65 36.07 27.03
C CYS D 339 26.17 37.32 27.76
N LEU D 340 25.27 37.16 28.74
CA LEU D 340 24.85 38.30 29.55
C LEU D 340 26.02 38.83 30.39
N GLN D 341 26.94 37.94 30.78
CA GLN D 341 28.18 38.39 31.41
C GLN D 341 28.97 39.27 30.44
N LYS D 342 29.25 38.75 29.25
CA LYS D 342 30.01 39.50 28.25
C LYS D 342 29.39 40.85 27.94
N LEU D 343 28.07 40.99 28.10
CA LEU D 343 27.38 42.25 27.88
C LEU D 343 27.32 43.12 29.13
N GLY D 344 27.82 42.63 30.26
CA GLY D 344 27.79 43.40 31.49
C GLY D 344 26.47 43.38 32.21
N LEU D 345 25.57 42.46 31.88
CA LEU D 345 24.24 42.40 32.44
C LEU D 345 24.08 41.19 33.35
N VAL D 346 23.02 41.20 34.13
CA VAL D 346 22.74 40.11 35.06
C VAL D 346 21.26 39.71 34.94
N PRO D 347 20.94 38.45 34.67
CA PRO D 347 19.54 38.04 34.65
C PRO D 347 18.87 38.29 35.99
N GLU D 348 17.63 38.78 35.93
CA GLU D 348 16.90 39.24 37.11
C GLU D 348 15.91 38.17 37.54
N LYS D 349 16.01 37.76 38.81
CA LYS D 349 15.08 36.77 39.34
C LYS D 349 13.68 37.36 39.44
N HIS D 350 12.70 36.58 39.00
CA HIS D 350 11.29 36.96 39.10
C HIS D 350 10.53 35.77 39.67
N LYS D 351 9.76 36.02 40.73
CA LYS D 351 9.15 34.92 41.47
C LYS D 351 8.05 34.22 40.68
N GLY D 352 7.53 34.85 39.63
CA GLY D 352 6.52 34.23 38.81
C GLY D 352 7.04 33.10 37.92
N PHE D 353 8.36 33.02 37.76
CA PHE D 353 8.98 31.93 37.00
C PHE D 353 9.28 30.80 37.98
N ARG D 354 8.24 30.00 38.23
CA ARG D 354 8.31 28.95 39.24
C ARG D 354 8.49 27.60 38.56
N THR D 355 9.74 27.28 38.26
CA THR D 355 10.06 25.90 37.88
C THR D 355 9.78 24.95 39.04
N PHE D 356 9.91 25.45 40.26
CA PHE D 356 9.70 24.66 41.48
C PHE D 356 8.21 24.64 41.81
N ASP D 357 7.47 23.81 41.07
CA ASP D 357 6.06 23.53 41.32
C ASP D 357 5.55 22.49 40.35
N ILE D 358 5.25 21.28 40.83
CA ILE D 358 4.68 20.24 39.99
C ILE D 358 3.31 20.67 39.48
N LYS D 361 0.94 21.20 46.42
CA LYS D 361 0.23 21.05 45.16
C LYS D 361 -0.78 22.19 44.93
N ASN D 362 -1.93 22.09 45.61
CA ASN D 362 -3.07 23.01 45.48
C ASN D 362 -3.33 23.39 44.02
N LYS D 363 -3.09 22.45 43.11
CA LYS D 363 -3.12 22.76 41.68
C LYS D 363 -4.54 22.98 41.18
N ASN D 364 -5.47 22.08 41.56
CA ASN D 364 -6.85 22.16 41.10
C ASN D 364 -7.47 23.52 41.40
N ASN D 365 -6.95 24.25 42.38
CA ASN D 365 -7.35 25.64 42.59
C ASN D 365 -6.82 26.49 41.45
N ILE D 366 -7.72 26.94 40.57
CA ILE D 366 -7.34 27.70 39.38
C ILE D 366 -6.52 28.94 39.73
N CYS D 367 -6.74 29.49 40.93
CA CYS D 367 -6.08 30.74 41.31
C CYS D 367 -4.57 30.61 41.42
N SER D 368 -4.06 29.40 41.65
CA SER D 368 -2.62 29.21 41.73
C SER D 368 -1.90 29.53 40.41
N TYR D 369 -2.64 29.80 39.32
CA TYR D 369 -2.04 30.12 38.04
C TYR D 369 -2.26 31.57 37.64
N VAL D 370 -2.95 32.36 38.45
CA VAL D 370 -3.39 33.69 38.02
C VAL D 370 -2.25 34.70 38.08
N ASP D 371 -1.43 34.65 39.13
CA ASP D 371 -0.30 35.56 39.29
C ASP D 371 1.04 34.91 38.94
N LEU D 372 1.02 33.93 38.03
CA LEU D 372 2.23 33.23 37.59
C LEU D 372 2.67 33.71 36.21
N MET D 373 3.96 33.51 35.93
CA MET D 373 4.49 33.67 34.58
C MET D 373 4.55 32.33 33.85
N LEU D 374 5.27 31.36 34.39
CA LEU D 374 5.26 30.01 33.85
C LEU D 374 5.35 29.01 34.99
N VAL D 375 5.18 27.74 34.64
CA VAL D 375 5.33 26.65 35.60
C VAL D 375 5.71 25.39 34.82
N HIS D 376 6.72 24.70 35.31
CA HIS D 376 7.29 23.52 34.67
C HIS D 376 7.02 22.32 35.56
N SER D 377 6.44 21.27 34.99
CA SER D 377 6.04 21.13 33.60
C SER D 377 4.63 20.55 33.49
N ARG D 378 4.01 20.66 32.32
CA ARG D 378 2.64 20.24 32.13
C ARG D 378 2.50 19.48 30.81
N LYS D 379 1.51 18.59 30.78
CA LYS D 379 1.19 17.78 29.61
C LYS D 379 0.24 18.53 28.69
N PRO D 380 0.12 18.13 27.42
CA PRO D 380 -0.75 18.88 26.50
C PRO D 380 -2.18 19.01 27.00
N GLN D 381 -2.74 17.93 27.55
CA GLN D 381 -4.08 18.00 28.13
C GLN D 381 -4.14 19.02 29.26
N GLU D 382 -3.22 18.91 30.22
CA GLU D 382 -3.19 19.86 31.34
C GLU D 382 -3.09 21.29 30.85
N MET D 383 -2.33 21.52 29.78
CA MET D 383 -2.17 22.88 29.26
C MET D 383 -3.49 23.46 28.80
N ILE D 384 -4.26 22.69 28.02
CA ILE D 384 -5.54 23.18 27.53
C ILE D 384 -6.55 23.28 28.66
N ASP D 385 -6.50 22.36 29.61
CA ASP D 385 -7.39 22.42 30.77
C ASP D 385 -7.17 23.71 31.56
N ILE D 386 -5.93 23.97 31.97
CA ILE D 386 -5.63 25.18 32.74
C ILE D 386 -6.04 26.42 31.97
N TRP D 387 -5.67 26.48 30.68
CA TRP D 387 -5.97 27.67 29.87
C TRP D 387 -7.46 27.92 29.81
N SER D 388 -8.27 26.87 29.64
CA SER D 388 -9.71 27.04 29.62
C SER D 388 -10.21 27.59 30.95
N GLN D 389 -9.86 26.92 32.06
CA GLN D 389 -10.22 27.40 33.38
C GLN D 389 -9.74 28.84 33.60
N LEU D 390 -8.60 29.20 33.02
CA LEU D 390 -8.02 30.52 33.28
C LEU D 390 -8.83 31.63 32.62
N GLN D 391 -9.51 31.35 31.51
CA GLN D 391 -10.21 32.41 30.78
C GLN D 391 -11.36 33.02 31.57
N SER D 392 -11.77 32.42 32.69
CA SER D 392 -12.85 32.94 33.51
C SER D 392 -12.46 33.01 34.98
N ALA D 393 -11.17 33.04 35.28
CA ALA D 393 -10.70 33.02 36.67
C ALA D 393 -10.63 34.40 37.29
N HIS D 394 -10.87 35.46 36.52
CA HIS D 394 -10.91 36.79 37.09
C HIS D 394 -12.20 37.02 37.88
N LEU D 395 -13.31 36.46 37.39
CA LEU D 395 -14.56 36.52 38.14
C LEU D 395 -14.50 35.74 39.43
N LYS D 396 -13.61 34.75 39.53
CA LYS D 396 -13.47 33.95 40.74
C LYS D 396 -12.36 34.51 41.62
N CYS D 397 -11.12 34.25 41.26
CA CYS D 397 -9.97 34.73 42.02
C CYS D 397 -9.67 36.20 41.75
#